data_6VI3
# 
_entry.id   6VI3 
# 
_audit_conform.dict_name       mmcif_pdbx.dic 
_audit_conform.dict_version    5.387 
_audit_conform.dict_location   http://mmcif.pdb.org/dictionaries/ascii/mmcif_pdbx.dic 
# 
loop_
_database_2.database_id 
_database_2.database_code 
_database_2.pdbx_database_accession 
_database_2.pdbx_DOI 
PDB   6VI3         pdb_00006vi3 10.2210/pdb6vi3/pdb 
WWPDB D_1000246417 ?            ?                   
# 
loop_
_pdbx_audit_revision_history.ordinal 
_pdbx_audit_revision_history.data_content_type 
_pdbx_audit_revision_history.major_revision 
_pdbx_audit_revision_history.minor_revision 
_pdbx_audit_revision_history.revision_date 
1 'Structure model' 1 0 2020-04-15 
2 'Structure model' 1 1 2024-03-06 
# 
_pdbx_audit_revision_details.ordinal             1 
_pdbx_audit_revision_details.revision_ordinal    1 
_pdbx_audit_revision_details.data_content_type   'Structure model' 
_pdbx_audit_revision_details.provider            repository 
_pdbx_audit_revision_details.type                'Initial release' 
_pdbx_audit_revision_details.description         ? 
_pdbx_audit_revision_details.details             ? 
# 
loop_
_pdbx_audit_revision_group.ordinal 
_pdbx_audit_revision_group.revision_ordinal 
_pdbx_audit_revision_group.data_content_type 
_pdbx_audit_revision_group.group 
1 2 'Structure model' 'Data collection'      
2 2 'Structure model' 'Database references'  
3 2 'Structure model' 'Derived calculations' 
# 
loop_
_pdbx_audit_revision_category.ordinal 
_pdbx_audit_revision_category.revision_ordinal 
_pdbx_audit_revision_category.data_content_type 
_pdbx_audit_revision_category.category 
1 2 'Structure model' chem_comp_atom        
2 2 'Structure model' chem_comp_bond        
3 2 'Structure model' citation              
4 2 'Structure model' database_2            
5 2 'Structure model' pdbx_database_related 
6 2 'Structure model' struct_conn           
# 
loop_
_pdbx_audit_revision_item.ordinal 
_pdbx_audit_revision_item.revision_ordinal 
_pdbx_audit_revision_item.data_content_type 
_pdbx_audit_revision_item.item 
1 2 'Structure model' '_citation.country'                   
2 2 'Structure model' '_database_2.pdbx_DOI'                
3 2 'Structure model' '_database_2.pdbx_database_accession' 
4 2 'Structure model' '_pdbx_database_related.content_type' 
5 2 'Structure model' '_pdbx_database_related.db_id'        
6 2 'Structure model' '_pdbx_database_related.db_name'      
7 2 'Structure model' '_struct_conn.pdbx_dist_value'        
# 
_pdbx_database_status.status_code                     REL 
_pdbx_database_status.status_code_sf                  ? 
_pdbx_database_status.status_code_mr                  ? 
_pdbx_database_status.entry_id                        6VI3 
_pdbx_database_status.recvd_initial_deposition_date   2020-01-11 
_pdbx_database_status.SG_entry                        N 
_pdbx_database_status.deposit_site                    RCSB 
_pdbx_database_status.process_site                    RCSB 
_pdbx_database_status.status_code_cs                  ? 
_pdbx_database_status.status_code_nmr_data            ? 
_pdbx_database_status.methods_development_category    ? 
_pdbx_database_status.pdb_format_compatible           Y 
# 
loop_
_pdbx_database_related.db_name 
_pdbx_database_related.details 
_pdbx_database_related.db_id 
_pdbx_database_related.content_type 
EMDB . EMD-0260 'associated EM volume' 
PDB  . 6VI3     unspecified            
# 
loop_
_audit_author.name 
_audit_author.pdbx_ordinal 
_audit_author.identifier_ORCID 
'Arakhamia, T.'       1  ? 
'Lee, C.E.'           2  ? 
'Carlomagno, Y.'      3  ? 
'Duong, D.M.'         4  ? 
'Kundinger, S.R.'     5  ? 
'Wang, K.'            6  ? 
'Williams, D.'        7  ? 
'DeTure, M.'          8  ? 
'Dickson, D.W.'       9  ? 
'Cook, C.N.'          10 ? 
'Seyfried, N.T.'      11 ? 
'Petrucelli, L.'      12 ? 
'Fitzpatrick, A.W.P.' 13 ? 
# 
loop_
_citation.abstract 
_citation.abstract_id_CAS 
_citation.book_id_ISBN 
_citation.book_publisher 
_citation.book_publisher_city 
_citation.book_title 
_citation.coordinate_linkage 
_citation.country 
_citation.database_id_Medline 
_citation.details 
_citation.id 
_citation.journal_abbrev 
_citation.journal_id_ASTM 
_citation.journal_id_CSD 
_citation.journal_id_ISSN 
_citation.journal_full 
_citation.journal_issue 
_citation.journal_volume 
_citation.language 
_citation.page_first 
_citation.page_last 
_citation.title 
_citation.year 
_citation.database_id_CSD 
_citation.pdbx_database_id_DOI 
_citation.pdbx_database_id_PubMed 
_citation.unpublished_flag 
? ? ? ? ? ? ? ?  ? ? primary         Cell                ? ? 1097-4172 ? ? 180 ? 633 644.e12 
'Posttranslational Modifications Mediate the Structural Diversity of Tauopathy Strains'               2020 ? 
10.1016/j.cell.2020.01.027 32032505 ? 
? ? ? ? ? ? ? DE ? ? original_data_1 'Acta Neuropathol.' ? ? 1432-0533 ? ? 136 ? 699 708     
;Tau filaments from multiple cases of sporadic and inherited Alzheimer's disease adopt a common fold
;
2018 ? 10.1007/s00401-018-1914-z  30276465 ? 
# 
loop_
_citation_author.citation_id 
_citation_author.name 
_citation_author.ordinal 
_citation_author.identifier_ORCID 
primary         'Arakhamia, T.'       1  ?                   
primary         'Lee, C.E.'           2  ?                   
primary         'Carlomagno, Y.'      3  ?                   
primary         'Duong, D.M.'         4  ?                   
primary         'Kundinger, S.R.'     5  ?                   
primary         'Wang, K.'            6  ?                   
primary         'Williams, D.'        7  ?                   
primary         'DeTure, M.'          8  ?                   
primary         'Dickson, D.W.'       9  ?                   
primary         'Cook, C.N.'          10 ?                   
primary         'Seyfried, N.T.'      11 ?                   
primary         'Petrucelli, L.'      12 ?                   
primary         'Fitzpatrick, A.W.P.' 13 ?                   
original_data_1 'Falcon, B.'          14 0000-0002-8176-2618 
original_data_1 'Zhang, W.'           15 ?                   
original_data_1 'Schweighauser, M.'   16 0000-0002-1848-1610 
original_data_1 'Murzin, A.G.'        17 ?                   
original_data_1 'Vidal, R.'           18 0000-0002-5803-3871 
original_data_1 'Garringer, H.J.'     19 ?                   
original_data_1 'Ghetti, B.'          20 0000-0002-1842-8019 
original_data_1 'Scheres, S.H.W.'     21 0000-0002-0462-6540 
original_data_1 'Goedert, M.'         22 0000-0002-5214-7886 
# 
loop_
_entity.id 
_entity.type 
_entity.src_method 
_entity.pdbx_description 
_entity.formula_weight 
_entity.pdbx_number_of_molecules 
_entity.pdbx_ec 
_entity.pdbx_mutation 
_entity.pdbx_fragment 
_entity.details 
1 polymer     man 'Microtubule-associated protein tau' 8370.578 2 ? ? ? ? 
2 non-polymer syn GLYCINE                              75.067   2 ? ? ? ? 
# 
_entity_name_com.entity_id   1 
_entity_name_com.name        'Neurofibrillary tangle protein,Paired helical filament-tau,PHF-tau' 
# 
_entity_poly.entity_id                      1 
_entity_poly.type                           'polypeptide(L)' 
_entity_poly.nstd_linkage                   no 
_entity_poly.nstd_monomer                   no 
_entity_poly.pdbx_seq_one_letter_code       GSVQIVYKPVDLSKVTSKCGSLGNIHHKPGGGQVEVKSEKLDFKDRVQSKIGSLDNITHVPGGGNKKIETHKLTFRE 
_entity_poly.pdbx_seq_one_letter_code_can   GSVQIVYKPVDLSKVTSKCGSLGNIHHKPGGGQVEVKSEKLDFKDRVQSKIGSLDNITHVPGGGNKKIETHKLTFRE 
_entity_poly.pdbx_strand_id                 E,F 
_entity_poly.pdbx_target_identifier         ? 
# 
_pdbx_entity_nonpoly.entity_id   2 
_pdbx_entity_nonpoly.name        GLYCINE 
_pdbx_entity_nonpoly.comp_id     GLY 
# 
loop_
_entity_poly_seq.entity_id 
_entity_poly_seq.num 
_entity_poly_seq.mon_id 
_entity_poly_seq.hetero 
1 1  GLY n 
1 2  SER n 
1 3  VAL n 
1 4  GLN n 
1 5  ILE n 
1 6  VAL n 
1 7  TYR n 
1 8  LYS n 
1 9  PRO n 
1 10 VAL n 
1 11 ASP n 
1 12 LEU n 
1 13 SER n 
1 14 LYS n 
1 15 VAL n 
1 16 THR n 
1 17 SER n 
1 18 LYS n 
1 19 CYS n 
1 20 GLY n 
1 21 SER n 
1 22 LEU n 
1 23 GLY n 
1 24 ASN n 
1 25 ILE n 
1 26 HIS n 
1 27 HIS n 
1 28 LYS n 
1 29 PRO n 
1 30 GLY n 
1 31 GLY n 
1 32 GLY n 
1 33 GLN n 
1 34 VAL n 
1 35 GLU n 
1 36 VAL n 
1 37 LYS n 
1 38 SER n 
1 39 GLU n 
1 40 LYS n 
1 41 LEU n 
1 42 ASP n 
1 43 PHE n 
1 44 LYS n 
1 45 ASP n 
1 46 ARG n 
1 47 VAL n 
1 48 GLN n 
1 49 SER n 
1 50 LYS n 
1 51 ILE n 
1 52 GLY n 
1 53 SER n 
1 54 LEU n 
1 55 ASP n 
1 56 ASN n 
1 57 ILE n 
1 58 THR n 
1 59 HIS n 
1 60 VAL n 
1 61 PRO n 
1 62 GLY n 
1 63 GLY n 
1 64 GLY n 
1 65 ASN n 
1 66 LYS n 
1 67 LYS n 
1 68 ILE n 
1 69 GLU n 
1 70 THR n 
1 71 HIS n 
1 72 LYS n 
1 73 LEU n 
1 74 THR n 
1 75 PHE n 
1 76 ARG n 
1 77 GLU n 
# 
_entity_src_gen.entity_id                          1 
_entity_src_gen.pdbx_src_id                        1 
_entity_src_gen.pdbx_alt_source_flag               sample 
_entity_src_gen.pdbx_seq_type                      'Biological sequence' 
_entity_src_gen.pdbx_beg_seq_num                   1 
_entity_src_gen.pdbx_end_seq_num                   77 
_entity_src_gen.gene_src_common_name               Human 
_entity_src_gen.gene_src_genus                     ? 
_entity_src_gen.pdbx_gene_src_gene                 'MAPT, MAPTL, MTBT1, TAU' 
_entity_src_gen.gene_src_species                   ? 
_entity_src_gen.gene_src_strain                    ? 
_entity_src_gen.gene_src_tissue                    ? 
_entity_src_gen.gene_src_tissue_fraction           ? 
_entity_src_gen.gene_src_details                   ? 
_entity_src_gen.pdbx_gene_src_fragment             ? 
_entity_src_gen.pdbx_gene_src_scientific_name      'Homo sapiens' 
_entity_src_gen.pdbx_gene_src_ncbi_taxonomy_id     9606 
_entity_src_gen.pdbx_gene_src_variant              ? 
_entity_src_gen.pdbx_gene_src_cell_line            ? 
_entity_src_gen.pdbx_gene_src_atcc                 ? 
_entity_src_gen.pdbx_gene_src_organ                ? 
_entity_src_gen.pdbx_gene_src_organelle            ? 
_entity_src_gen.pdbx_gene_src_cell                 ? 
_entity_src_gen.pdbx_gene_src_cellular_location    ? 
_entity_src_gen.host_org_common_name               ? 
_entity_src_gen.pdbx_host_org_scientific_name      'Homo sapiens' 
_entity_src_gen.pdbx_host_org_ncbi_taxonomy_id     9606 
_entity_src_gen.host_org_genus                     ? 
_entity_src_gen.pdbx_host_org_gene                 ? 
_entity_src_gen.pdbx_host_org_organ                ? 
_entity_src_gen.host_org_species                   ? 
_entity_src_gen.pdbx_host_org_tissue               ? 
_entity_src_gen.pdbx_host_org_tissue_fraction      ? 
_entity_src_gen.pdbx_host_org_strain               ? 
_entity_src_gen.pdbx_host_org_variant              ? 
_entity_src_gen.pdbx_host_org_cell_line            ? 
_entity_src_gen.pdbx_host_org_atcc                 ? 
_entity_src_gen.pdbx_host_org_culture_collection   ? 
_entity_src_gen.pdbx_host_org_cell                 ? 
_entity_src_gen.pdbx_host_org_organelle            ? 
_entity_src_gen.pdbx_host_org_cellular_location    ? 
_entity_src_gen.pdbx_host_org_vector_type          ? 
_entity_src_gen.pdbx_host_org_vector               ? 
_entity_src_gen.host_org_details                   ? 
_entity_src_gen.expression_system_id               ? 
_entity_src_gen.plasmid_name                       ? 
_entity_src_gen.plasmid_details                    ? 
_entity_src_gen.pdbx_description                   ? 
# 
loop_
_chem_comp.id 
_chem_comp.type 
_chem_comp.mon_nstd_flag 
_chem_comp.name 
_chem_comp.pdbx_synonyms 
_chem_comp.formula 
_chem_comp.formula_weight 
ARG 'L-peptide linking' y ARGININE        ? 'C6 H15 N4 O2 1' 175.209 
ASN 'L-peptide linking' y ASPARAGINE      ? 'C4 H8 N2 O3'    132.118 
ASP 'L-peptide linking' y 'ASPARTIC ACID' ? 'C4 H7 N O4'     133.103 
CYS 'L-peptide linking' y CYSTEINE        ? 'C3 H7 N O2 S'   121.158 
GLN 'L-peptide linking' y GLUTAMINE       ? 'C5 H10 N2 O3'   146.144 
GLU 'L-peptide linking' y 'GLUTAMIC ACID' ? 'C5 H9 N O4'     147.129 
GLY 'peptide linking'   y GLYCINE         ? 'C2 H5 N O2'     75.067  
HIS 'L-peptide linking' y HISTIDINE       ? 'C6 H10 N3 O2 1' 156.162 
ILE 'L-peptide linking' y ISOLEUCINE      ? 'C6 H13 N O2'    131.173 
LEU 'L-peptide linking' y LEUCINE         ? 'C6 H13 N O2'    131.173 
LYS 'L-peptide linking' y LYSINE          ? 'C6 H15 N2 O2 1' 147.195 
PHE 'L-peptide linking' y PHENYLALANINE   ? 'C9 H11 N O2'    165.189 
PRO 'L-peptide linking' y PROLINE         ? 'C5 H9 N O2'     115.130 
SER 'L-peptide linking' y SERINE          ? 'C3 H7 N O3'     105.093 
THR 'L-peptide linking' y THREONINE       ? 'C4 H9 N O3'     119.119 
TYR 'L-peptide linking' y TYROSINE        ? 'C9 H11 N O3'    181.189 
VAL 'L-peptide linking' y VALINE          ? 'C5 H11 N O2'    117.146 
# 
loop_
_pdbx_poly_seq_scheme.asym_id 
_pdbx_poly_seq_scheme.entity_id 
_pdbx_poly_seq_scheme.seq_id 
_pdbx_poly_seq_scheme.mon_id 
_pdbx_poly_seq_scheme.ndb_seq_num 
_pdbx_poly_seq_scheme.pdb_seq_num 
_pdbx_poly_seq_scheme.auth_seq_num 
_pdbx_poly_seq_scheme.pdb_mon_id 
_pdbx_poly_seq_scheme.auth_mon_id 
_pdbx_poly_seq_scheme.pdb_strand_id 
_pdbx_poly_seq_scheme.pdb_ins_code 
_pdbx_poly_seq_scheme.hetero 
A 1 1  GLY 1  304 304 GLY GLY E . n 
A 1 2  SER 2  305 305 SER SER E . n 
A 1 3  VAL 3  306 306 VAL VAL E . n 
A 1 4  GLN 4  307 307 GLN GLN E . n 
A 1 5  ILE 5  308 308 ILE ILE E . n 
A 1 6  VAL 6  309 309 VAL VAL E . n 
A 1 7  TYR 7  310 310 TYR TYR E . n 
A 1 8  LYS 8  311 311 LYS LYS E . n 
A 1 9  PRO 9  312 312 PRO PRO E . n 
A 1 10 VAL 10 313 313 VAL VAL E . n 
A 1 11 ASP 11 314 314 ASP ASP E . n 
A 1 12 LEU 12 315 315 LEU LEU E . n 
A 1 13 SER 13 316 316 SER SER E . n 
A 1 14 LYS 14 317 317 LYS LYS E . n 
A 1 15 VAL 15 318 318 VAL VAL E . n 
A 1 16 THR 16 319 319 THR THR E . n 
A 1 17 SER 17 320 320 SER SER E . n 
A 1 18 LYS 18 321 321 LYS LYS E . n 
A 1 19 CYS 19 322 322 CYS CYS E . n 
A 1 20 GLY 20 323 323 GLY GLY E . n 
A 1 21 SER 21 324 324 SER SER E . n 
A 1 22 LEU 22 325 325 LEU LEU E . n 
A 1 23 GLY 23 326 326 GLY GLY E . n 
A 1 24 ASN 24 327 327 ASN ASN E . n 
A 1 25 ILE 25 328 328 ILE ILE E . n 
A 1 26 HIS 26 329 329 HIS HIS E . n 
A 1 27 HIS 27 330 330 HIS HIS E . n 
A 1 28 LYS 28 331 331 LYS LYS E . n 
A 1 29 PRO 29 332 332 PRO PRO E . n 
A 1 30 GLY 30 333 333 GLY GLY E . n 
A 1 31 GLY 31 334 334 GLY GLY E . n 
A 1 32 GLY 32 335 335 GLY GLY E . n 
A 1 33 GLN 33 336 336 GLN GLN E . n 
A 1 34 VAL 34 337 337 VAL VAL E . n 
A 1 35 GLU 35 338 338 GLU GLU E . n 
A 1 36 VAL 36 339 339 VAL VAL E . n 
A 1 37 LYS 37 340 340 LYS LYS E . n 
A 1 38 SER 38 341 341 SER SER E . n 
A 1 39 GLU 39 342 342 GLU GLU E . n 
A 1 40 LYS 40 343 343 LYS LYS E . n 
A 1 41 LEU 41 344 344 LEU LEU E . n 
A 1 42 ASP 42 345 345 ASP ASP E . n 
A 1 43 PHE 43 346 346 PHE PHE E . n 
A 1 44 LYS 44 347 347 LYS LYS E . n 
A 1 45 ASP 45 348 348 ASP ASP E . n 
A 1 46 ARG 46 349 349 ARG ARG E . n 
A 1 47 VAL 47 350 350 VAL VAL E . n 
A 1 48 GLN 48 351 351 GLN GLN E . n 
A 1 49 SER 49 352 352 SER SER E . n 
A 1 50 LYS 50 353 353 LYS LYS E . n 
A 1 51 ILE 51 354 354 ILE ILE E . n 
A 1 52 GLY 52 355 355 GLY GLY E . n 
A 1 53 SER 53 356 356 SER SER E . n 
A 1 54 LEU 54 357 357 LEU LEU E . n 
A 1 55 ASP 55 358 358 ASP ASP E . n 
A 1 56 ASN 56 359 359 ASN ASN E . n 
A 1 57 ILE 57 360 360 ILE ILE E . n 
A 1 58 THR 58 361 361 THR THR E . n 
A 1 59 HIS 59 362 362 HIS HIS E . n 
A 1 60 VAL 60 363 363 VAL VAL E . n 
A 1 61 PRO 61 364 364 PRO PRO E . n 
A 1 62 GLY 62 365 365 GLY GLY E . n 
A 1 63 GLY 63 366 366 GLY GLY E . n 
A 1 64 GLY 64 367 367 GLY GLY E . n 
A 1 65 ASN 65 368 368 ASN ASN E . n 
A 1 66 LYS 66 369 369 LYS LYS E . n 
A 1 67 LYS 67 370 370 LYS LYS E . n 
A 1 68 ILE 68 371 371 ILE ILE E . n 
A 1 69 GLU 69 372 372 GLU GLU E . n 
A 1 70 THR 70 373 373 THR THR E . n 
A 1 71 HIS 71 374 374 HIS HIS E . n 
A 1 72 LYS 72 375 375 LYS LYS E . n 
A 1 73 LEU 73 376 376 LEU LEU E . n 
A 1 74 THR 74 377 377 THR THR E . n 
A 1 75 PHE 75 378 378 PHE PHE E . n 
A 1 76 ARG 76 379 379 ARG ARG E . n 
A 1 77 GLU 77 380 380 GLU GLU E . n 
B 1 1  GLY 1  304 304 GLY GLY F . n 
B 1 2  SER 2  305 305 SER SER F . n 
B 1 3  VAL 3  306 306 VAL VAL F . n 
B 1 4  GLN 4  307 307 GLN GLN F . n 
B 1 5  ILE 5  308 308 ILE ILE F . n 
B 1 6  VAL 6  309 309 VAL VAL F . n 
B 1 7  TYR 7  310 310 TYR TYR F . n 
B 1 8  LYS 8  311 311 LYS LYS F . n 
B 1 9  PRO 9  312 312 PRO PRO F . n 
B 1 10 VAL 10 313 313 VAL VAL F . n 
B 1 11 ASP 11 314 314 ASP ASP F . n 
B 1 12 LEU 12 315 315 LEU LEU F . n 
B 1 13 SER 13 316 316 SER SER F . n 
B 1 14 LYS 14 317 317 LYS LYS F . n 
B 1 15 VAL 15 318 318 VAL VAL F . n 
B 1 16 THR 16 319 319 THR THR F . n 
B 1 17 SER 17 320 320 SER SER F . n 
B 1 18 LYS 18 321 321 LYS LYS F . n 
B 1 19 CYS 19 322 322 CYS CYS F . n 
B 1 20 GLY 20 323 323 GLY GLY F . n 
B 1 21 SER 21 324 324 SER SER F . n 
B 1 22 LEU 22 325 325 LEU LEU F . n 
B 1 23 GLY 23 326 326 GLY GLY F . n 
B 1 24 ASN 24 327 327 ASN ASN F . n 
B 1 25 ILE 25 328 328 ILE ILE F . n 
B 1 26 HIS 26 329 329 HIS HIS F . n 
B 1 27 HIS 27 330 330 HIS HIS F . n 
B 1 28 LYS 28 331 331 LYS LYS F . n 
B 1 29 PRO 29 332 332 PRO PRO F . n 
B 1 30 GLY 30 333 333 GLY GLY F . n 
B 1 31 GLY 31 334 334 GLY GLY F . n 
B 1 32 GLY 32 335 335 GLY GLY F . n 
B 1 33 GLN 33 336 336 GLN GLN F . n 
B 1 34 VAL 34 337 337 VAL VAL F . n 
B 1 35 GLU 35 338 338 GLU GLU F . n 
B 1 36 VAL 36 339 339 VAL VAL F . n 
B 1 37 LYS 37 340 340 LYS LYS F . n 
B 1 38 SER 38 341 341 SER SER F . n 
B 1 39 GLU 39 342 342 GLU GLU F . n 
B 1 40 LYS 40 343 343 LYS LYS F . n 
B 1 41 LEU 41 344 344 LEU LEU F . n 
B 1 42 ASP 42 345 345 ASP ASP F . n 
B 1 43 PHE 43 346 346 PHE PHE F . n 
B 1 44 LYS 44 347 347 LYS LYS F . n 
B 1 45 ASP 45 348 348 ASP ASP F . n 
B 1 46 ARG 46 349 349 ARG ARG F . n 
B 1 47 VAL 47 350 350 VAL VAL F . n 
B 1 48 GLN 48 351 351 GLN GLN F . n 
B 1 49 SER 49 352 352 SER SER F . n 
B 1 50 LYS 50 353 353 LYS LYS F . n 
B 1 51 ILE 51 354 354 ILE ILE F . n 
B 1 52 GLY 52 355 355 GLY GLY F . n 
B 1 53 SER 53 356 356 SER SER F . n 
B 1 54 LEU 54 357 357 LEU LEU F . n 
B 1 55 ASP 55 358 358 ASP ASP F . n 
B 1 56 ASN 56 359 359 ASN ASN F . n 
B 1 57 ILE 57 360 360 ILE ILE F . n 
B 1 58 THR 58 361 361 THR THR F . n 
B 1 59 HIS 59 362 362 HIS HIS F . n 
B 1 60 VAL 60 363 363 VAL VAL F . n 
B 1 61 PRO 61 364 364 PRO PRO F . n 
B 1 62 GLY 62 365 365 GLY GLY F . n 
B 1 63 GLY 63 366 366 GLY GLY F . n 
B 1 64 GLY 64 367 367 GLY GLY F . n 
B 1 65 ASN 65 368 368 ASN ASN F . n 
B 1 66 LYS 66 369 369 LYS LYS F . n 
B 1 67 LYS 67 370 370 LYS LYS F . n 
B 1 68 ILE 68 371 371 ILE ILE F . n 
B 1 69 GLU 69 372 372 GLU GLU F . n 
B 1 70 THR 70 373 373 THR THR F . n 
B 1 71 HIS 71 374 374 HIS HIS F . n 
B 1 72 LYS 72 375 375 LYS LYS F . n 
B 1 73 LEU 73 376 376 LEU LEU F . n 
B 1 74 THR 74 377 377 THR THR F . n 
B 1 75 PHE 75 378 378 PHE PHE F . n 
B 1 76 ARG 76 379 379 ARG ARG F . n 
B 1 77 GLU 77 380 380 GLU GLU F . n 
# 
loop_
_pdbx_nonpoly_scheme.asym_id 
_pdbx_nonpoly_scheme.entity_id 
_pdbx_nonpoly_scheme.mon_id 
_pdbx_nonpoly_scheme.ndb_seq_num 
_pdbx_nonpoly_scheme.pdb_seq_num 
_pdbx_nonpoly_scheme.auth_seq_num 
_pdbx_nonpoly_scheme.pdb_mon_id 
_pdbx_nonpoly_scheme.auth_mon_id 
_pdbx_nonpoly_scheme.pdb_strand_id 
_pdbx_nonpoly_scheme.pdb_ins_code 
C 2 GLY 1 401 401 GLY GLY E . 
D 2 GLY 1 401 402 GLY GLY F . 
# 
_pdbx_unobs_or_zero_occ_atoms.id               1 
_pdbx_unobs_or_zero_occ_atoms.PDB_model_num    1 
_pdbx_unobs_or_zero_occ_atoms.polymer_flag     N 
_pdbx_unobs_or_zero_occ_atoms.occupancy_flag   1 
_pdbx_unobs_or_zero_occ_atoms.auth_asym_id     F 
_pdbx_unobs_or_zero_occ_atoms.auth_comp_id     GLY 
_pdbx_unobs_or_zero_occ_atoms.auth_seq_id      401 
_pdbx_unobs_or_zero_occ_atoms.PDB_ins_code     ? 
_pdbx_unobs_or_zero_occ_atoms.auth_atom_id     OXT 
_pdbx_unobs_or_zero_occ_atoms.label_alt_id     ? 
_pdbx_unobs_or_zero_occ_atoms.label_asym_id    D 
_pdbx_unobs_or_zero_occ_atoms.label_comp_id    GLY 
_pdbx_unobs_or_zero_occ_atoms.label_seq_id     1 
_pdbx_unobs_or_zero_occ_atoms.label_atom_id    OXT 
# 
_cell.angle_alpha                  90.00 
_cell.angle_alpha_esd              ? 
_cell.angle_beta                   90.00 
_cell.angle_beta_esd               ? 
_cell.angle_gamma                  90.00 
_cell.angle_gamma_esd              ? 
_cell.entry_id                     6VI3 
_cell.details                      ? 
_cell.formula_units_Z              ? 
_cell.length_a                     1.00 
_cell.length_a_esd                 ? 
_cell.length_b                     1.00 
_cell.length_b_esd                 ? 
_cell.length_c                     1.00 
_cell.length_c_esd                 ? 
_cell.volume                       ? 
_cell.volume_esd                   ? 
_cell.Z_PDB                        ? 
_cell.reciprocal_angle_alpha       ? 
_cell.reciprocal_angle_beta        ? 
_cell.reciprocal_angle_gamma       ? 
_cell.reciprocal_angle_alpha_esd   ? 
_cell.reciprocal_angle_beta_esd    ? 
_cell.reciprocal_angle_gamma_esd   ? 
_cell.reciprocal_length_a          ? 
_cell.reciprocal_length_b          ? 
_cell.reciprocal_length_c          ? 
_cell.reciprocal_length_a_esd      ? 
_cell.reciprocal_length_b_esd      ? 
_cell.reciprocal_length_c_esd      ? 
_cell.pdbx_unique_axis             ? 
# 
_symmetry.entry_id                         6VI3 
_symmetry.cell_setting                     ? 
_symmetry.Int_Tables_number                1 
_symmetry.space_group_name_Hall            ? 
_symmetry.space_group_name_H-M             'P 1' 
_symmetry.pdbx_full_space_group_name_H-M   ? 
# 
_exptl.absorpt_coefficient_mu     ? 
_exptl.absorpt_correction_T_max   ? 
_exptl.absorpt_correction_T_min   ? 
_exptl.absorpt_correction_type    ? 
_exptl.absorpt_process_details    ? 
_exptl.entry_id                   6VI3 
_exptl.crystals_number            ? 
_exptl.details                    ? 
_exptl.method                     'ELECTRON MICROSCOPY' 
_exptl.method_details             ? 
# 
_struct.entry_id                     6VI3 
_struct.title                        
;Straight Filament from Alzheimer's Disease Human Brain Tissue
;
_struct.pdbx_model_details           ? 
_struct.pdbx_formula_weight          ? 
_struct.pdbx_formula_weight_method   ? 
_struct.pdbx_model_type_details      ? 
_struct.pdbx_CASP_flag               N 
# 
_struct_keywords.entry_id        6VI3 
_struct_keywords.text            'Pathological amyloid fibril cross-beta fold parallel beta-sheets, PROTEIN FIBRIL' 
_struct_keywords.pdbx_keywords   'PROTEIN FIBRIL' 
# 
loop_
_struct_asym.id 
_struct_asym.pdbx_blank_PDB_chainid_flag 
_struct_asym.pdbx_modified 
_struct_asym.entity_id 
_struct_asym.details 
A N N 1 ? 
B N N 1 ? 
C N N 2 ? 
D N N 2 ? 
# 
_struct_ref.id                         1 
_struct_ref.db_name                    UNP 
_struct_ref.db_code                    TAU_HUMAN 
_struct_ref.pdbx_db_accession          P10636 
_struct_ref.pdbx_db_isoform            P10636-7 
_struct_ref.entity_id                  1 
_struct_ref.pdbx_seq_one_letter_code   GSVQIVYKPVDLSKVTSKCGSLGNIHHKPGGGQVEVKSEKLDFKDRVQSKIGSLDNITHVPGGGNKKIETHKLTFRE 
_struct_ref.pdbx_align_begin           275 
# 
loop_
_struct_ref_seq.align_id 
_struct_ref_seq.ref_id 
_struct_ref_seq.pdbx_PDB_id_code 
_struct_ref_seq.pdbx_strand_id 
_struct_ref_seq.seq_align_beg 
_struct_ref_seq.pdbx_seq_align_beg_ins_code 
_struct_ref_seq.seq_align_end 
_struct_ref_seq.pdbx_seq_align_end_ins_code 
_struct_ref_seq.pdbx_db_accession 
_struct_ref_seq.db_align_beg 
_struct_ref_seq.pdbx_db_align_beg_ins_code 
_struct_ref_seq.db_align_end 
_struct_ref_seq.pdbx_db_align_end_ins_code 
_struct_ref_seq.pdbx_auth_seq_align_beg 
_struct_ref_seq.pdbx_auth_seq_align_end 
1 1 6VI3 E 1 ? 77 ? P10636 275 ? 351 ? 304 380 
2 1 6VI3 F 1 ? 77 ? P10636 275 ? 351 ? 304 380 
# 
_pdbx_struct_assembly.id                   1 
_pdbx_struct_assembly.details              author_defined_assembly 
_pdbx_struct_assembly.method_details       ? 
_pdbx_struct_assembly.oligomeric_details   dimeric 
_pdbx_struct_assembly.oligomeric_count     2 
# 
_pdbx_struct_assembly_gen.assembly_id       1 
_pdbx_struct_assembly_gen.oper_expression   1 
_pdbx_struct_assembly_gen.asym_id_list      A,B,C,D 
# 
_pdbx_struct_assembly_auth_evidence.id                     1 
_pdbx_struct_assembly_auth_evidence.assembly_id            1 
_pdbx_struct_assembly_auth_evidence.experimental_support   'mass spectrometry' 
_pdbx_struct_assembly_auth_evidence.details                ? 
# 
_pdbx_struct_oper_list.id                   1 
_pdbx_struct_oper_list.type                 'identity operation' 
_pdbx_struct_oper_list.name                 1_555 
_pdbx_struct_oper_list.symmetry_operation   ? 
_pdbx_struct_oper_list.matrix[1][1]         1.0000000000 
_pdbx_struct_oper_list.matrix[1][2]         0.0000000000 
_pdbx_struct_oper_list.matrix[1][3]         0.0000000000 
_pdbx_struct_oper_list.vector[1]            0.0000000000 
_pdbx_struct_oper_list.matrix[2][1]         0.0000000000 
_pdbx_struct_oper_list.matrix[2][2]         1.0000000000 
_pdbx_struct_oper_list.matrix[2][3]         0.0000000000 
_pdbx_struct_oper_list.vector[2]            0.0000000000 
_pdbx_struct_oper_list.matrix[3][1]         0.0000000000 
_pdbx_struct_oper_list.matrix[3][2]         0.0000000000 
_pdbx_struct_oper_list.matrix[3][3]         1.0000000000 
_pdbx_struct_oper_list.vector[3]            0.0000000000 
# 
_struct_conn.id                            covale1 
_struct_conn.conn_type_id                  covale 
_struct_conn.pdbx_leaving_atom_flag        both 
_struct_conn.pdbx_PDB_id                   ? 
_struct_conn.ptnr1_label_asym_id           C 
_struct_conn.ptnr1_label_comp_id           GLY 
_struct_conn.ptnr1_label_seq_id            . 
_struct_conn.ptnr1_label_atom_id           C 
_struct_conn.pdbx_ptnr1_label_alt_id       ? 
_struct_conn.pdbx_ptnr1_PDB_ins_code       ? 
_struct_conn.pdbx_ptnr1_standard_comp_id   ? 
_struct_conn.ptnr1_symmetry                1_555 
_struct_conn.ptnr2_label_asym_id           D 
_struct_conn.ptnr2_label_comp_id           GLY 
_struct_conn.ptnr2_label_seq_id            . 
_struct_conn.ptnr2_label_atom_id           N 
_struct_conn.pdbx_ptnr2_label_alt_id       ? 
_struct_conn.pdbx_ptnr2_PDB_ins_code       ? 
_struct_conn.ptnr1_auth_asym_id            E 
_struct_conn.ptnr1_auth_comp_id            GLY 
_struct_conn.ptnr1_auth_seq_id             401 
_struct_conn.ptnr2_auth_asym_id            F 
_struct_conn.ptnr2_auth_comp_id            GLY 
_struct_conn.ptnr2_auth_seq_id             401 
_struct_conn.ptnr2_symmetry                1_555 
_struct_conn.pdbx_ptnr3_label_atom_id      ? 
_struct_conn.pdbx_ptnr3_label_seq_id       ? 
_struct_conn.pdbx_ptnr3_label_comp_id      ? 
_struct_conn.pdbx_ptnr3_label_asym_id      ? 
_struct_conn.pdbx_ptnr3_label_alt_id       ? 
_struct_conn.pdbx_ptnr3_PDB_ins_code       ? 
_struct_conn.details                       ? 
_struct_conn.pdbx_dist_value               1.328 
_struct_conn.pdbx_value_order              sing 
_struct_conn.pdbx_role                     ? 
# 
_struct_conn_type.id          covale 
_struct_conn_type.criteria    ? 
_struct_conn_type.reference   ? 
# 
loop_
_struct_site.id 
_struct_site.pdbx_evidence_code 
_struct_site.pdbx_auth_asym_id 
_struct_site.pdbx_auth_comp_id 
_struct_site.pdbx_auth_seq_id 
_struct_site.pdbx_auth_ins_code 
_struct_site.pdbx_num_residues 
_struct_site.details 
AC1 Software E GLY 401 ? 2 'binding site for residue GLY E 401' 
AC2 Software F GLY 401 ? 3 'binding site for residue GLY F 401' 
# 
loop_
_struct_site_gen.id 
_struct_site_gen.site_id 
_struct_site_gen.pdbx_num_res 
_struct_site_gen.label_comp_id 
_struct_site_gen.label_asym_id 
_struct_site_gen.label_seq_id 
_struct_site_gen.pdbx_auth_ins_code 
_struct_site_gen.auth_comp_id 
_struct_site_gen.auth_asym_id 
_struct_site_gen.auth_seq_id 
_struct_site_gen.label_atom_id 
_struct_site_gen.label_alt_id 
_struct_site_gen.symmetry 
_struct_site_gen.details 
1 AC1 2 LYS A 14 ? LYS E 317 . ? 1_555 ? 
2 AC1 2 GLY D .  ? GLY F 401 . ? 1_555 ? 
3 AC2 3 LYS A 14 ? LYS E 317 . ? 1_555 ? 
4 AC2 3 GLY C .  ? GLY E 401 . ? 1_555 ? 
5 AC2 3 LYS B 14 ? LYS F 317 . ? 1_555 ? 
# 
_pdbx_validate_close_contact.id               1 
_pdbx_validate_close_contact.PDB_model_num    1 
_pdbx_validate_close_contact.auth_atom_id_1   NZ 
_pdbx_validate_close_contact.auth_asym_id_1   F 
_pdbx_validate_close_contact.auth_comp_id_1   LYS 
_pdbx_validate_close_contact.auth_seq_id_1    317 
_pdbx_validate_close_contact.PDB_ins_code_1   ? 
_pdbx_validate_close_contact.label_alt_id_1   ? 
_pdbx_validate_close_contact.auth_atom_id_2   O 
_pdbx_validate_close_contact.auth_asym_id_2   F 
_pdbx_validate_close_contact.auth_comp_id_2   GLY 
_pdbx_validate_close_contact.auth_seq_id_2    401 
_pdbx_validate_close_contact.PDB_ins_code_2   ? 
_pdbx_validate_close_contact.label_alt_id_2   ? 
_pdbx_validate_close_contact.dist             1.80 
# 
loop_
_pdbx_validate_torsion.id 
_pdbx_validate_torsion.PDB_model_num 
_pdbx_validate_torsion.auth_comp_id 
_pdbx_validate_torsion.auth_asym_id 
_pdbx_validate_torsion.auth_seq_id 
_pdbx_validate_torsion.PDB_ins_code 
_pdbx_validate_torsion.label_alt_id 
_pdbx_validate_torsion.phi 
_pdbx_validate_torsion.psi 
1 1 ASP E 348 ? ? 60.67 68.99 
2 1 ASP F 348 ? ? 60.76 68.93 
# 
_pdbx_database_remark.id     0 
_pdbx_database_remark.text   
;THIS ENTRY 6VI3 REFLECTS AN ALTERNATIVE MODELING OF THE
ORIGINAL DATA IN EMD-0260, DETERMINED BY Falcon, B. et al.
;
# 
_pdbx_entry_details.entry_id                 6VI3 
_pdbx_entry_details.has_ligand_of_interest   Y 
_pdbx_entry_details.compound_details         ? 
_pdbx_entry_details.source_details           ? 
_pdbx_entry_details.nonpolymer_details       ? 
_pdbx_entry_details.sequence_details         ? 
# 
_em_3d_fitting.entry_id          6VI3 
_em_3d_fitting.id                1 
_em_3d_fitting.details           ? 
_em_3d_fitting.overall_b_value   ? 
_em_3d_fitting.ref_protocol      ? 
_em_3d_fitting.ref_space         ? 
_em_3d_fitting.target_criteria   ? 
_em_3d_fitting.method            ? 
# 
_em_3d_reconstruction.entry_id                    6VI3 
_em_3d_reconstruction.id                          1 
_em_3d_reconstruction.algorithm                   ? 
_em_3d_reconstruction.details                     ? 
_em_3d_reconstruction.refinement_type             ? 
_em_3d_reconstruction.image_processing_id         1 
_em_3d_reconstruction.num_class_averages          ? 
_em_3d_reconstruction.num_particles               62782 
_em_3d_reconstruction.resolution                  3.3 
_em_3d_reconstruction.resolution_method           'FSC 0.143 CUT-OFF' 
_em_3d_reconstruction.symmetry_type               HELICAL 
_em_3d_reconstruction.method                      ? 
_em_3d_reconstruction.nominal_pixel_size          ? 
_em_3d_reconstruction.actual_pixel_size           ? 
_em_3d_reconstruction.magnification_calibration   ? 
# 
_em_buffer.id            1 
_em_buffer.details       ? 
_em_buffer.pH            7.4 
_em_buffer.specimen_id   1 
_em_buffer.name          ? 
# 
_em_entity_assembly.id                   1 
_em_entity_assembly.parent_id            0 
_em_entity_assembly.details              ? 
_em_entity_assembly.name                 
;Straight Filament from Alzheimer's Disease Human Brain Tissue
;
_em_entity_assembly.source               NATURAL 
_em_entity_assembly.type                 TISSUE 
_em_entity_assembly.entity_id_list       1 
_em_entity_assembly.synonym              ? 
_em_entity_assembly.oligomeric_details   ? 
# 
_em_imaging.id                              1 
_em_imaging.entry_id                        6VI3 
_em_imaging.accelerating_voltage            300 
_em_imaging.alignment_procedure             ? 
_em_imaging.c2_aperture_diameter            ? 
_em_imaging.calibrated_defocus_max          ? 
_em_imaging.calibrated_defocus_min          ? 
_em_imaging.calibrated_magnification        ? 
_em_imaging.cryogen                         ? 
_em_imaging.details                         ? 
_em_imaging.electron_source                 'FIELD EMISSION GUN' 
_em_imaging.illumination_mode               'FLOOD BEAM' 
_em_imaging.microscope_model                'FEI TITAN KRIOS' 
_em_imaging.mode                            'BRIGHT FIELD' 
_em_imaging.nominal_cs                      ? 
_em_imaging.nominal_defocus_max             ? 
_em_imaging.nominal_defocus_min             ? 
_em_imaging.nominal_magnification           ? 
_em_imaging.recording_temperature_maximum   ? 
_em_imaging.recording_temperature_minimum   ? 
_em_imaging.residual_tilt                   ? 
_em_imaging.specimen_holder_model           ? 
_em_imaging.specimen_id                     1 
_em_imaging.citation_id                     ? 
_em_imaging.date                            ? 
_em_imaging.temperature                     ? 
_em_imaging.tilt_angle_min                  ? 
_em_imaging.tilt_angle_max                  ? 
_em_imaging.astigmatism                     ? 
_em_imaging.detector_distance               ? 
_em_imaging.electron_beam_tilt_params       ? 
_em_imaging.specimen_holder_type            ? 
# 
_em_sample_support.id               1 
_em_sample_support.specimen_id      1 
_em_sample_support.details          unspecified 
_em_sample_support.grid_material    ? 
_em_sample_support.grid_mesh_size   ? 
_em_sample_support.grid_type        ? 
_em_sample_support.method           ? 
_em_sample_support.film_material    ? 
# 
_em_vitrification.id                    1 
_em_vitrification.specimen_id           1 
_em_vitrification.chamber_temperature   ? 
_em_vitrification.cryogen_name          ETHANE 
_em_vitrification.details               ? 
_em_vitrification.humidity              ? 
_em_vitrification.instrument            ? 
_em_vitrification.entry_id              6VI3 
_em_vitrification.citation_id           ? 
_em_vitrification.method                ? 
_em_vitrification.temp                  ? 
_em_vitrification.time_resolved_state   ? 
# 
_em_experiment.entry_id                6VI3 
_em_experiment.id                      1 
_em_experiment.aggregation_state       FILAMENT 
_em_experiment.reconstruction_method   HELICAL 
_em_experiment.entity_assembly_id      1 
# 
loop_
_chem_comp_atom.comp_id 
_chem_comp_atom.atom_id 
_chem_comp_atom.type_symbol 
_chem_comp_atom.pdbx_aromatic_flag 
_chem_comp_atom.pdbx_stereo_config 
_chem_comp_atom.pdbx_ordinal 
ARG N    N N N 1   
ARG CA   C N S 2   
ARG C    C N N 3   
ARG O    O N N 4   
ARG CB   C N N 5   
ARG CG   C N N 6   
ARG CD   C N N 7   
ARG NE   N N N 8   
ARG CZ   C N N 9   
ARG NH1  N N N 10  
ARG NH2  N N N 11  
ARG OXT  O N N 12  
ARG H    H N N 13  
ARG H2   H N N 14  
ARG HA   H N N 15  
ARG HB2  H N N 16  
ARG HB3  H N N 17  
ARG HG2  H N N 18  
ARG HG3  H N N 19  
ARG HD2  H N N 20  
ARG HD3  H N N 21  
ARG HE   H N N 22  
ARG HH11 H N N 23  
ARG HH12 H N N 24  
ARG HH21 H N N 25  
ARG HH22 H N N 26  
ARG HXT  H N N 27  
ASN N    N N N 28  
ASN CA   C N S 29  
ASN C    C N N 30  
ASN O    O N N 31  
ASN CB   C N N 32  
ASN CG   C N N 33  
ASN OD1  O N N 34  
ASN ND2  N N N 35  
ASN OXT  O N N 36  
ASN H    H N N 37  
ASN H2   H N N 38  
ASN HA   H N N 39  
ASN HB2  H N N 40  
ASN HB3  H N N 41  
ASN HD21 H N N 42  
ASN HD22 H N N 43  
ASN HXT  H N N 44  
ASP N    N N N 45  
ASP CA   C N S 46  
ASP C    C N N 47  
ASP O    O N N 48  
ASP CB   C N N 49  
ASP CG   C N N 50  
ASP OD1  O N N 51  
ASP OD2  O N N 52  
ASP OXT  O N N 53  
ASP H    H N N 54  
ASP H2   H N N 55  
ASP HA   H N N 56  
ASP HB2  H N N 57  
ASP HB3  H N N 58  
ASP HD2  H N N 59  
ASP HXT  H N N 60  
CYS N    N N N 61  
CYS CA   C N R 62  
CYS C    C N N 63  
CYS O    O N N 64  
CYS CB   C N N 65  
CYS SG   S N N 66  
CYS OXT  O N N 67  
CYS H    H N N 68  
CYS H2   H N N 69  
CYS HA   H N N 70  
CYS HB2  H N N 71  
CYS HB3  H N N 72  
CYS HG   H N N 73  
CYS HXT  H N N 74  
GLN N    N N N 75  
GLN CA   C N S 76  
GLN C    C N N 77  
GLN O    O N N 78  
GLN CB   C N N 79  
GLN CG   C N N 80  
GLN CD   C N N 81  
GLN OE1  O N N 82  
GLN NE2  N N N 83  
GLN OXT  O N N 84  
GLN H    H N N 85  
GLN H2   H N N 86  
GLN HA   H N N 87  
GLN HB2  H N N 88  
GLN HB3  H N N 89  
GLN HG2  H N N 90  
GLN HG3  H N N 91  
GLN HE21 H N N 92  
GLN HE22 H N N 93  
GLN HXT  H N N 94  
GLU N    N N N 95  
GLU CA   C N S 96  
GLU C    C N N 97  
GLU O    O N N 98  
GLU CB   C N N 99  
GLU CG   C N N 100 
GLU CD   C N N 101 
GLU OE1  O N N 102 
GLU OE2  O N N 103 
GLU OXT  O N N 104 
GLU H    H N N 105 
GLU H2   H N N 106 
GLU HA   H N N 107 
GLU HB2  H N N 108 
GLU HB3  H N N 109 
GLU HG2  H N N 110 
GLU HG3  H N N 111 
GLU HE2  H N N 112 
GLU HXT  H N N 113 
GLY N    N N N 114 
GLY CA   C N N 115 
GLY C    C N N 116 
GLY O    O N N 117 
GLY OXT  O N N 118 
GLY H    H N N 119 
GLY H2   H N N 120 
GLY HA2  H N N 121 
GLY HA3  H N N 122 
GLY HXT  H N N 123 
HIS N    N N N 124 
HIS CA   C N S 125 
HIS C    C N N 126 
HIS O    O N N 127 
HIS CB   C N N 128 
HIS CG   C Y N 129 
HIS ND1  N Y N 130 
HIS CD2  C Y N 131 
HIS CE1  C Y N 132 
HIS NE2  N Y N 133 
HIS OXT  O N N 134 
HIS H    H N N 135 
HIS H2   H N N 136 
HIS HA   H N N 137 
HIS HB2  H N N 138 
HIS HB3  H N N 139 
HIS HD1  H N N 140 
HIS HD2  H N N 141 
HIS HE1  H N N 142 
HIS HE2  H N N 143 
HIS HXT  H N N 144 
ILE N    N N N 145 
ILE CA   C N S 146 
ILE C    C N N 147 
ILE O    O N N 148 
ILE CB   C N S 149 
ILE CG1  C N N 150 
ILE CG2  C N N 151 
ILE CD1  C N N 152 
ILE OXT  O N N 153 
ILE H    H N N 154 
ILE H2   H N N 155 
ILE HA   H N N 156 
ILE HB   H N N 157 
ILE HG12 H N N 158 
ILE HG13 H N N 159 
ILE HG21 H N N 160 
ILE HG22 H N N 161 
ILE HG23 H N N 162 
ILE HD11 H N N 163 
ILE HD12 H N N 164 
ILE HD13 H N N 165 
ILE HXT  H N N 166 
LEU N    N N N 167 
LEU CA   C N S 168 
LEU C    C N N 169 
LEU O    O N N 170 
LEU CB   C N N 171 
LEU CG   C N N 172 
LEU CD1  C N N 173 
LEU CD2  C N N 174 
LEU OXT  O N N 175 
LEU H    H N N 176 
LEU H2   H N N 177 
LEU HA   H N N 178 
LEU HB2  H N N 179 
LEU HB3  H N N 180 
LEU HG   H N N 181 
LEU HD11 H N N 182 
LEU HD12 H N N 183 
LEU HD13 H N N 184 
LEU HD21 H N N 185 
LEU HD22 H N N 186 
LEU HD23 H N N 187 
LEU HXT  H N N 188 
LYS N    N N N 189 
LYS CA   C N S 190 
LYS C    C N N 191 
LYS O    O N N 192 
LYS CB   C N N 193 
LYS CG   C N N 194 
LYS CD   C N N 195 
LYS CE   C N N 196 
LYS NZ   N N N 197 
LYS OXT  O N N 198 
LYS H    H N N 199 
LYS H2   H N N 200 
LYS HA   H N N 201 
LYS HB2  H N N 202 
LYS HB3  H N N 203 
LYS HG2  H N N 204 
LYS HG3  H N N 205 
LYS HD2  H N N 206 
LYS HD3  H N N 207 
LYS HE2  H N N 208 
LYS HE3  H N N 209 
LYS HZ1  H N N 210 
LYS HZ2  H N N 211 
LYS HZ3  H N N 212 
LYS HXT  H N N 213 
PHE N    N N N 214 
PHE CA   C N S 215 
PHE C    C N N 216 
PHE O    O N N 217 
PHE CB   C N N 218 
PHE CG   C Y N 219 
PHE CD1  C Y N 220 
PHE CD2  C Y N 221 
PHE CE1  C Y N 222 
PHE CE2  C Y N 223 
PHE CZ   C Y N 224 
PHE OXT  O N N 225 
PHE H    H N N 226 
PHE H2   H N N 227 
PHE HA   H N N 228 
PHE HB2  H N N 229 
PHE HB3  H N N 230 
PHE HD1  H N N 231 
PHE HD2  H N N 232 
PHE HE1  H N N 233 
PHE HE2  H N N 234 
PHE HZ   H N N 235 
PHE HXT  H N N 236 
PRO N    N N N 237 
PRO CA   C N S 238 
PRO C    C N N 239 
PRO O    O N N 240 
PRO CB   C N N 241 
PRO CG   C N N 242 
PRO CD   C N N 243 
PRO OXT  O N N 244 
PRO H    H N N 245 
PRO HA   H N N 246 
PRO HB2  H N N 247 
PRO HB3  H N N 248 
PRO HG2  H N N 249 
PRO HG3  H N N 250 
PRO HD2  H N N 251 
PRO HD3  H N N 252 
PRO HXT  H N N 253 
SER N    N N N 254 
SER CA   C N S 255 
SER C    C N N 256 
SER O    O N N 257 
SER CB   C N N 258 
SER OG   O N N 259 
SER OXT  O N N 260 
SER H    H N N 261 
SER H2   H N N 262 
SER HA   H N N 263 
SER HB2  H N N 264 
SER HB3  H N N 265 
SER HG   H N N 266 
SER HXT  H N N 267 
THR N    N N N 268 
THR CA   C N S 269 
THR C    C N N 270 
THR O    O N N 271 
THR CB   C N R 272 
THR OG1  O N N 273 
THR CG2  C N N 274 
THR OXT  O N N 275 
THR H    H N N 276 
THR H2   H N N 277 
THR HA   H N N 278 
THR HB   H N N 279 
THR HG1  H N N 280 
THR HG21 H N N 281 
THR HG22 H N N 282 
THR HG23 H N N 283 
THR HXT  H N N 284 
TYR N    N N N 285 
TYR CA   C N S 286 
TYR C    C N N 287 
TYR O    O N N 288 
TYR CB   C N N 289 
TYR CG   C Y N 290 
TYR CD1  C Y N 291 
TYR CD2  C Y N 292 
TYR CE1  C Y N 293 
TYR CE2  C Y N 294 
TYR CZ   C Y N 295 
TYR OH   O N N 296 
TYR OXT  O N N 297 
TYR H    H N N 298 
TYR H2   H N N 299 
TYR HA   H N N 300 
TYR HB2  H N N 301 
TYR HB3  H N N 302 
TYR HD1  H N N 303 
TYR HD2  H N N 304 
TYR HE1  H N N 305 
TYR HE2  H N N 306 
TYR HH   H N N 307 
TYR HXT  H N N 308 
VAL N    N N N 309 
VAL CA   C N S 310 
VAL C    C N N 311 
VAL O    O N N 312 
VAL CB   C N N 313 
VAL CG1  C N N 314 
VAL CG2  C N N 315 
VAL OXT  O N N 316 
VAL H    H N N 317 
VAL H2   H N N 318 
VAL HA   H N N 319 
VAL HB   H N N 320 
VAL HG11 H N N 321 
VAL HG12 H N N 322 
VAL HG13 H N N 323 
VAL HG21 H N N 324 
VAL HG22 H N N 325 
VAL HG23 H N N 326 
VAL HXT  H N N 327 
# 
loop_
_chem_comp_bond.comp_id 
_chem_comp_bond.atom_id_1 
_chem_comp_bond.atom_id_2 
_chem_comp_bond.value_order 
_chem_comp_bond.pdbx_aromatic_flag 
_chem_comp_bond.pdbx_stereo_config 
_chem_comp_bond.pdbx_ordinal 
ARG N   CA   sing N N 1   
ARG N   H    sing N N 2   
ARG N   H2   sing N N 3   
ARG CA  C    sing N N 4   
ARG CA  CB   sing N N 5   
ARG CA  HA   sing N N 6   
ARG C   O    doub N N 7   
ARG C   OXT  sing N N 8   
ARG CB  CG   sing N N 9   
ARG CB  HB2  sing N N 10  
ARG CB  HB3  sing N N 11  
ARG CG  CD   sing N N 12  
ARG CG  HG2  sing N N 13  
ARG CG  HG3  sing N N 14  
ARG CD  NE   sing N N 15  
ARG CD  HD2  sing N N 16  
ARG CD  HD3  sing N N 17  
ARG NE  CZ   sing N N 18  
ARG NE  HE   sing N N 19  
ARG CZ  NH1  sing N N 20  
ARG CZ  NH2  doub N N 21  
ARG NH1 HH11 sing N N 22  
ARG NH1 HH12 sing N N 23  
ARG NH2 HH21 sing N N 24  
ARG NH2 HH22 sing N N 25  
ARG OXT HXT  sing N N 26  
ASN N   CA   sing N N 27  
ASN N   H    sing N N 28  
ASN N   H2   sing N N 29  
ASN CA  C    sing N N 30  
ASN CA  CB   sing N N 31  
ASN CA  HA   sing N N 32  
ASN C   O    doub N N 33  
ASN C   OXT  sing N N 34  
ASN CB  CG   sing N N 35  
ASN CB  HB2  sing N N 36  
ASN CB  HB3  sing N N 37  
ASN CG  OD1  doub N N 38  
ASN CG  ND2  sing N N 39  
ASN ND2 HD21 sing N N 40  
ASN ND2 HD22 sing N N 41  
ASN OXT HXT  sing N N 42  
ASP N   CA   sing N N 43  
ASP N   H    sing N N 44  
ASP N   H2   sing N N 45  
ASP CA  C    sing N N 46  
ASP CA  CB   sing N N 47  
ASP CA  HA   sing N N 48  
ASP C   O    doub N N 49  
ASP C   OXT  sing N N 50  
ASP CB  CG   sing N N 51  
ASP CB  HB2  sing N N 52  
ASP CB  HB3  sing N N 53  
ASP CG  OD1  doub N N 54  
ASP CG  OD2  sing N N 55  
ASP OD2 HD2  sing N N 56  
ASP OXT HXT  sing N N 57  
CYS N   CA   sing N N 58  
CYS N   H    sing N N 59  
CYS N   H2   sing N N 60  
CYS CA  C    sing N N 61  
CYS CA  CB   sing N N 62  
CYS CA  HA   sing N N 63  
CYS C   O    doub N N 64  
CYS C   OXT  sing N N 65  
CYS CB  SG   sing N N 66  
CYS CB  HB2  sing N N 67  
CYS CB  HB3  sing N N 68  
CYS SG  HG   sing N N 69  
CYS OXT HXT  sing N N 70  
GLN N   CA   sing N N 71  
GLN N   H    sing N N 72  
GLN N   H2   sing N N 73  
GLN CA  C    sing N N 74  
GLN CA  CB   sing N N 75  
GLN CA  HA   sing N N 76  
GLN C   O    doub N N 77  
GLN C   OXT  sing N N 78  
GLN CB  CG   sing N N 79  
GLN CB  HB2  sing N N 80  
GLN CB  HB3  sing N N 81  
GLN CG  CD   sing N N 82  
GLN CG  HG2  sing N N 83  
GLN CG  HG3  sing N N 84  
GLN CD  OE1  doub N N 85  
GLN CD  NE2  sing N N 86  
GLN NE2 HE21 sing N N 87  
GLN NE2 HE22 sing N N 88  
GLN OXT HXT  sing N N 89  
GLU N   CA   sing N N 90  
GLU N   H    sing N N 91  
GLU N   H2   sing N N 92  
GLU CA  C    sing N N 93  
GLU CA  CB   sing N N 94  
GLU CA  HA   sing N N 95  
GLU C   O    doub N N 96  
GLU C   OXT  sing N N 97  
GLU CB  CG   sing N N 98  
GLU CB  HB2  sing N N 99  
GLU CB  HB3  sing N N 100 
GLU CG  CD   sing N N 101 
GLU CG  HG2  sing N N 102 
GLU CG  HG3  sing N N 103 
GLU CD  OE1  doub N N 104 
GLU CD  OE2  sing N N 105 
GLU OE2 HE2  sing N N 106 
GLU OXT HXT  sing N N 107 
GLY N   CA   sing N N 108 
GLY N   H    sing N N 109 
GLY N   H2   sing N N 110 
GLY CA  C    sing N N 111 
GLY CA  HA2  sing N N 112 
GLY CA  HA3  sing N N 113 
GLY C   O    doub N N 114 
GLY C   OXT  sing N N 115 
GLY OXT HXT  sing N N 116 
HIS N   CA   sing N N 117 
HIS N   H    sing N N 118 
HIS N   H2   sing N N 119 
HIS CA  C    sing N N 120 
HIS CA  CB   sing N N 121 
HIS CA  HA   sing N N 122 
HIS C   O    doub N N 123 
HIS C   OXT  sing N N 124 
HIS CB  CG   sing N N 125 
HIS CB  HB2  sing N N 126 
HIS CB  HB3  sing N N 127 
HIS CG  ND1  sing Y N 128 
HIS CG  CD2  doub Y N 129 
HIS ND1 CE1  doub Y N 130 
HIS ND1 HD1  sing N N 131 
HIS CD2 NE2  sing Y N 132 
HIS CD2 HD2  sing N N 133 
HIS CE1 NE2  sing Y N 134 
HIS CE1 HE1  sing N N 135 
HIS NE2 HE2  sing N N 136 
HIS OXT HXT  sing N N 137 
ILE N   CA   sing N N 138 
ILE N   H    sing N N 139 
ILE N   H2   sing N N 140 
ILE CA  C    sing N N 141 
ILE CA  CB   sing N N 142 
ILE CA  HA   sing N N 143 
ILE C   O    doub N N 144 
ILE C   OXT  sing N N 145 
ILE CB  CG1  sing N N 146 
ILE CB  CG2  sing N N 147 
ILE CB  HB   sing N N 148 
ILE CG1 CD1  sing N N 149 
ILE CG1 HG12 sing N N 150 
ILE CG1 HG13 sing N N 151 
ILE CG2 HG21 sing N N 152 
ILE CG2 HG22 sing N N 153 
ILE CG2 HG23 sing N N 154 
ILE CD1 HD11 sing N N 155 
ILE CD1 HD12 sing N N 156 
ILE CD1 HD13 sing N N 157 
ILE OXT HXT  sing N N 158 
LEU N   CA   sing N N 159 
LEU N   H    sing N N 160 
LEU N   H2   sing N N 161 
LEU CA  C    sing N N 162 
LEU CA  CB   sing N N 163 
LEU CA  HA   sing N N 164 
LEU C   O    doub N N 165 
LEU C   OXT  sing N N 166 
LEU CB  CG   sing N N 167 
LEU CB  HB2  sing N N 168 
LEU CB  HB3  sing N N 169 
LEU CG  CD1  sing N N 170 
LEU CG  CD2  sing N N 171 
LEU CG  HG   sing N N 172 
LEU CD1 HD11 sing N N 173 
LEU CD1 HD12 sing N N 174 
LEU CD1 HD13 sing N N 175 
LEU CD2 HD21 sing N N 176 
LEU CD2 HD22 sing N N 177 
LEU CD2 HD23 sing N N 178 
LEU OXT HXT  sing N N 179 
LYS N   CA   sing N N 180 
LYS N   H    sing N N 181 
LYS N   H2   sing N N 182 
LYS CA  C    sing N N 183 
LYS CA  CB   sing N N 184 
LYS CA  HA   sing N N 185 
LYS C   O    doub N N 186 
LYS C   OXT  sing N N 187 
LYS CB  CG   sing N N 188 
LYS CB  HB2  sing N N 189 
LYS CB  HB3  sing N N 190 
LYS CG  CD   sing N N 191 
LYS CG  HG2  sing N N 192 
LYS CG  HG3  sing N N 193 
LYS CD  CE   sing N N 194 
LYS CD  HD2  sing N N 195 
LYS CD  HD3  sing N N 196 
LYS CE  NZ   sing N N 197 
LYS CE  HE2  sing N N 198 
LYS CE  HE3  sing N N 199 
LYS NZ  HZ1  sing N N 200 
LYS NZ  HZ2  sing N N 201 
LYS NZ  HZ3  sing N N 202 
LYS OXT HXT  sing N N 203 
PHE N   CA   sing N N 204 
PHE N   H    sing N N 205 
PHE N   H2   sing N N 206 
PHE CA  C    sing N N 207 
PHE CA  CB   sing N N 208 
PHE CA  HA   sing N N 209 
PHE C   O    doub N N 210 
PHE C   OXT  sing N N 211 
PHE CB  CG   sing N N 212 
PHE CB  HB2  sing N N 213 
PHE CB  HB3  sing N N 214 
PHE CG  CD1  doub Y N 215 
PHE CG  CD2  sing Y N 216 
PHE CD1 CE1  sing Y N 217 
PHE CD1 HD1  sing N N 218 
PHE CD2 CE2  doub Y N 219 
PHE CD2 HD2  sing N N 220 
PHE CE1 CZ   doub Y N 221 
PHE CE1 HE1  sing N N 222 
PHE CE2 CZ   sing Y N 223 
PHE CE2 HE2  sing N N 224 
PHE CZ  HZ   sing N N 225 
PHE OXT HXT  sing N N 226 
PRO N   CA   sing N N 227 
PRO N   CD   sing N N 228 
PRO N   H    sing N N 229 
PRO CA  C    sing N N 230 
PRO CA  CB   sing N N 231 
PRO CA  HA   sing N N 232 
PRO C   O    doub N N 233 
PRO C   OXT  sing N N 234 
PRO CB  CG   sing N N 235 
PRO CB  HB2  sing N N 236 
PRO CB  HB3  sing N N 237 
PRO CG  CD   sing N N 238 
PRO CG  HG2  sing N N 239 
PRO CG  HG3  sing N N 240 
PRO CD  HD2  sing N N 241 
PRO CD  HD3  sing N N 242 
PRO OXT HXT  sing N N 243 
SER N   CA   sing N N 244 
SER N   H    sing N N 245 
SER N   H2   sing N N 246 
SER CA  C    sing N N 247 
SER CA  CB   sing N N 248 
SER CA  HA   sing N N 249 
SER C   O    doub N N 250 
SER C   OXT  sing N N 251 
SER CB  OG   sing N N 252 
SER CB  HB2  sing N N 253 
SER CB  HB3  sing N N 254 
SER OG  HG   sing N N 255 
SER OXT HXT  sing N N 256 
THR N   CA   sing N N 257 
THR N   H    sing N N 258 
THR N   H2   sing N N 259 
THR CA  C    sing N N 260 
THR CA  CB   sing N N 261 
THR CA  HA   sing N N 262 
THR C   O    doub N N 263 
THR C   OXT  sing N N 264 
THR CB  OG1  sing N N 265 
THR CB  CG2  sing N N 266 
THR CB  HB   sing N N 267 
THR OG1 HG1  sing N N 268 
THR CG2 HG21 sing N N 269 
THR CG2 HG22 sing N N 270 
THR CG2 HG23 sing N N 271 
THR OXT HXT  sing N N 272 
TYR N   CA   sing N N 273 
TYR N   H    sing N N 274 
TYR N   H2   sing N N 275 
TYR CA  C    sing N N 276 
TYR CA  CB   sing N N 277 
TYR CA  HA   sing N N 278 
TYR C   O    doub N N 279 
TYR C   OXT  sing N N 280 
TYR CB  CG   sing N N 281 
TYR CB  HB2  sing N N 282 
TYR CB  HB3  sing N N 283 
TYR CG  CD1  doub Y N 284 
TYR CG  CD2  sing Y N 285 
TYR CD1 CE1  sing Y N 286 
TYR CD1 HD1  sing N N 287 
TYR CD2 CE2  doub Y N 288 
TYR CD2 HD2  sing N N 289 
TYR CE1 CZ   doub Y N 290 
TYR CE1 HE1  sing N N 291 
TYR CE2 CZ   sing Y N 292 
TYR CE2 HE2  sing N N 293 
TYR CZ  OH   sing N N 294 
TYR OH  HH   sing N N 295 
TYR OXT HXT  sing N N 296 
VAL N   CA   sing N N 297 
VAL N   H    sing N N 298 
VAL N   H2   sing N N 299 
VAL CA  C    sing N N 300 
VAL CA  CB   sing N N 301 
VAL CA  HA   sing N N 302 
VAL C   O    doub N N 303 
VAL C   OXT  sing N N 304 
VAL CB  CG1  sing N N 305 
VAL CB  CG2  sing N N 306 
VAL CB  HB   sing N N 307 
VAL CG1 HG11 sing N N 308 
VAL CG1 HG12 sing N N 309 
VAL CG1 HG13 sing N N 310 
VAL CG2 HG21 sing N N 311 
VAL CG2 HG22 sing N N 312 
VAL CG2 HG23 sing N N 313 
VAL OXT HXT  sing N N 314 
# 
_em_ctf_correction.id                       1 
_em_ctf_correction.em_image_processing_id   1 
_em_ctf_correction.type                     'PHASE FLIPPING AND AMPLITUDE CORRECTION' 
_em_ctf_correction.details                  ? 
# 
_em_entity_assembly_naturalsource.id                   1 
_em_entity_assembly_naturalsource.entity_assembly_id   1 
_em_entity_assembly_naturalsource.cell                 ? 
_em_entity_assembly_naturalsource.cellular_location    ? 
_em_entity_assembly_naturalsource.ncbi_tax_id          9606 
_em_entity_assembly_naturalsource.organ                ? 
_em_entity_assembly_naturalsource.organelle            ? 
_em_entity_assembly_naturalsource.organism             'Homo sapiens' 
_em_entity_assembly_naturalsource.strain               ? 
_em_entity_assembly_naturalsource.tissue               ? 
# 
_em_helical_entity.id                             1 
_em_helical_entity.image_processing_id            1 
_em_helical_entity.angular_rotation_per_subunit   -1.04 
_em_helical_entity.axial_rise_per_subunit         4.76 
_em_helical_entity.axial_symmetry                 C1 
_em_helical_entity.details                        ? 
# 
_em_image_processing.id                   1 
_em_image_processing.image_recording_id   1 
_em_image_processing.details              ? 
# 
_em_image_recording.id                            1 
_em_image_recording.imaging_id                    1 
_em_image_recording.avg_electron_dose_per_image   60 
_em_image_recording.average_exposure_time         ? 
_em_image_recording.details                       ? 
_em_image_recording.detector_mode                 ? 
_em_image_recording.film_or_detector_model        'GATAN K2 SUMMIT (4k x 4k)' 
_em_image_recording.num_diffraction_images        ? 
_em_image_recording.num_grids_imaged              ? 
_em_image_recording.num_real_images               ? 
# 
loop_
_em_software.id 
_em_software.category 
_em_software.details 
_em_software.name 
_em_software.version 
_em_software.image_processing_id 
_em_software.fitting_id 
_em_software.imaging_id 
1  'SYMMETRY DETERMINATION'   ? ? ? 1 1 1 
2  'IMAGE ACQUISITION'        ? ? ? ? ? 1 
3  MASKING                    ? ? ? ? ? ? 
4  'CTF CORRECTION'           ? ? ? 1 ? ? 
5  'LAYERLINE INDEXING'       ? ? ? ? ? ? 
6  'DIFFRACTION INDEXING'     ? ? ? ? ? ? 
7  'MODEL FITTING'            ? ? ? ? ? ? 
8  'MODEL REFINEMENT'         ? ? ? ? ? ? 
9  OTHER                      ? ? ? ? ? ? 
10 'INITIAL EULER ASSIGNMENT' ? ? ? 1 ? ? 
11 'FINAL EULER ASSIGNMENT'   ? ? ? 1 ? ? 
12 CLASSIFICATION             ? ? ? 1 ? ? 
13 RECONSTRUCTION             ? ? ? 1 ? ? 
# 
_em_specimen.id                      1 
_em_specimen.experiment_id           1 
_em_specimen.concentration           ? 
_em_specimen.details                 ? 
_em_specimen.embedding_applied       NO 
_em_specimen.shadowing_applied       NO 
_em_specimen.staining_applied        NO 
_em_specimen.vitrification_applied   YES 
# 
loop_
_pdbx_audit_support.funding_organization 
_pdbx_audit_support.country 
_pdbx_audit_support.grant_number 
_pdbx_audit_support.ordinal 
'National Institutes of Health/National Institute of Neurological Disorders and Stroke (NIH/NINDS)' 'United States' ? 1 
'National Institutes of Health/National Institute on Aging (NIH/NIA)'                               'United States' ? 2 
# 
_pdbx_entity_instance_feature.ordinal        1 
_pdbx_entity_instance_feature.comp_id        GLY 
_pdbx_entity_instance_feature.asym_id        ? 
_pdbx_entity_instance_feature.seq_num        ? 
_pdbx_entity_instance_feature.auth_comp_id   GLY 
_pdbx_entity_instance_feature.auth_asym_id   ? 
_pdbx_entity_instance_feature.auth_seq_num   ? 
_pdbx_entity_instance_feature.feature_type   'SUBJECT OF INVESTIGATION' 
_pdbx_entity_instance_feature.details        ? 
# 
_atom_sites.entry_id                    6VI3 
_atom_sites.Cartn_transf_matrix[1][1]   ? 
_atom_sites.Cartn_transf_matrix[1][2]   ? 
_atom_sites.Cartn_transf_matrix[1][3]   ? 
_atom_sites.Cartn_transf_matrix[2][1]   ? 
_atom_sites.Cartn_transf_matrix[2][2]   ? 
_atom_sites.Cartn_transf_matrix[2][3]   ? 
_atom_sites.Cartn_transf_matrix[3][1]   ? 
_atom_sites.Cartn_transf_matrix[3][2]   ? 
_atom_sites.Cartn_transf_matrix[3][3]   ? 
_atom_sites.Cartn_transf_vector[1]      ? 
_atom_sites.Cartn_transf_vector[2]      ? 
_atom_sites.Cartn_transf_vector[3]      ? 
_atom_sites.fract_transf_matrix[1][1]   1.000000 
_atom_sites.fract_transf_matrix[1][2]   0.000000 
_atom_sites.fract_transf_matrix[1][3]   0.000000 
_atom_sites.fract_transf_matrix[2][1]   0.000000 
_atom_sites.fract_transf_matrix[2][2]   1.000000 
_atom_sites.fract_transf_matrix[2][3]   0.000000 
_atom_sites.fract_transf_matrix[3][1]   0.000000 
_atom_sites.fract_transf_matrix[3][2]   0.000000 
_atom_sites.fract_transf_matrix[3][3]   1.000000 
_atom_sites.fract_transf_vector[1]      0.00000 
_atom_sites.fract_transf_vector[2]      0.00000 
_atom_sites.fract_transf_vector[3]      0.00000 
_atom_sites.solution_primary            ? 
_atom_sites.solution_secondary          ? 
_atom_sites.solution_hydrogens          ? 
_atom_sites.special_details             ? 
# 
loop_
_atom_type.symbol 
C 
N 
O 
S 
# 
loop_
_atom_site.group_PDB 
_atom_site.id 
_atom_site.type_symbol 
_atom_site.label_atom_id 
_atom_site.label_alt_id 
_atom_site.label_comp_id 
_atom_site.label_asym_id 
_atom_site.label_entity_id 
_atom_site.label_seq_id 
_atom_site.pdbx_PDB_ins_code 
_atom_site.Cartn_x 
_atom_site.Cartn_y 
_atom_site.Cartn_z 
_atom_site.occupancy 
_atom_site.B_iso_or_equiv 
_atom_site.pdbx_formal_charge 
_atom_site.auth_seq_id 
_atom_site.auth_comp_id 
_atom_site.auth_asym_id 
_atom_site.auth_atom_id 
_atom_site.pdbx_PDB_model_num 
ATOM   1    N N   . GLY A 1 1  ? -32.283 -34.364 27.310  1.00 135.14 ? 304 GLY E N   1 
ATOM   2    C CA  . GLY A 1 1  ? -31.821 -33.808 26.053  1.00 135.14 ? 304 GLY E CA  1 
ATOM   3    C C   . GLY A 1 1  ? -30.390 -33.319 26.119  1.00 135.14 ? 304 GLY E C   1 
ATOM   4    O O   . GLY A 1 1  ? -30.037 -32.537 26.996  1.00 135.14 ? 304 GLY E O   1 
ATOM   5    N N   . SER A 1 2  ? -29.563 -33.784 25.189  1.00 133.56 ? 305 SER E N   1 
ATOM   6    C CA  . SER A 1 2  ? -28.149 -33.423 25.139  1.00 133.56 ? 305 SER E CA  1 
ATOM   7    C C   . SER A 1 2  ? -27.963 -32.374 24.051  1.00 133.56 ? 305 SER E C   1 
ATOM   8    O O   . SER A 1 2  ? -27.708 -32.705 22.892  1.00 133.56 ? 305 SER E O   1 
ATOM   9    C CB  . SER A 1 2  ? -27.286 -34.652 24.883  1.00 133.56 ? 305 SER E CB  1 
ATOM   10   O OG  . SER A 1 2  ? -27.207 -34.935 23.499  1.00 133.56 ? 305 SER E OG  1 
ATOM   11   N N   . VAL A 1 3  ? -28.084 -31.112 24.428  1.00 125.99 ? 306 VAL E N   1 
ATOM   12   C CA  . VAL A 1 3  ? -27.912 -30.003 23.501  1.00 125.99 ? 306 VAL E CA  1 
ATOM   13   C C   . VAL A 1 3  ? -26.428 -29.815 23.238  1.00 125.99 ? 306 VAL E C   1 
ATOM   14   O O   . VAL A 1 3  ? -25.624 -29.766 24.174  1.00 125.99 ? 306 VAL E O   1 
ATOM   15   C CB  . VAL A 1 3  ? -28.535 -28.719 24.065  1.00 125.99 ? 306 VAL E CB  1 
ATOM   16   C CG1 . VAL A 1 3  ? -28.478 -27.611 23.039  1.00 125.99 ? 306 VAL E CG1 1 
ATOM   17   C CG2 . VAL A 1 3  ? -29.961 -28.981 24.489  1.00 125.99 ? 306 VAL E CG2 1 
ATOM   18   N N   . GLN A 1 4  ? -26.061 -29.712 21.966  1.00 123.36 ? 307 GLN E N   1 
ATOM   19   C CA  . GLN A 1 4  ? -24.674 -29.528 21.565  1.00 123.36 ? 307 GLN E CA  1 
ATOM   20   C C   . GLN A 1 4  ? -24.624 -28.447 20.501  1.00 123.36 ? 307 GLN E C   1 
ATOM   21   O O   . GLN A 1 4  ? -25.160 -28.629 19.406  1.00 123.36 ? 307 GLN E O   1 
ATOM   22   C CB  . GLN A 1 4  ? -24.083 -30.834 21.040  1.00 123.36 ? 307 GLN E CB  1 
ATOM   23   C CG  . GLN A 1 4  ? -22.725 -30.687 20.405  1.00 123.36 ? 307 GLN E CG  1 
ATOM   24   C CD  . GLN A 1 4  ? -22.102 -32.024 20.087  1.00 123.36 ? 307 GLN E CD  1 
ATOM   25   O OE1 . GLN A 1 4  ? -22.567 -33.062 20.552  1.00 123.36 ? 307 GLN E OE1 1 
ATOM   26   N NE2 . GLN A 1 4  ? -21.045 -32.008 19.286  1.00 123.36 ? 307 GLN E NE2 1 
ATOM   27   N N   . ILE A 1 5  ? -23.985 -27.328 20.821  1.00 109.53 ? 308 ILE E N   1 
ATOM   28   C CA  . ILE A 1 5  ? -23.943 -26.162 19.952  1.00 109.53 ? 308 ILE E CA  1 
ATOM   29   C C   . ILE A 1 5  ? -22.492 -25.861 19.634  1.00 109.53 ? 308 ILE E C   1 
ATOM   30   O O   . ILE A 1 5  ? -21.684 -25.650 20.545  1.00 109.53 ? 308 ILE E O   1 
ATOM   31   C CB  . ILE A 1 5  ? -24.607 -24.945 20.604  1.00 109.53 ? 308 ILE E CB  1 
ATOM   32   C CG1 . ILE A 1 5  ? -26.065 -25.247 20.928  1.00 109.53 ? 308 ILE E CG1 1 
ATOM   33   C CG2 . ILE A 1 5  ? -24.503 -23.743 19.703  1.00 109.53 ? 308 ILE E CG2 1 
ATOM   34   C CD1 . ILE A 1 5  ? -26.687 -24.253 21.864  1.00 109.53 ? 308 ILE E CD1 1 
ATOM   35   N N   . VAL A 1 6  ? -22.159 -25.831 18.350  1.00 108.87 ? 309 VAL E N   1 
ATOM   36   C CA  . VAL A 1 6  ? -20.822 -25.481 17.893  1.00 108.87 ? 309 VAL E CA  1 
ATOM   37   C C   . VAL A 1 6  ? -20.920 -24.164 17.145  1.00 108.87 ? 309 VAL E C   1 
ATOM   38   O O   . VAL A 1 6  ? -21.636 -24.064 16.143  1.00 108.87 ? 309 VAL E O   1 
ATOM   39   C CB  . VAL A 1 6  ? -20.215 -26.571 17.004  1.00 108.87 ? 309 VAL E CB  1 
ATOM   40   C CG1 . VAL A 1 6  ? -18.923 -26.083 16.395  1.00 108.87 ? 309 VAL E CG1 1 
ATOM   41   C CG2 . VAL A 1 6  ? -19.977 -27.822 17.813  1.00 108.87 ? 309 VAL E CG2 1 
ATOM   42   N N   . TYR A 1 7  ? -20.198 -23.160 17.624  1.00 111.39 ? 310 TYR E N   1 
ATOM   43   C CA  . TYR A 1 7  ? -20.235 -21.808 17.085  1.00 111.39 ? 310 TYR E CA  1 
ATOM   44   C C   . TYR A 1 7  ? -18.842 -21.511 16.550  1.00 111.39 ? 310 TYR E C   1 
ATOM   45   O O   . TYR A 1 7  ? -17.979 -21.032 17.287  1.00 111.39 ? 310 TYR E O   1 
ATOM   46   C CB  . TYR A 1 7  ? -20.655 -20.830 18.165  1.00 111.39 ? 310 TYR E CB  1 
ATOM   47   C CG  . TYR A 1 7  ? -20.946 -19.429 17.696  1.00 111.39 ? 310 TYR E CG  1 
ATOM   48   C CD1 . TYR A 1 7  ? -19.936 -18.488 17.591  1.00 111.39 ? 310 TYR E CD1 1 
ATOM   49   C CD2 . TYR A 1 7  ? -22.238 -19.034 17.400  1.00 111.39 ? 310 TYR E CD2 1 
ATOM   50   C CE1 . TYR A 1 7  ? -20.198 -17.208 17.176  1.00 111.39 ? 310 TYR E CE1 1 
ATOM   51   C CE2 . TYR A 1 7  ? -22.510 -17.750 16.987  1.00 111.39 ? 310 TYR E CE2 1 
ATOM   52   C CZ  . TYR A 1 7  ? -21.483 -16.845 16.878  1.00 111.39 ? 310 TYR E CZ  1 
ATOM   53   O OH  . TYR A 1 7  ? -21.740 -15.565 16.468  1.00 111.39 ? 310 TYR E OH  1 
ATOM   54   N N   . LYS A 1 8  ? -18.615 -21.800 15.274  1.00 116.86 ? 311 LYS E N   1 
ATOM   55   C CA  . LYS A 1 8  ? -17.315 -21.579 14.642  1.00 116.86 ? 311 LYS E CA  1 
ATOM   56   C C   . LYS A 1 8  ? -17.463 -20.802 13.345  1.00 116.86 ? 311 LYS E C   1 
ATOM   57   O O   . LYS A 1 8  ? -17.439 -21.391 12.257  1.00 116.86 ? 311 LYS E O   1 
ATOM   58   C CB  . LYS A 1 8  ? -16.607 -22.905 14.365  1.00 116.86 ? 311 LYS E CB  1 
ATOM   59   C CG  . LYS A 1 8  ? -16.074 -23.606 15.591  1.00 116.86 ? 311 LYS E CG  1 
ATOM   60   C CD  . LYS A 1 8  ? -15.029 -24.640 15.215  1.00 116.86 ? 311 LYS E CD  1 
ATOM   61   C CE  . LYS A 1 8  ? -15.615 -25.726 14.329  1.00 116.86 ? 311 LYS E CE  1 
ATOM   62   N NZ  . LYS A 1 8  ? -14.646 -26.830 14.080  1.00 116.86 ? 311 LYS E NZ  1 
ATOM   63   N N   . PRO A 1 9  ? -17.603 -19.481 13.408  1.00 118.09 ? 312 PRO E N   1 
ATOM   64   C CA  . PRO A 1 9  ? -17.509 -18.692 12.182  1.00 118.09 ? 312 PRO E CA  1 
ATOM   65   C C   . PRO A 1 9  ? -16.066 -18.326 11.888  1.00 118.09 ? 312 PRO E C   1 
ATOM   66   O O   . PRO A 1 9  ? -15.288 -18.003 12.787  1.00 118.09 ? 312 PRO E O   1 
ATOM   67   C CB  . PRO A 1 9  ? -18.351 -17.455 12.495  1.00 118.09 ? 312 PRO E CB  1 
ATOM   68   C CG  . PRO A 1 9  ? -18.248 -17.294 13.945  1.00 118.09 ? 312 PRO E CG  1 
ATOM   69   C CD  . PRO A 1 9  ? -18.018 -18.650 14.554  1.00 118.09 ? 312 PRO E CD  1 
ATOM   70   N N   . VAL A 1 10 ? -15.701 -18.395 10.618  1.00 122.12 ? 313 VAL E N   1 
ATOM   71   C CA  . VAL A 1 10 ? -14.361 -18.057 10.170  1.00 122.12 ? 313 VAL E CA  1 
ATOM   72   C C   . VAL A 1 10 ? -14.453 -16.782 9.351   1.00 122.12 ? 313 VAL E C   1 
ATOM   73   O O   . VAL A 1 10 ? -15.308 -16.665 8.467   1.00 122.12 ? 313 VAL E O   1 
ATOM   74   C CB  . VAL A 1 10 ? -13.742 -19.199 9.345   1.00 122.12 ? 313 VAL E CB  1 
ATOM   75   C CG1 . VAL A 1 10 ? -12.344 -18.837 8.892   1.00 122.12 ? 313 VAL E CG1 1 
ATOM   76   C CG2 . VAL A 1 10 ? -13.721 -20.476 10.154  1.00 122.12 ? 313 VAL E CG2 1 
ATOM   77   N N   . ASP A 1 11 ? -13.582 -15.823 9.650   1.00 125.44 ? 314 ASP E N   1 
ATOM   78   C CA  . ASP A 1 11 ? -13.705 -14.481 9.093   1.00 125.44 ? 314 ASP E CA  1 
ATOM   79   C C   . ASP A 1 11 ? -12.350 -14.016 8.582   1.00 125.44 ? 314 ASP E C   1 
ATOM   80   O O   . ASP A 1 11 ? -11.410 -13.868 9.366   1.00 125.44 ? 314 ASP E O   1 
ATOM   81   C CB  . ASP A 1 11 ? -14.243 -13.516 10.140  1.00 125.44 ? 314 ASP E CB  1 
ATOM   82   C CG  . ASP A 1 11 ? -15.563 -12.927 9.745   1.00 125.44 ? 314 ASP E CG  1 
ATOM   83   O OD1 . ASP A 1 11 ? -16.058 -13.285 8.660   1.00 125.44 ? 314 ASP E OD1 1 
ATOM   84   O OD2 . ASP A 1 11 ? -16.114 -12.116 10.517  1.00 125.44 ? 314 ASP E OD2 1 
ATOM   85   N N   . LEU A 1 12 ? -12.248 -13.772 7.276   1.00 122.25 ? 315 LEU E N   1 
ATOM   86   C CA  . LEU A 1 12 ? -11.002 -13.334 6.650   1.00 122.25 ? 315 LEU E CA  1 
ATOM   87   C C   . LEU A 1 12 ? -11.255 -12.082 5.811   1.00 122.25 ? 315 LEU E C   1 
ATOM   88   O O   . LEU A 1 12 ? -10.826 -11.980 4.664   1.00 122.25 ? 315 LEU E O   1 
ATOM   89   C CB  . LEU A 1 12 ? -10.404 -14.432 5.780   1.00 122.25 ? 315 LEU E CB  1 
ATOM   90   C CG  . LEU A 1 12 ? -10.211 -15.816 6.389   1.00 122.25 ? 315 LEU E CG  1 
ATOM   91   C CD1 . LEU A 1 12 ? -9.608  -16.747 5.364   1.00 122.25 ? 315 LEU E CD1 1 
ATOM   92   C CD2 . LEU A 1 12 ? -9.324  -15.736 7.608   1.00 122.25 ? 315 LEU E CD2 1 
ATOM   93   N N   . SER A 1 13 ? -11.948 -11.113 6.390   1.00 119.05 ? 316 SER E N   1 
ATOM   94   C CA  . SER A 1 13 ? -12.420 -9.954  5.651   1.00 119.05 ? 316 SER E CA  1 
ATOM   95   C C   . SER A 1 13 ? -11.354 -8.870  5.583   1.00 119.05 ? 316 SER E C   1 
ATOM   96   O O   . SER A 1 13 ? -10.699 -8.565  6.582   1.00 119.05 ? 316 SER E O   1 
ATOM   97   C CB  . SER A 1 13 ? -13.678 -9.386  6.299   1.00 119.05 ? 316 SER E CB  1 
ATOM   98   O OG  . SER A 1 13 ? -13.360 -8.780  7.535   1.00 119.05 ? 316 SER E OG  1 
ATOM   99   N N   . LYS A 1 14 ? -11.196 -8.284  4.400   1.00 113.91 ? 317 LYS E N   1 
ATOM   100  C CA  . LYS A 1 14 ? -10.368 -7.101  4.196   1.00 113.91 ? 317 LYS E CA  1 
ATOM   101  C C   . LYS A 1 14 ? -11.293 -5.906  4.033   1.00 113.91 ? 317 LYS E C   1 
ATOM   102  O O   . LYS A 1 14 ? -12.214 -5.937  3.212   1.00 113.91 ? 317 LYS E O   1 
ATOM   103  C CB  . LYS A 1 14 ? -9.477  -7.238  2.965   1.00 113.91 ? 317 LYS E CB  1 
ATOM   104  C CG  . LYS A 1 14 ? -8.470  -8.361  2.995   1.00 113.91 ? 317 LYS E CG  1 
ATOM   105  C CD  . LYS A 1 14 ? -7.735  -8.418  1.662   1.00 113.91 ? 317 LYS E CD  1 
ATOM   106  C CE  . LYS A 1 14 ? -6.714  -9.539  1.620   1.00 113.91 ? 317 LYS E CE  1 
ATOM   107  N NZ  . LYS A 1 14 ? -5.321  -9.037  1.789   1.00 113.91 ? 317 LYS E NZ  1 
ATOM   108  N N   . VAL A 1 15 ? -11.063 -4.859  4.822   1.00 108.47 ? 318 VAL E N   1 
ATOM   109  C CA  . VAL A 1 15 ? -11.669 -3.560  4.563   1.00 108.47 ? 318 VAL E CA  1 
ATOM   110  C C   . VAL A 1 15 ? -10.543 -2.564  4.355   1.00 108.47 ? 318 VAL E C   1 
ATOM   111  O O   . VAL A 1 15 ? -10.024 -1.991  5.316   1.00 108.47 ? 318 VAL E O   1 
ATOM   112  C CB  . VAL A 1 15 ? -12.592 -3.109  5.707   1.00 108.47 ? 318 VAL E CB  1 
ATOM   113  C CG1 . VAL A 1 15 ? -13.345 -1.872  5.301   1.00 108.47 ? 318 VAL E CG1 1 
ATOM   114  C CG2 . VAL A 1 15 ? -13.564 -4.202  6.074   1.00 108.47 ? 318 VAL E CG2 1 
ATOM   115  N N   . THR A 1 16 ? -10.144 -2.360  3.109   1.00 107.50 ? 319 THR E N   1 
ATOM   116  C CA  . THR A 1 16 ? -8.989  -1.540  2.789   1.00 107.50 ? 319 THR E CA  1 
ATOM   117  C C   . THR A 1 16 ? -9.408  -0.336  1.959   1.00 107.50 ? 319 THR E C   1 
ATOM   118  O O   . THR A 1 16 ? -10.525 -0.262  1.446   1.00 107.50 ? 319 THR E O   1 
ATOM   119  C CB  . THR A 1 16 ? -7.932  -2.355  2.046   1.00 107.50 ? 319 THR E CB  1 
ATOM   120  O OG1 . THR A 1 16 ? -8.488  -2.860  0.827   1.00 107.50 ? 319 THR E OG1 1 
ATOM   121  C CG2 . THR A 1 16 ? -7.452  -3.512  2.897   1.00 107.50 ? 319 THR E CG2 1 
ATOM   122  N N   . SER A 1 17 ? -8.475  0.601   1.819   1.00 103.53 ? 320 SER E N   1 
ATOM   123  C CA  . SER A 1 17 ? -8.701  1.826   1.062   1.00 103.53 ? 320 SER E CA  1 
ATOM   124  C C   . SER A 1 17 ? -7.351  2.446   0.765   1.00 103.53 ? 320 SER E C   1 
ATOM   125  O O   . SER A 1 17 ? -6.567  2.680   1.687   1.00 103.53 ? 320 SER E O   1 
ATOM   126  C CB  . SER A 1 17 ? -9.562  2.803   1.845   1.00 103.53 ? 320 SER E CB  1 
ATOM   127  O OG  . SER A 1 17 ? -8.866  3.261   2.986   1.00 103.53 ? 320 SER E OG  1 
ATOM   128  N N   . LYS A 1 18 ? -7.082  2.723   -0.501  1.00 104.10 ? 321 LYS E N   1 
ATOM   129  C CA  . LYS A 1 18 ? -5.895  3.462   -0.882  1.00 104.10 ? 321 LYS E CA  1 
ATOM   130  C C   . LYS A 1 18 ? -6.290  4.844   -1.379  1.00 104.10 ? 321 LYS E C   1 
ATOM   131  O O   . LYS A 1 18 ? -7.388  5.045   -1.897  1.00 104.10 ? 321 LYS E O   1 
ATOM   132  C CB  . LYS A 1 18 ? -5.109  2.721   -1.959  1.00 104.10 ? 321 LYS E CB  1 
ATOM   133  C CG  . LYS A 1 18 ? -4.645  1.358   -1.516  1.00 104.10 ? 321 LYS E CG  1 
ATOM   134  C CD  . LYS A 1 18 ? -3.832  0.669   -2.590  1.00 104.10 ? 321 LYS E CD  1 
ATOM   135  C CE  . LYS A 1 18 ? -3.426  -0.722  -2.144  1.00 104.10 ? 321 LYS E CE  1 
ATOM   136  N NZ  . LYS A 1 18 ? -4.605  -1.528  -1.723  1.00 104.10 ? 321 LYS E NZ  1 
ATOM   137  N N   . CYS A 1 19 ? -5.389  5.802   -1.201  1.00 106.36 ? 322 CYS E N   1 
ATOM   138  C CA  . CYS A 1 19 ? -5.658  7.174   -1.601  1.00 106.36 ? 322 CYS E CA  1 
ATOM   139  C C   . CYS A 1 19 ? -4.352  7.844   -1.981  1.00 106.36 ? 322 CYS E C   1 
ATOM   140  O O   . CYS A 1 19 ? -3.384  7.789   -1.221  1.00 106.36 ? 322 CYS E O   1 
ATOM   141  C CB  . CYS A 1 19 ? -6.343  7.954   -0.479  1.00 106.36 ? 322 CYS E CB  1 
ATOM   142  S SG  . CYS A 1 19 ? -7.900  8.715   -0.959  1.00 106.36 ? 322 CYS E SG  1 
ATOM   143  N N   . GLY A 1 20 ? -4.337  8.481   -3.146  1.00 106.64 ? 323 GLY E N   1 
ATOM   144  C CA  . GLY A 1 20 ? -3.152  9.158   -3.629  1.00 106.64 ? 323 GLY E CA  1 
ATOM   145  C C   . GLY A 1 20 ? -2.849  10.422  -2.856  1.00 106.64 ? 323 GLY E C   1 
ATOM   146  O O   . GLY A 1 20 ? -1.761  10.570  -2.297  1.00 106.64 ? 323 GLY E O   1 
ATOM   147  N N   . SER A 1 21 ? -3.805  11.342  -2.814  1.00 108.67 ? 324 SER E N   1 
ATOM   148  C CA  . SER A 1 21 ? -3.670  12.539  -2.003  1.00 108.67 ? 324 SER E CA  1 
ATOM   149  C C   . SER A 1 21 ? -5.053  12.956  -1.542  1.00 108.67 ? 324 SER E C   1 
ATOM   150  O O   . SER A 1 21 ? -6.063  12.624  -2.164  1.00 108.67 ? 324 SER E O   1 
ATOM   151  C CB  . SER A 1 21 ? -2.984  13.670  -2.769  1.00 108.67 ? 324 SER E CB  1 
ATOM   152  O OG  . SER A 1 21 ? -2.797  13.321  -4.126  1.00 108.67 ? 324 SER E OG  1 
ATOM   153  N N   . LEU A 1 22 ? -5.096  13.685  -0.430  1.00 111.29 ? 325 LEU E N   1 
ATOM   154  C CA  . LEU A 1 22 ? -6.358  14.198  0.073   1.00 111.29 ? 325 LEU E CA  1 
ATOM   155  C C   . LEU A 1 22 ? -6.664  15.605  -0.403  1.00 111.29 ? 325 LEU E C   1 
ATOM   156  O O   . LEU A 1 22 ? -7.836  15.991  -0.410  1.00 111.29 ? 325 LEU E O   1 
ATOM   157  C CB  . LEU A 1 22 ? -6.394  14.169  1.606   1.00 111.29 ? 325 LEU E CB  1 
ATOM   158  C CG  . LEU A 1 22 ? -6.975  12.901  2.237   1.00 111.29 ? 325 LEU E CG  1 
ATOM   159  C CD1 . LEU A 1 22 ? -8.394  12.709  1.751   1.00 111.29 ? 325 LEU E CD1 1 
ATOM   160  C CD2 . LEU A 1 22 ? -6.151  11.654  1.986   1.00 111.29 ? 325 LEU E CD2 1 
ATOM   161  N N   . GLY A 1 23 ? -5.655  16.370  -0.798  1.00 114.37 ? 326 GLY E N   1 
ATOM   162  C CA  . GLY A 1 23 ? -5.878  17.608  -1.518  1.00 114.37 ? 326 GLY E CA  1 
ATOM   163  C C   . GLY A 1 23 ? -6.404  18.732  -0.646  1.00 114.37 ? 326 GLY E C   1 
ATOM   164  O O   . GLY A 1 23 ? -6.680  18.581  0.541   1.00 114.37 ? 326 GLY E O   1 
ATOM   165  N N   . ASN A 1 24 ? -6.549  19.893  -1.279  1.00 118.27 ? 327 ASN E N   1 
ATOM   166  C CA  . ASN A 1 24 ? -6.950  21.090  -0.560  1.00 118.27 ? 327 ASN E CA  1 
ATOM   167  C C   . ASN A 1 24 ? -8.439  21.063  -0.256  1.00 118.27 ? 327 ASN E C   1 
ATOM   168  O O   . ASN A 1 24 ? -9.269  20.879  -1.149  1.00 118.27 ? 327 ASN E O   1 
ATOM   169  C CB  . ASN A 1 24 ? -6.589  22.333  -1.367  1.00 118.27 ? 327 ASN E CB  1 
ATOM   170  C CG  . ASN A 1 24 ? -6.888  22.179  -2.836  1.00 118.27 ? 327 ASN E CG  1 
ATOM   171  O OD1 . ASN A 1 24 ? -7.377  21.144  -3.277  1.00 118.27 ? 327 ASN E OD1 1 
ATOM   172  N ND2 . ASN A 1 24 ? -6.588  23.213  -3.609  1.00 118.27 ? 327 ASN E ND2 1 
ATOM   173  N N   . ILE A 1 25 ? -8.773  21.232  1.018   1.00 114.37 ? 328 ILE E N   1 
ATOM   174  C CA  . ILE A 1 25 ? -10.150 21.292  1.483   1.00 114.37 ? 328 ILE E CA  1 
ATOM   175  C C   . ILE A 1 25 ? -10.322 22.592  2.248   1.00 114.37 ? 328 ILE E C   1 
ATOM   176  O O   . ILE A 1 25 ? -9.571  22.865  3.189   1.00 114.37 ? 328 ILE E O   1 
ATOM   177  C CB  . ILE A 1 25 ? -10.506 20.090  2.374   1.00 114.37 ? 328 ILE E CB  1 
ATOM   178  C CG1 . ILE A 1 25 ? -10.329 18.787  1.599   1.00 114.37 ? 328 ILE E CG1 1 
ATOM   179  C CG2 . ILE A 1 25 ? -11.920 20.214  2.895   1.00 114.37 ? 328 ILE E CG2 1 
ATOM   180  C CD1 . ILE A 1 25 ? -10.603 17.563  2.413   1.00 114.37 ? 328 ILE E CD1 1 
ATOM   181  N N   . HIS A 1 26 ? -11.299 23.393  1.846   1.00 114.94 ? 329 HIS E N   1 
ATOM   182  C CA  . HIS A 1 26 ? -11.547 24.683  2.474   1.00 114.94 ? 329 HIS E CA  1 
ATOM   183  C C   . HIS A 1 26 ? -12.953 24.674  3.047   1.00 114.94 ? 329 HIS E C   1 
ATOM   184  O O   . HIS A 1 26 ? -13.933 24.625  2.298   1.00 114.94 ? 329 HIS E O   1 
ATOM   185  C CB  . HIS A 1 26 ? -11.367 25.811  1.470   1.00 114.94 ? 329 HIS E CB  1 
ATOM   186  C CG  . HIS A 1 26 ? -10.212 25.604  0.547   1.00 114.94 ? 329 HIS E CG  1 
ATOM   187  N ND1 . HIS A 1 26 ? -8.906  25.787  0.941   1.00 114.94 ? 329 HIS E ND1 1 
ATOM   188  C CD2 . HIS A 1 26 ? -10.165 25.213  -0.747  1.00 114.94 ? 329 HIS E CD2 1 
ATOM   189  C CE1 . HIS A 1 26 ? -8.103  25.527  -0.073  1.00 114.94 ? 329 HIS E CE1 1 
ATOM   190  N NE2 . HIS A 1 26 ? -8.841  25.175  -1.109  1.00 114.94 ? 329 HIS E NE2 1 
ATOM   191  N N   . HIS A 1 27 ? -13.047 24.717  4.367   1.00 118.92 ? 330 HIS E N   1 
ATOM   192  C CA  . HIS A 1 27 ? -14.317 24.764  5.081   1.00 118.92 ? 330 HIS E CA  1 
ATOM   193  C C   . HIS A 1 27 ? -14.471 26.181  5.618   1.00 118.92 ? 330 HIS E C   1 
ATOM   194  O O   . HIS A 1 27 ? -14.083 26.476  6.748   1.00 118.92 ? 330 HIS E O   1 
ATOM   195  C CB  . HIS A 1 27 ? -14.348 23.732  6.195   1.00 118.92 ? 330 HIS E CB  1 
ATOM   196  C CG  . HIS A 1 27 ? -15.609 23.742  6.999   1.00 118.92 ? 330 HIS E CG  1 
ATOM   197  N ND1 . HIS A 1 27 ? -16.742 23.059  6.614   1.00 118.92 ? 330 HIS E ND1 1 
ATOM   198  C CD2 . HIS A 1 27 ? -15.912 24.342  8.172   1.00 118.92 ? 330 HIS E CD2 1 
ATOM   199  C CE1 . HIS A 1 27 ? -17.690 23.242  7.514   1.00 118.92 ? 330 HIS E CE1 1 
ATOM   200  N NE2 . HIS A 1 27 ? -17.213 24.018  8.469   1.00 118.92 ? 330 HIS E NE2 1 
ATOM   201  N N   . LYS A 1 28 ? -15.035 27.065  4.797   1.00 120.10 ? 331 LYS E N   1 
ATOM   202  C CA  . LYS A 1 28 ? -15.164 28.482  5.129   1.00 120.10 ? 331 LYS E CA  1 
ATOM   203  C C   . LYS A 1 28 ? -16.625 28.916  5.062   1.00 120.10 ? 331 LYS E C   1 
ATOM   204  O O   . LYS A 1 28 ? -17.030 29.601  4.115   1.00 120.10 ? 331 LYS E O   1 
ATOM   205  C CB  . LYS A 1 28 ? -14.319 29.336  4.187   1.00 120.10 ? 331 LYS E CB  1 
ATOM   206  C CG  . LYS A 1 28 ? -12.851 28.969  4.174   1.00 120.10 ? 331 LYS E CG  1 
ATOM   207  C CD  . LYS A 1 28 ? -12.068 29.827  3.203   1.00 120.10 ? 331 LYS E CD  1 
ATOM   208  C CE  . LYS A 1 28 ? -12.352 29.431  1.769   1.00 120.10 ? 331 LYS E CE  1 
ATOM   209  N NZ  . LYS A 1 28 ? -11.247 29.844  0.863   1.00 120.10 ? 331 LYS E NZ  1 
ATOM   210  N N   . PRO A 1 29 ? -17.434 28.562  6.054   1.00 123.94 ? 332 PRO E N   1 
ATOM   211  C CA  . PRO A 1 29 ? -18.827 29.011  6.059   1.00 123.94 ? 332 PRO E CA  1 
ATOM   212  C C   . PRO A 1 29 ? -18.937 30.430  6.600   1.00 123.94 ? 332 PRO E C   1 
ATOM   213  O O   . PRO A 1 29 ? -17.947 31.091  6.907   1.00 123.94 ? 332 PRO E O   1 
ATOM   214  C CB  . PRO A 1 29 ? -19.509 28.006  6.985   1.00 123.94 ? 332 PRO E CB  1 
ATOM   215  C CG  . PRO A 1 29 ? -18.464 27.673  7.966   1.00 123.94 ? 332 PRO E CG  1 
ATOM   216  C CD  . PRO A 1 29 ? -17.126 27.789  7.270   1.00 123.94 ? 332 PRO E CD  1 
ATOM   217  N N   . GLY A 1 30 ? -20.173 30.895  6.701   1.00 129.89 ? 333 GLY E N   1 
ATOM   218  C CA  . GLY A 1 30 ? -20.434 32.201  7.263   1.00 129.89 ? 333 GLY E CA  1 
ATOM   219  C C   . GLY A 1 30 ? -20.902 32.128  8.700   1.00 129.89 ? 333 GLY E C   1 
ATOM   220  O O   . GLY A 1 30 ? -21.229 31.066  9.221   1.00 129.89 ? 333 GLY E O   1 
ATOM   221  N N   . GLY A 1 31 ? -20.928 33.287  9.347   1.00 134.03 ? 334 GLY E N   1 
ATOM   222  C CA  . GLY A 1 31 ? -21.393 33.351  10.714  1.00 134.03 ? 334 GLY E CA  1 
ATOM   223  C C   . GLY A 1 31 ? -22.904 33.275  10.800  1.00 134.03 ? 334 GLY E C   1 
ATOM   224  O O   . GLY A 1 31 ? -23.624 33.655  9.881   1.00 134.03 ? 334 GLY E O   1 
ATOM   225  N N   . GLY A 1 32 ? -23.390 32.771  11.934  1.00 135.50 ? 335 GLY E N   1 
ATOM   226  C CA  . GLY A 1 32 ? -24.812 32.606  12.143  1.00 135.50 ? 335 GLY E CA  1 
ATOM   227  C C   . GLY A 1 32 ? -25.220 33.037  13.537  1.00 135.50 ? 335 GLY E C   1 
ATOM   228  O O   . GLY A 1 32 ? -24.380 33.326  14.388  1.00 135.50 ? 335 GLY E O   1 
ATOM   229  N N   . GLN A 1 33 ? -26.531 33.076  13.752  1.00 136.39 ? 336 GLN E N   1 
ATOM   230  C CA  . GLN A 1 33 ? -27.093 33.438  15.042  1.00 136.39 ? 336 GLN E CA  1 
ATOM   231  C C   . GLN A 1 33 ? -28.163 32.431  15.412  1.00 136.39 ? 336 GLN E C   1 
ATOM   232  O O   . GLN A 1 33 ? -29.047 32.129  14.607  1.00 136.39 ? 336 GLN E O   1 
ATOM   233  C CB  . GLN A 1 33 ? -27.698 34.846  15.026  1.00 136.39 ? 336 GLN E CB  1 
ATOM   234  C CG  . GLN A 1 33 ? -26.688 35.964  14.859  1.00 136.39 ? 336 GLN E CG  1 
ATOM   235  C CD  . GLN A 1 33 ? -26.424 36.290  13.406  1.00 136.39 ? 336 GLN E CD  1 
ATOM   236  O OE1 . GLN A 1 33 ? -27.306 36.156  12.559  1.00 136.39 ? 336 GLN E OE1 1 
ATOM   237  N NE2 . GLN A 1 33 ? -25.203 36.717  13.106  1.00 136.39 ? 336 GLN E NE2 1 
ATOM   238  N N   . VAL A 1 34 ? -28.077 31.909  16.629  1.00 138.04 ? 337 VAL E N   1 
ATOM   239  C CA  . VAL A 1 34 ? -29.067 30.985  17.165  1.00 138.04 ? 337 VAL E CA  1 
ATOM   240  C C   . VAL A 1 34 ? -29.593 31.570  18.465  1.00 138.04 ? 337 VAL E C   1 
ATOM   241  O O   . VAL A 1 34 ? -28.809 31.883  19.368  1.00 138.04 ? 337 VAL E O   1 
ATOM   242  C CB  . VAL A 1 34 ? -28.480 29.580  17.393  1.00 138.04 ? 337 VAL E CB  1 
ATOM   243  C CG1 . VAL A 1 34 ? -29.499 28.681  18.053  1.00 138.04 ? 337 VAL E CG1 1 
ATOM   244  C CG2 . VAL A 1 34 ? -28.026 28.979  16.080  1.00 138.04 ? 337 VAL E CG2 1 
ATOM   245  N N   . GLU A 1 35 ? -30.909 31.741  18.552  1.00 138.95 ? 338 GLU E N   1 
ATOM   246  C CA  . GLU A 1 35 ? -31.544 32.351  19.712  1.00 138.95 ? 338 GLU E CA  1 
ATOM   247  C C   . GLU A 1 35 ? -32.711 31.487  20.150  1.00 138.95 ? 338 GLU E C   1 
ATOM   248  O O   . GLU A 1 35 ? -33.742 31.445  19.473  1.00 138.95 ? 338 GLU E O   1 
ATOM   249  C CB  . GLU A 1 35 ? -32.027 33.766  19.401  1.00 138.95 ? 338 GLU E CB  1 
ATOM   250  C CG  . GLU A 1 35 ? -30.929 34.738  19.018  1.00 138.95 ? 338 GLU E CG  1 
ATOM   251  C CD  . GLU A 1 35 ? -31.398 35.772  18.020  1.00 138.95 ? 338 GLU E CD  1 
ATOM   252  O OE1 . GLU A 1 35 ? -32.618 35.829  17.755  1.00 138.95 ? 338 GLU E OE1 1 
ATOM   253  O OE2 . GLU A 1 35 ? -30.550 36.524  17.500  1.00 138.95 ? 338 GLU E OE2 1 
ATOM   254  N N   . VAL A 1 36 ? -32.552 30.806  21.278  1.00 139.55 ? 339 VAL E N   1 
ATOM   255  C CA  . VAL A 1 36 ? -33.607 29.988  21.863  1.00 139.55 ? 339 VAL E CA  1 
ATOM   256  C C   . VAL A 1 36 ? -33.999 30.601  23.199  1.00 139.55 ? 339 VAL E C   1 
ATOM   257  O O   . VAL A 1 36 ? -33.142 30.813  24.063  1.00 139.55 ? 339 VAL E O   1 
ATOM   258  C CB  . VAL A 1 36 ? -33.165 28.524  22.043  1.00 139.55 ? 339 VAL E CB  1 
ATOM   259  C CG1 . VAL A 1 36 ? -34.327 27.680  22.540  1.00 139.55 ? 339 VAL E CG1 1 
ATOM   260  C CG2 . VAL A 1 36 ? -32.633 27.977  20.740  1.00 139.55 ? 339 VAL E CG2 1 
ATOM   261  N N   . LYS A 1 37 ? -35.287 30.882  23.367  1.00 142.08 ? 340 LYS E N   1 
ATOM   262  C CA  . LYS A 1 37 ? -35.806 31.485  24.584  1.00 142.08 ? 340 LYS E CA  1 
ATOM   263  C C   . LYS A 1 37 ? -36.874 30.579  25.171  1.00 142.08 ? 340 LYS E C   1 
ATOM   264  O O   . LYS A 1 37 ? -37.901 30.326  24.537  1.00 142.08 ? 340 LYS E O   1 
ATOM   265  C CB  . LYS A 1 37 ? -36.380 32.879  24.316  1.00 142.08 ? 340 LYS E CB  1 
ATOM   266  C CG  . LYS A 1 37 ? -35.928 33.514  23.006  1.00 142.08 ? 340 LYS E CG  1 
ATOM   267  C CD  . LYS A 1 37 ? -36.207 35.005  22.985  1.00 142.08 ? 340 LYS E CD  1 
ATOM   268  C CE  . LYS A 1 37 ? -36.672 35.476  21.619  1.00 142.08 ? 340 LYS E CE  1 
ATOM   269  N NZ  . LYS A 1 37 ? -35.666 35.166  20.560  1.00 142.08 ? 340 LYS E NZ  1 
ATOM   270  N N   . SER A 1 38 ? -36.618 30.085  26.376  1.00 149.20 ? 341 SER E N   1 
ATOM   271  C CA  . SER A 1 38 ? -37.624 29.356  27.130  1.00 149.20 ? 341 SER E CA  1 
ATOM   272  C C   . SER A 1 38 ? -37.367 29.612  28.607  1.00 149.20 ? 341 SER E C   1 
ATOM   273  O O   . SER A 1 38 ? -36.308 30.113  28.996  1.00 149.20 ? 341 SER E O   1 
ATOM   274  C CB  . SER A 1 38 ? -37.606 27.859  26.804  1.00 149.20 ? 341 SER E CB  1 
ATOM   275  O OG  . SER A 1 38 ? -38.906 27.397  26.477  1.00 149.20 ? 341 SER E OG  1 
ATOM   276  N N   . GLU A 1 39 ? -38.351 29.265  29.444  1.00 152.17 ? 342 GLU E N   1 
ATOM   277  C CA  . GLU A 1 39 ? -38.235 29.555  30.899  1.00 152.17 ? 342 GLU E CA  1 
ATOM   278  C C   . GLU A 1 39 ? -38.253 28.279  31.749  1.00 152.17 ? 342 GLU E C   1 
ATOM   279  O O   . GLU A 1 39 ? -37.396 28.171  32.648  1.00 152.17 ? 342 GLU E O   1 
ATOM   280  C CB  . GLU A 1 39 ? -39.365 30.489  31.340  1.00 30.00  ? 342 GLU E CB  1 
ATOM   281  C CG  . GLU A 1 39 ? -39.285 31.885  30.743  1.00 30.00  ? 342 GLU E CG  1 
ATOM   282  C CD  . GLU A 1 39 ? -40.458 32.757  31.148  1.00 30.00  ? 342 GLU E CD  1 
ATOM   283  O OE1 . GLU A 1 39 ? -41.425 32.224  31.731  1.00 30.00  ? 342 GLU E OE1 1 
ATOM   284  O OE2 . GLU A 1 39 ? -40.415 33.977  30.878  1.00 30.00  ? 342 GLU E OE2 1 
ATOM   285  N N   . LYS A 1 40 ? -39.186 27.359  31.488  1.00 152.72 ? 343 LYS E N   1 
ATOM   286  C CA  . LYS A 1 40 ? -39.292 26.169  32.324  1.00 152.72 ? 343 LYS E CA  1 
ATOM   287  C C   . LYS A 1 40 ? -38.759 24.959  31.575  1.00 152.72 ? 343 LYS E C   1 
ATOM   288  O O   . LYS A 1 40 ? -39.130 24.724  30.422  1.00 152.72 ? 343 LYS E O   1 
ATOM   289  C CB  . LYS A 1 40 ? -40.738 25.914  32.746  1.00 152.72 ? 343 LYS E CB  1 
ATOM   290  C CG  . LYS A 1 40 ? -41.186 26.720  33.946  1.00 152.72 ? 343 LYS E CG  1 
ATOM   291  C CD  . LYS A 1 40 ? -42.523 26.225  34.476  1.00 152.72 ? 343 LYS E CD  1 
ATOM   292  C CE  . LYS A 1 40 ? -42.974 27.050  35.666  1.00 152.72 ? 343 LYS E CE  1 
ATOM   293  N NZ  . LYS A 1 40 ? -43.073 28.493  35.324  1.00 152.72 ? 343 LYS E NZ  1 
ATOM   294  N N   . LEU A 1 41 ? -37.899 24.186  32.242  1.00 153.66 ? 344 LEU E N   1 
ATOM   295  C CA  . LEU A 1 41 ? -37.245 23.019  31.648  1.00 153.66 ? 344 LEU E CA  1 
ATOM   296  C C   . LEU A 1 41 ? -37.226 21.908  32.693  1.00 153.66 ? 344 LEU E C   1 
ATOM   297  O O   . LEU A 1 41 ? -36.322 21.861  33.529  1.00 153.66 ? 344 LEU E O   1 
ATOM   298  C CB  . LEU A 1 41 ? -35.828 23.346  31.188  1.00 153.66 ? 344 LEU E CB  1 
ATOM   299  C CG  . LEU A 1 41 ? -35.567 24.457  30.171  1.00 153.66 ? 344 LEU E CG  1 
ATOM   300  C CD1 . LEU A 1 41 ? -35.229 25.767  30.854  1.00 153.66 ? 344 LEU E CD1 1 
ATOM   301  C CD2 . LEU A 1 41 ? -34.447 24.044  29.241  1.00 153.66 ? 344 LEU E CD2 1 
ATOM   302  N N   . ASP A 1 42 ? -38.209 21.018  32.650  1.00 155.96 ? 345 ASP E N   1 
ATOM   303  C CA  . ASP A 1 42 ? -38.289 19.913  33.600  1.00 155.96 ? 345 ASP E CA  1 
ATOM   304  C C   . ASP A 1 42 ? -37.935 18.633  32.852  1.00 155.96 ? 345 ASP E C   1 
ATOM   305  O O   . ASP A 1 42 ? -38.661 18.213  31.947  1.00 155.96 ? 345 ASP E O   1 
ATOM   306  C CB  . ASP A 1 42 ? -39.670 19.829  34.232  1.00 155.96 ? 345 ASP E CB  1 
ATOM   307  C CG  . ASP A 1 42 ? -39.685 18.963  35.465  1.00 155.96 ? 345 ASP E CG  1 
ATOM   308  O OD1 . ASP A 1 42 ? -39.374 19.480  36.561  1.00 155.96 ? 345 ASP E OD1 1 
ATOM   309  O OD2 . ASP A 1 42 ? -39.999 17.761  35.338  1.00 155.96 ? 345 ASP E OD2 1 
ATOM   310  N N   . PHE A 1 43 ? -36.827 18.010  33.235  1.00 154.20 ? 346 PHE E N   1 
ATOM   311  C CA  . PHE A 1 43 ? -36.321 16.806  32.590  1.00 154.20 ? 346 PHE E CA  1 
ATOM   312  C C   . PHE A 1 43 ? -36.182 15.699  33.623  1.00 154.20 ? 346 PHE E C   1 
ATOM   313  O O   . PHE A 1 43 ? -35.759 15.957  34.754  1.00 154.20 ? 346 PHE E O   1 
ATOM   314  C CB  . PHE A 1 43 ? -34.964 17.069  31.939  1.00 154.20 ? 346 PHE E CB  1 
ATOM   315  C CG  . PHE A 1 43 ? -34.983 18.157  30.915  1.00 154.20 ? 346 PHE E CG  1 
ATOM   316  C CD1 . PHE A 1 43 ? -35.998 18.226  29.978  1.00 154.20 ? 346 PHE E CD1 1 
ATOM   317  C CD2 . PHE A 1 43 ? -33.985 19.112  30.891  1.00 154.20 ? 346 PHE E CD2 1 
ATOM   318  C CE1 . PHE A 1 43 ? -36.013 19.230  29.033  1.00 154.20 ? 346 PHE E CE1 1 
ATOM   319  C CE2 . PHE A 1 43 ? -33.992 20.117  29.949  1.00 154.20 ? 346 PHE E CE2 1 
ATOM   320  C CZ  . PHE A 1 43 ? -35.007 20.176  29.021  1.00 154.20 ? 346 PHE E CZ  1 
ATOM   321  N N   . LYS A 1 44 ? -36.500 14.470  33.220  1.00 155.00 ? 347 LYS E N   1 
ATOM   322  C CA  . LYS A 1 44 ? -36.410 13.315  34.100  1.00 155.00 ? 347 LYS E CA  1 
ATOM   323  C C   . LYS A 1 44 ? -36.291 12.042  33.278  1.00 155.00 ? 347 LYS E C   1 
ATOM   324  O O   . LYS A 1 44 ? -36.652 12.019  32.099  1.00 155.00 ? 347 LYS E O   1 
ATOM   325  C CB  . LYS A 1 44 ? -37.637 13.198  35.014  1.00 155.00 ? 347 LYS E CB  1 
ATOM   326  C CG  . LYS A 1 44 ? -37.458 13.761  36.409  1.00 155.00 ? 347 LYS E CG  1 
ATOM   327  C CD  . LYS A 1 44 ? -38.671 13.469  37.270  1.00 155.00 ? 347 LYS E CD  1 
ATOM   328  C CE  . LYS A 1 44 ? -39.905 14.160  36.727  1.00 155.00 ? 347 LYS E CE  1 
ATOM   329  N NZ  . LYS A 1 44 ? -39.668 15.616  36.556  1.00 155.00 ? 347 LYS E NZ  1 
ATOM   330  N N   . ASP A 1 45 ? -35.790 10.984  33.931  1.00 156.12 ? 348 ASP E N   1 
ATOM   331  C CA  . ASP A 1 45 ? -35.924 9.587   33.504  1.00 156.12 ? 348 ASP E CA  1 
ATOM   332  C C   . ASP A 1 45 ? -35.291 9.333   32.131  1.00 156.12 ? 348 ASP E C   1 
ATOM   333  O O   . ASP A 1 45 ? -35.978 9.122   31.127  1.00 156.12 ? 348 ASP E O   1 
ATOM   334  C CB  . ASP A 1 45 ? -37.395 9.156   33.514  1.00 156.12 ? 348 ASP E CB  1 
ATOM   335  C CG  . ASP A 1 45 ? -37.707 8.187   34.632  1.00 156.12 ? 348 ASP E CG  1 
ATOM   336  O OD1 . ASP A 1 45 ? -37.294 7.011   34.529  1.00 156.12 ? 348 ASP E OD1 1 
ATOM   337  O OD2 . ASP A 1 45 ? -38.362 8.591   35.615  1.00 156.12 ? 348 ASP E OD2 1 
ATOM   338  N N   . ARG A 1 46 ? -33.951 9.414   32.121  1.00 153.33 ? 349 ARG E N   1 
ATOM   339  C CA  . ARG A 1 46 ? -33.095 9.007   30.990  1.00 153.33 ? 349 ARG E CA  1 
ATOM   340  C C   . ARG A 1 46 ? -33.311 9.886   29.757  1.00 153.33 ? 349 ARG E C   1 
ATOM   341  O O   . ARG A 1 46 ? -33.599 9.395   28.667  1.00 153.33 ? 349 ARG E O   1 
ATOM   342  C CB  . ARG A 1 46 ? -33.276 7.527   30.622  1.00 153.33 ? 349 ARG E CB  1 
ATOM   343  C CG  . ARG A 1 46 ? -33.032 6.545   31.740  1.00 153.33 ? 349 ARG E CG  1 
ATOM   344  C CD  . ARG A 1 46 ? -33.459 5.152   31.310  1.00 153.33 ? 349 ARG E CD  1 
ATOM   345  N NE  . ARG A 1 46 ? -32.734 4.117   32.036  1.00 153.33 ? 349 ARG E NE  1 
ATOM   346  C CZ  . ARG A 1 46 ? -32.770 2.826   31.726  1.00 153.33 ? 349 ARG E CZ  1 
ATOM   347  N NH1 . ARG A 1 46 ? -33.503 2.408   30.703  1.00 153.33 ? 349 ARG E NH1 1 
ATOM   348  N NH2 . ARG A 1 46 ? -32.073 1.951   32.439  1.00 153.33 ? 349 ARG E NH2 1 
ATOM   349  N N   . VAL A 1 47 ? -33.168 11.179  29.933  1.00 146.44 ? 350 VAL E N   1 
ATOM   350  C CA  . VAL A 1 47 ? -33.235 12.104  28.809  1.00 146.44 ? 350 VAL E CA  1 
ATOM   351  C C   . VAL A 1 47 ? -31.888 12.785  28.639  1.00 146.44 ? 350 VAL E C   1 
ATOM   352  O O   . VAL A 1 47 ? -31.183 13.063  29.617  1.00 146.44 ? 350 VAL E O   1 
ATOM   353  C CB  . VAL A 1 47 ? -34.360 13.134  29.005  1.00 146.44 ? 350 VAL E CB  1 
ATOM   354  C CG1 . VAL A 1 47 ? -35.707 12.494  28.735  1.00 146.44 ? 350 VAL E CG1 1 
ATOM   355  C CG2 . VAL A 1 47 ? -34.322 13.692  30.410  1.00 146.44 ? 350 VAL E CG2 1 
ATOM   356  N N   . GLN A 1 48 ? -31.568 13.086  27.377  1.00 130.97 ? 351 GLN E N   1 
ATOM   357  C CA  . GLN A 1 48 ? -30.302 13.761  26.988  1.00 130.97 ? 351 GLN E CA  1 
ATOM   358  C C   . GLN A 1 48 ? -30.570 14.581  25.723  1.00 130.97 ? 351 GLN E C   1 
ATOM   359  O O   . GLN A 1 48 ? -30.800 13.963  24.668  1.00 130.97 ? 351 GLN E O   1 
ATOM   360  C CB  . GLN A 1 48 ? -29.228 12.711  26.708  1.00 130.97 ? 351 GLN E CB  1 
ATOM   361  C CG  . GLN A 1 48 ? -29.798 11.338  26.383  1.00 130.97 ? 351 GLN E CG  1 
ATOM   362  C CD  . GLN A 1 48 ? -29.324 10.820  25.048  1.00 130.97 ? 351 GLN E CD  1 
ATOM   363  O OE1 . GLN A 1 48 ? -29.296 9.616   24.802  1.00 130.97 ? 351 GLN E OE1 1 
ATOM   364  N NE2 . GLN A 1 48 ? -28.946 11.733  24.170  1.00 130.97 ? 351 GLN E NE2 1 
ATOM   365  N N   . SER A 1 49 ? -30.545 15.914  25.824  1.00 130.57 ? 352 SER E N   1 
ATOM   366  C CA  . SER A 1 49 ? -30.810 16.738  24.660  1.00 130.57 ? 352 SER E CA  1 
ATOM   367  C C   . SER A 1 49 ? -29.737 17.807  24.547  1.00 130.57 ? 352 SER E C   1 
ATOM   368  O O   . SER A 1 49 ? -28.749 17.813  25.283  1.00 130.57 ? 352 SER E O   1 
ATOM   369  C CB  . SER A 1 49 ? -32.191 17.389  24.738  1.00 130.57 ? 352 SER E CB  1 
ATOM   370  O OG  . SER A 1 49 ? -32.166 18.487  25.630  1.00 130.57 ? 352 SER E OG  1 
ATOM   371  N N   . LYS A 1 50 ? -29.948 18.720  23.607  1.00 128.67 ? 353 LYS E N   1 
ATOM   372  C CA  . LYS A 1 50 ? -29.036 19.835  23.390  1.00 128.67 ? 353 LYS E CA  1 
ATOM   373  C C   . LYS A 1 50 ? -29.869 21.023  22.943  1.00 128.67 ? 353 LYS E C   1 
ATOM   374  O O   . LYS A 1 50 ? -30.666 20.897  22.009  1.00 128.67 ? 353 LYS E O   1 
ATOM   375  C CB  . LYS A 1 50 ? -27.979 19.481  22.345  1.00 128.67 ? 353 LYS E CB  1 
ATOM   376  C CG  . LYS A 1 50 ? -27.325 20.679  21.691  1.00 128.67 ? 353 LYS E CG  1 
ATOM   377  C CD  . LYS A 1 50 ? -26.713 20.311  20.357  1.00 128.67 ? 353 LYS E CD  1 
ATOM   378  C CE  . LYS A 1 50 ? -25.479 19.448  20.524  1.00 128.67 ? 353 LYS E CE  1 
ATOM   379  N NZ  . LYS A 1 50 ? -24.782 19.280  19.222  1.00 128.67 ? 353 LYS E NZ  1 
ATOM   380  N N   . ILE A 1 51 ? -29.696 22.165  23.603  1.00 129.24 ? 354 ILE E N   1 
ATOM   381  C CA  . ILE A 1 51 ? -30.526 23.343  23.371  1.00 129.24 ? 354 ILE E CA  1 
ATOM   382  C C   . ILE A 1 51 ? -29.592 24.466  22.946  1.00 129.24 ? 354 ILE E C   1 
ATOM   383  O O   . ILE A 1 51 ? -28.977 25.132  23.788  1.00 129.24 ? 354 ILE E O   1 
ATOM   384  C CB  . ILE A 1 51 ? -31.349 23.738  24.605  1.00 129.24 ? 354 ILE E CB  1 
ATOM   385  C CG1 . ILE A 1 51 ? -32.289 22.610  25.037  1.00 129.24 ? 354 ILE E CG1 1 
ATOM   386  C CG2 . ILE A 1 51 ? -32.188 24.969  24.320  1.00 129.24 ? 354 ILE E CG2 1 
ATOM   387  C CD1 . ILE A 1 51 ? -31.762 21.737  26.160  1.00 129.24 ? 354 ILE E CD1 1 
ATOM   388  N N   . GLY A 1 52 ? -29.438 24.653  21.641  1.00 127.87 ? 355 GLY E N   1 
ATOM   389  C CA  . GLY A 1 52 ? -28.750 25.820  21.132  1.00 127.87 ? 355 GLY E CA  1 
ATOM   390  C C   . GLY A 1 52 ? -27.272 25.581  20.936  1.00 127.87 ? 355 GLY E C   1 
ATOM   391  O O   . GLY A 1 52 ? -26.528 25.496  21.916  1.00 127.87 ? 355 GLY E O   1 
ATOM   392  N N   . SER A 1 53 ? -26.825 25.501  19.687  1.00 128.27 ? 356 SER E N   1 
ATOM   393  C CA  . SER A 1 53 ? -25.430 25.190  19.409  1.00 128.27 ? 356 SER E CA  1 
ATOM   394  C C   . SER A 1 53 ? -25.087 25.642  18.001  1.00 128.27 ? 356 SER E C   1 
ATOM   395  O O   . SER A 1 53 ? -25.957 26.006  17.209  1.00 128.27 ? 356 SER E O   1 
ATOM   396  C CB  . SER A 1 53 ? -25.147 23.694  19.565  1.00 128.27 ? 356 SER E CB  1 
ATOM   397  O OG  . SER A 1 53 ? -25.801 22.952  18.553  1.00 128.27 ? 356 SER E OG  1 
ATOM   398  N N   . LEU A 1 54 ? -23.796 25.591  17.697  1.00 126.11 ? 357 LEU E N   1 
ATOM   399  C CA  . LEU A 1 54 ? -23.291 25.933  16.375  1.00 126.11 ? 357 LEU E CA  1 
ATOM   400  C C   . LEU A 1 54 ? -21.940 25.256  16.229  1.00 126.11 ? 357 LEU E C   1 
ATOM   401  O O   . LEU A 1 54 ? -21.034 25.516  17.023  1.00 126.11 ? 357 LEU E O   1 
ATOM   402  C CB  . LEU A 1 54 ? -23.168 27.444  16.207  1.00 126.11 ? 357 LEU E CB  1 
ATOM   403  C CG  . LEU A 1 54 ? -22.291 27.935  15.061  1.00 126.11 ? 357 LEU E CG  1 
ATOM   404  C CD1 . LEU A 1 54 ? -22.929 27.611  13.730  1.00 126.11 ? 357 LEU E CD1 1 
ATOM   405  C CD2 . LEU A 1 54 ? -22.051 29.424  15.184  1.00 126.11 ? 357 LEU E CD2 1 
ATOM   406  N N   . ASP A 1 55 ? -21.809 24.382  15.233  1.00 125.35 ? 358 ASP E N   1 
ATOM   407  C CA  . ASP A 1 55 ? -20.633 23.537  15.085  1.00 125.35 ? 358 ASP E CA  1 
ATOM   408  C C   . ASP A 1 55 ? -20.065 23.689  13.686  1.00 125.35 ? 358 ASP E C   1 
ATOM   409  O O   . ASP A 1 55 ? -20.815 23.694  12.708  1.00 125.35 ? 358 ASP E O   1 
ATOM   410  C CB  . ASP A 1 55 ? -20.973 22.064  15.332  1.00 125.35 ? 358 ASP E CB  1 
ATOM   411  C CG  . ASP A 1 55 ? -21.735 21.842  16.625  1.00 125.35 ? 358 ASP E CG  1 
ATOM   412  O OD1 . ASP A 1 55 ? -21.472 22.554  17.614  1.00 125.35 ? 358 ASP E OD1 1 
ATOM   413  O OD2 . ASP A 1 55 ? -22.605 20.948  16.651  1.00 125.35 ? 358 ASP E OD2 1 
ATOM   414  N N   . ASN A 1 56 ? -18.749 23.815  13.589  1.00 121.23 ? 359 ASN E N   1 
ATOM   415  C CA  . ASN A 1 56 ? -18.050 23.735  12.310  1.00 121.23 ? 359 ASN E CA  1 
ATOM   416  C C   . ASN A 1 56 ? -17.101 22.548  12.390  1.00 121.23 ? 359 ASN E C   1 
ATOM   417  O O   . ASN A 1 56 ? -15.909 22.718  12.660  1.00 121.23 ? 359 ASN E O   1 
ATOM   418  C CB  . ASN A 1 56 ? -17.286 25.016  11.995  1.00 121.23 ? 359 ASN E CB  1 
ATOM   419  C CG  . ASN A 1 56 ? -18.173 26.237  11.941  1.00 121.23 ? 359 ASN E CG  1 
ATOM   420  O OD1 . ASN A 1 56 ? -19.395 26.140  11.983  1.00 121.23 ? 359 ASN E OD1 1 
ATOM   421  N ND2 . ASN A 1 56 ? -17.552 27.405  11.822  1.00 121.23 ? 359 ASN E ND2 1 
ATOM   422  N N   . ILE A 1 57 ? -17.616 21.353  12.134  1.00 113.32 ? 360 ILE E N   1 
ATOM   423  C CA  . ILE A 1 57 ? -16.837 20.125  12.219  1.00 113.32 ? 360 ILE E CA  1 
ATOM   424  C C   . ILE A 1 57 ? -16.183 19.865  10.873  1.00 113.32 ? 360 ILE E C   1 
ATOM   425  O O   . ILE A 1 57 ? -16.858 19.846  9.838   1.00 113.32 ? 360 ILE E O   1 
ATOM   426  C CB  . ILE A 1 57 ? -17.717 18.940  12.642  1.00 113.32 ? 360 ILE E CB  1 
ATOM   427  C CG1 . ILE A 1 57 ? -18.225 19.152  14.064  1.00 113.32 ? 360 ILE E CG1 1 
ATOM   428  C CG2 . ILE A 1 57 ? -16.949 17.639  12.543  1.00 113.32 ? 360 ILE E CG2 1 
ATOM   429  C CD1 . ILE A 1 57 ? -19.054 18.009  14.591  1.00 113.32 ? 360 ILE E CD1 1 
ATOM   430  N N   . THR A 1 58 ? -14.869 19.675  10.882  1.00 109.71 ? 361 THR E N   1 
ATOM   431  C CA  . THR A 1 58 ? -14.108 19.300  9.697   1.00 109.71 ? 361 THR E CA  1 
ATOM   432  C C   . THR A 1 58 ? -13.432 17.971  9.999   1.00 109.71 ? 361 THR E C   1 
ATOM   433  O O   . THR A 1 58 ? -12.400 17.931  10.671  1.00 109.71 ? 361 THR E O   1 
ATOM   434  C CB  . THR A 1 58 ? -13.092 20.368  9.340   1.00 109.71 ? 361 THR E CB  1 
ATOM   435  O OG1 . THR A 1 58 ? -13.765 21.621  9.191   1.00 109.71 ? 361 THR E OG1 1 
ATOM   436  C CG2 . THR A 1 58 ? -12.397 20.018  8.048   1.00 109.71 ? 361 THR E CG2 1 
ATOM   437  N N   . HIS A 1 59 ? -14.011 16.891  9.509   1.00 103.63 ? 362 HIS E N   1 
ATOM   438  C CA  . HIS A 1 59 ? -13.553 15.542  9.809   1.00 103.63 ? 362 HIS E CA  1 
ATOM   439  C C   . HIS A 1 59 ? -12.958 14.958  8.537   1.00 103.63 ? 362 HIS E C   1 
ATOM   440  O O   . HIS A 1 59 ? -13.682 14.443  7.685   1.00 103.63 ? 362 HIS E O   1 
ATOM   441  C CB  . HIS A 1 59 ? -14.707 14.697  10.327  1.00 103.63 ? 362 HIS E CB  1 
ATOM   442  C CG  . HIS A 1 59 ? -14.310 13.322  10.749  1.00 103.63 ? 362 HIS E CG  1 
ATOM   443  N ND1 . HIS A 1 59 ? -15.227 12.312  10.935  1.00 103.63 ? 362 HIS E ND1 1 
ATOM   444  C CD2 . HIS A 1 59 ? -13.101 12.787  11.031  1.00 103.63 ? 362 HIS E CD2 1 
ATOM   445  C CE1 . HIS A 1 59 ? -14.600 11.213  11.309  1.00 103.63 ? 362 HIS E CE1 1 
ATOM   446  N NE2 . HIS A 1 59 ? -13.308 11.474  11.374  1.00 103.63 ? 362 HIS E NE2 1 
ATOM   447  N N   . VAL A 1 60 ? -11.638 15.044  8.411   1.00 103.26 ? 363 VAL E N   1 
ATOM   448  C CA  . VAL A 1 60 ? -10.933 14.537  7.237   1.00 103.26 ? 363 VAL E CA  1 
ATOM   449  C C   . VAL A 1 60 ? -9.985  13.423  7.658   1.00 103.26 ? 363 VAL E C   1 
ATOM   450  O O   . VAL A 1 60 ? -8.820  13.697  7.972   1.00 103.26 ? 363 VAL E O   1 
ATOM   451  C CB  . VAL A 1 60 ? -10.154 15.652  6.525   1.00 103.26 ? 363 VAL E CB  1 
ATOM   452  C CG1 . VAL A 1 60 ? -9.665  15.177  5.176   1.00 103.26 ? 363 VAL E CG1 1 
ATOM   453  C CG2 . VAL A 1 60 ? -11.010 16.881  6.364   1.00 103.26 ? 363 VAL E CG2 1 
ATOM   454  N N   . PRO A 1 61 ? -10.421 12.171  7.697   1.00 103.48 ? 364 PRO E N   1 
ATOM   455  C CA  . PRO A 1 61 ? -9.486  11.078  7.947   1.00 103.48 ? 364 PRO E CA  1 
ATOM   456  C C   . PRO A 1 61 ? -8.850  10.575  6.664   1.00 103.48 ? 364 PRO E C   1 
ATOM   457  O O   . PRO A 1 61 ? -9.434  10.620  5.582   1.00 103.48 ? 364 PRO E O   1 
ATOM   458  C CB  . PRO A 1 61 ? -10.382 10.003  8.571   1.00 103.48 ? 364 PRO E CB  1 
ATOM   459  C CG  . PRO A 1 61 ? -11.687 10.226  7.943   1.00 103.48 ? 364 PRO E CG  1 
ATOM   460  C CD  . PRO A 1 61 ? -11.815 11.704  7.707   1.00 103.48 ? 364 PRO E CD  1 
ATOM   461  N N   . GLY A 1 62 ? -7.621  10.093  6.798   1.00 106.53 ? 365 GLY E N   1 
ATOM   462  C CA  . GLY A 1 62 ? -6.944  9.470   5.679   1.00 106.53 ? 365 GLY E CA  1 
ATOM   463  C C   . GLY A 1 62 ? -7.277  7.997   5.596   1.00 106.53 ? 365 GLY E C   1 
ATOM   464  O O   . GLY A 1 62 ? -6.405  7.141   5.751   1.00 106.53 ? 365 GLY E O   1 
ATOM   465  N N   . GLY A 1 63 ? -8.541  7.693   5.336   1.00 107.88 ? 366 GLY E N   1 
ATOM   466  C CA  . GLY A 1 63 ? -9.036  6.342   5.456   1.00 107.88 ? 366 GLY E CA  1 
ATOM   467  C C   . GLY A 1 63 ? -9.837  6.208   6.728   1.00 107.88 ? 366 GLY E C   1 
ATOM   468  O O   . GLY A 1 63 ? -9.274  6.049   7.812   1.00 107.88 ? 366 GLY E O   1 
ATOM   469  N N   . GLY A 1 64 ? -11.155 6.282   6.610   1.00 108.59 ? 367 GLY E N   1 
ATOM   470  C CA  . GLY A 1 64 ? -12.020 6.243   7.768   1.00 108.59 ? 367 GLY E CA  1 
ATOM   471  C C   . GLY A 1 64 ? -12.846 4.980   7.797   1.00 108.59 ? 367 GLY E C   1 
ATOM   472  O O   . GLY A 1 64 ? -14.047 5.020   8.069   1.00 108.59 ? 367 GLY E O   1 
ATOM   473  N N   . ASN A 1 65 ? -12.209 3.856   7.495   1.00 110.44 ? 368 ASN E N   1 
ATOM   474  C CA  . ASN A 1 65 ? -12.919 2.594   7.389   1.00 110.44 ? 368 ASN E CA  1 
ATOM   475  C C   . ASN A 1 65 ? -13.349 2.092   8.758   1.00 110.44 ? 368 ASN E C   1 
ATOM   476  O O   . ASN A 1 65 ? -12.641 2.240   9.753   1.00 110.44 ? 368 ASN E O   1 
ATOM   477  C CB  . ASN A 1 65 ? -12.038 1.557   6.713   1.00 110.44 ? 368 ASN E CB  1 
ATOM   478  C CG  . ASN A 1 65 ? -11.348 2.099   5.494   1.00 110.44 ? 368 ASN E CG  1 
ATOM   479  O OD1 . ASN A 1 65 ? -11.990 2.453   4.512   1.00 110.44 ? 368 ASN E OD1 1 
ATOM   480  N ND2 . ASN A 1 65 ? -10.029 2.179   5.550   1.00 110.44 ? 368 ASN E ND2 1 
ATOM   481  N N   . LYS A 1 66 ? -14.533 1.496   8.796   1.00 111.88 ? 369 LYS E N   1 
ATOM   482  C CA  . LYS A 1 66 ? -15.072 0.896   10.002  1.00 111.88 ? 369 LYS E CA  1 
ATOM   483  C C   . LYS A 1 66 ? -15.402 -0.558  9.731   1.00 111.88 ? 369 LYS E C   1 
ATOM   484  O O   . LYS A 1 66 ? -15.726 -0.937  8.605   1.00 111.88 ? 369 LYS E O   1 
ATOM   485  C CB  . LYS A 1 66 ? -16.340 1.594   10.478  1.00 111.88 ? 369 LYS E CB  1 
ATOM   486  C CG  . LYS A 1 66 ? -16.177 3.042   10.849  1.00 111.88 ? 369 LYS E CG  1 
ATOM   487  C CD  . LYS A 1 66 ? -17.443 3.548   11.508  1.00 111.88 ? 369 LYS E CD  1 
ATOM   488  C CE  . LYS A 1 66 ? -17.431 5.055   11.646  1.00 111.88 ? 369 LYS E CE  1 
ATOM   489  N NZ  . LYS A 1 66 ? -18.632 5.544   12.375  1.00 111.88 ? 369 LYS E NZ  1 
ATOM   490  N N   . LYS A 1 67 ? -15.324 -1.370  10.776  1.00 109.10 ? 370 LYS E N   1 
ATOM   491  C CA  . LYS A 1 67 ? -15.861 -2.720  10.739  1.00 109.10 ? 370 LYS E CA  1 
ATOM   492  C C   . LYS A 1 67 ? -16.476 -2.999  12.095  1.00 109.10 ? 370 LYS E C   1 
ATOM   493  O O   . LYS A 1 67 ? -15.774 -2.993  13.109  1.00 109.10 ? 370 LYS E O   1 
ATOM   494  C CB  . LYS A 1 67 ? -14.796 -3.761  10.415  1.00 109.10 ? 370 LYS E CB  1 
ATOM   495  C CG  . LYS A 1 67 ? -15.292 -5.165  10.663  1.00 109.10 ? 370 LYS E CG  1 
ATOM   496  C CD  . LYS A 1 67 ? -14.393 -6.212  10.063  1.00 109.10 ? 370 LYS E CD  1 
ATOM   497  C CE  . LYS A 1 67 ? -15.073 -7.564  10.114  1.00 109.10 ? 370 LYS E CE  1 
ATOM   498  N NZ  . LYS A 1 67 ? -14.137 -8.681  9.826   1.00 109.10 ? 370 LYS E NZ  1 
ATOM   499  N N   . ILE A 1 68 ? -17.779 -3.225  12.111  1.00 111.77 ? 371 ILE E N   1 
ATOM   500  C CA  . ILE A 1 68 ? -18.523 -3.445  13.337  1.00 111.77 ? 371 ILE E CA  1 
ATOM   501  C C   . ILE A 1 68 ? -19.094 -4.846  13.268  1.00 111.77 ? 371 ILE E C   1 
ATOM   502  O O   . ILE A 1 68 ? -20.043 -5.098  12.519  1.00 111.77 ? 371 ILE E O   1 
ATOM   503  C CB  . ILE A 1 68 ? -19.635 -2.408  13.523  1.00 111.77 ? 371 ILE E CB  1 
ATOM   504  C CG1 . ILE A 1 68 ? -19.043 -1.001  13.523  1.00 111.77 ? 371 ILE E CG1 1 
ATOM   505  C CG2 . ILE A 1 68 ? -20.402 -2.681  14.797  1.00 111.77 ? 371 ILE E CG2 1 
ATOM   506  C CD1 . ILE A 1 68 ? -20.048 0.084   13.794  1.00 111.77 ? 371 ILE E CD1 1 
ATOM   507  N N   . GLU A 1 69 ? -18.515 -5.764  14.027  1.00 121.55 ? 372 GLU E N   1 
ATOM   508  C CA  . GLU A 1 69 ? -19.074 -7.095  14.157  1.00 121.55 ? 372 GLU E CA  1 
ATOM   509  C C   . GLU A 1 69 ? -19.788 -7.238  15.487  1.00 121.55 ? 372 GLU E C   1 
ATOM   510  O O   . GLU A 1 69 ? -19.546 -6.480  16.427  1.00 121.55 ? 372 GLU E O   1 
ATOM   511  C CB  . GLU A 1 69 ? -18.012 -8.179  14.040  1.00 121.55 ? 372 GLU E CB  1 
ATOM   512  C CG  . GLU A 1 69 ? -18.245 -9.085  12.855  1.00 121.55 ? 372 GLU E CG  1 
ATOM   513  C CD  . GLU A 1 69 ? -17.270 -10.228 12.785  1.00 121.55 ? 372 GLU E CD  1 
ATOM   514  O OE1 . GLU A 1 69 ? -17.721 -11.390 12.837  1.00 121.55 ? 372 GLU E OE1 1 
ATOM   515  O OE2 . GLU A 1 69 ? -16.059 -9.978  12.652  1.00 121.55 ? 372 GLU E OE2 1 
ATOM   516  N N   . THR A 1 70 ? -20.673 -8.224  15.553  1.00 121.14 ? 373 THR E N   1 
ATOM   517  C CA  . THR A 1 70 ? -21.423 -8.501  16.772  1.00 121.14 ? 373 THR E CA  1 
ATOM   518  C C   . THR A 1 70 ? -21.772 -9.978  16.772  1.00 121.14 ? 373 THR E C   1 
ATOM   519  O O   . THR A 1 70 ? -22.553 -10.431 15.934  1.00 121.14 ? 373 THR E O   1 
ATOM   520  C CB  . THR A 1 70 ? -22.682 -7.647  16.860  1.00 121.14 ? 373 THR E CB  1 
ATOM   521  O OG1 . THR A 1 70 ? -22.323 -6.267  16.997  1.00 121.14 ? 373 THR E OG1 1 
ATOM   522  C CG2 . THR A 1 70 ? -23.515 -8.061  18.056  1.00 121.14 ? 373 THR E CG2 1 
ATOM   523  N N   . HIS A 1 71 ? -21.188 -10.725 17.695  1.00 119.72 ? 374 HIS E N   1 
ATOM   524  C CA  . HIS A 1 71 ? -21.521 -12.125 17.880  1.00 119.72 ? 374 HIS E CA  1 
ATOM   525  C C   . HIS A 1 71 ? -22.304 -12.275 19.169  1.00 119.72 ? 374 HIS E C   1 
ATOM   526  O O   . HIS A 1 71 ? -21.798 -11.958 20.247  1.00 119.72 ? 374 HIS E O   1 
ATOM   527  C CB  . HIS A 1 71 ? -20.260 -12.977 17.923  1.00 119.72 ? 374 HIS E CB  1 
ATOM   528  C CG  . HIS A 1 71 ? -19.485 -12.962 16.648  1.00 119.72 ? 374 HIS E CG  1 
ATOM   529  N ND1 . HIS A 1 71 ? -19.563 -13.977 15.721  1.00 119.72 ? 374 HIS E ND1 1 
ATOM   530  C CD2 . HIS A 1 71 ? -18.621 -12.054 16.139  1.00 119.72 ? 374 HIS E CD2 1 
ATOM   531  C CE1 . HIS A 1 71 ? -18.778 -13.698 14.699  1.00 119.72 ? 374 HIS E CE1 1 
ATOM   532  N NE2 . HIS A 1 71 ? -18.192 -12.537 14.929  1.00 119.72 ? 374 HIS E NE2 1 
ATOM   533  N N   . LYS A 1 72 ? -23.533 -12.763 19.059  1.00 112.61 ? 375 LYS E N   1 
ATOM   534  C CA  . LYS A 1 72 ? -24.409 -12.883 20.214  1.00 112.61 ? 375 LYS E CA  1 
ATOM   535  C C   . LYS A 1 72 ? -25.005 -14.275 20.235  1.00 112.61 ? 375 LYS E C   1 
ATOM   536  O O   . LYS A 1 72 ? -25.709 -14.663 19.301  1.00 112.61 ? 375 LYS E O   1 
ATOM   537  C CB  . LYS A 1 72 ? -25.513 -11.828 20.177  1.00 112.61 ? 375 LYS E CB  1 
ATOM   538  C CG  . LYS A 1 72 ? -26.593 -12.051 21.205  1.00 112.61 ? 375 LYS E CG  1 
ATOM   539  C CD  . LYS A 1 72 ? -27.275 -10.751 21.572  1.00 112.61 ? 375 LYS E CD  1 
ATOM   540  C CE  . LYS A 1 72 ? -27.924 -10.847 22.937  1.00 112.61 ? 375 LYS E CE  1 
ATOM   541  N NZ  . LYS A 1 72 ? -28.250 -9.507  23.496  1.00 112.61 ? 375 LYS E NZ  1 
ATOM   542  N N   . LEU A 1 73 ? -24.728 -15.021 21.295  1.00 110.05 ? 376 LEU E N   1 
ATOM   543  C CA  . LEU A 1 73 ? -25.256 -16.367 21.469  1.00 110.05 ? 376 LEU E CA  1 
ATOM   544  C C   . LEU A 1 73 ? -26.062 -16.387 22.757  1.00 110.05 ? 376 LEU E C   1 
ATOM   545  O O   . LEU A 1 73 ? -25.493 -16.345 23.851  1.00 110.05 ? 376 LEU E O   1 
ATOM   546  C CB  . LEU A 1 73 ? -24.131 -17.396 21.504  1.00 110.05 ? 376 LEU E CB  1 
ATOM   547  C CG  . LEU A 1 73 ? -24.531 -18.833 21.824  1.00 110.05 ? 376 LEU E CG  1 
ATOM   548  C CD1 . LEU A 1 73 ? -25.524 -19.348 20.813  1.00 110.05 ? 376 LEU E CD1 1 
ATOM   549  C CD2 . LEU A 1 73 ? -23.308 -19.713 21.842  1.00 110.05 ? 376 LEU E CD2 1 
ATOM   550  N N   . THR A 1 74 ? -27.379 -16.438 22.630  1.00 110.19 ? 377 THR E N   1 
ATOM   551  C CA  . THR A 1 74 ? -28.272 -16.454 23.775  1.00 110.19 ? 377 THR E CA  1 
ATOM   552  C C   . THR A 1 74 ? -28.820 -17.858 23.960  1.00 110.19 ? 377 THR E C   1 
ATOM   553  O O   . THR A 1 74 ? -29.333 -18.457 23.012  1.00 110.19 ? 377 THR E O   1 
ATOM   554  C CB  . THR A 1 74 ? -29.414 -15.461 23.583  1.00 110.19 ? 377 THR E CB  1 
ATOM   555  O OG1 . THR A 1 74 ? -28.873 -14.161 23.335  1.00 110.19 ? 377 THR E OG1 1 
ATOM   556  C CG2 . THR A 1 74 ? -30.292 -15.406 24.816  1.00 110.19 ? 377 THR E CG2 1 
ATOM   557  N N   . PHE A 1 75 ? -28.707 -18.379 25.174  1.00 116.21 ? 378 PHE E N   1 
ATOM   558  C CA  . PHE A 1 75 ? -29.206 -19.705 25.497  1.00 116.21 ? 378 PHE E CA  1 
ATOM   559  C C   . PHE A 1 75 ? -30.082 -19.609 26.733  1.00 116.21 ? 378 PHE E C   1 
ATOM   560  O O   . PHE A 1 75 ? -29.656 -19.070 27.757  1.00 116.21 ? 378 PHE E O   1 
ATOM   561  C CB  . PHE A 1 75 ? -28.052 -20.679 25.734  1.00 116.21 ? 378 PHE E CB  1 
ATOM   562  C CG  . PHE A 1 75 ? -28.476 -22.110 25.829  1.00 116.21 ? 378 PHE E CG  1 
ATOM   563  C CD1 . PHE A 1 75 ? -28.604 -22.878 24.691  1.00 116.21 ? 378 PHE E CD1 1 
ATOM   564  C CD2 . PHE A 1 75 ? -28.737 -22.690 27.057  1.00 116.21 ? 378 PHE E CD2 1 
ATOM   565  C CE1 . PHE A 1 75 ? -28.991 -24.198 24.773  1.00 116.21 ? 378 PHE E CE1 1 
ATOM   566  C CE2 . PHE A 1 75 ? -29.129 -24.006 27.146  1.00 116.21 ? 378 PHE E CE2 1 
ATOM   567  C CZ  . PHE A 1 75 ? -29.254 -24.760 26.004  1.00 116.21 ? 378 PHE E CZ  1 
ATOM   568  N N   . ARG A 1 76 ? -31.299 -20.133 26.638  1.00 119.97 ? 379 ARG E N   1 
ATOM   569  C CA  . ARG A 1 76 ? -32.223 -20.162 27.763  1.00 119.97 ? 379 ARG E CA  1 
ATOM   570  C C   . ARG A 1 76 ? -32.657 -21.597 27.991  1.00 119.97 ? 379 ARG E C   1 
ATOM   571  O O   . ARG A 1 76 ? -33.225 -22.219 27.087  1.00 119.97 ? 379 ARG E O   1 
ATOM   572  C CB  . ARG A 1 76 ? -33.439 -19.274 27.508  1.00 119.97 ? 379 ARG E CB  1 
ATOM   573  C CG  . ARG A 1 76 ? -33.098 -17.830 27.233  1.00 119.97 ? 379 ARG E CG  1 
ATOM   574  C CD  . ARG A 1 76 ? -34.319 -16.953 27.379  1.00 119.97 ? 379 ARG E CD  1 
ATOM   575  N NE  . ARG A 1 76 ? -34.030 -15.564 27.046  1.00 119.97 ? 379 ARG E NE  1 
ATOM   576  C CZ  . ARG A 1 76 ? -34.855 -14.552 27.288  1.00 119.97 ? 379 ARG E CZ  1 
ATOM   577  N NH1 . ARG A 1 76 ? -34.511 -13.318 26.949  1.00 119.97 ? 379 ARG E NH1 1 
ATOM   578  N NH2 . ARG A 1 76 ? -36.026 -14.774 27.870  1.00 119.97 ? 379 ARG E NH2 1 
ATOM   579  N N   . GLU A 1 77 ? -32.385 -22.108 29.193  1.00 125.21 ? 380 GLU E N   1 
ATOM   580  C CA  . GLU A 1 77 ? -32.770 -23.446 29.659  1.00 125.21 ? 380 GLU E CA  1 
ATOM   581  C C   . GLU A 1 77 ? -32.280 -24.573 28.752  1.00 125.21 ? 380 GLU E C   1 
ATOM   582  O O   . GLU A 1 77 ? -32.409 -25.749 29.086  1.00 125.21 ? 380 GLU E O   1 
ATOM   583  C CB  . GLU A 1 77 ? -34.292 -23.537 29.829  1.00 125.21 ? 380 GLU E CB  1 
ATOM   584  C CG  . GLU A 1 77 ? -34.897 -22.367 30.591  1.00 125.21 ? 380 GLU E CG  1 
ATOM   585  C CD  . GLU A 1 77 ? -36.409 -22.385 30.589  1.00 125.21 ? 380 GLU E CD  1 
ATOM   586  O OE1 . GLU A 1 77 ? -36.990 -23.483 30.711  1.00 125.21 ? 380 GLU E OE1 1 
ATOM   587  O OE2 . GLU A 1 77 ? -37.018 -21.301 30.464  1.00 125.21 ? 380 GLU E OE2 1 
ATOM   588  N N   . GLY B 1 1  ? 12.385  36.847  -13.153 1.00 132.69 ? 304 GLY F N   1 
ATOM   589  C CA  . GLY B 1 1  ? 11.534  35.677  -13.252 1.00 132.69 ? 304 GLY F CA  1 
ATOM   590  C C   . GLY B 1 1  ? 11.574  34.817  -12.007 1.00 132.69 ? 304 GLY F C   1 
ATOM   591  O O   . GLY B 1 1  ? 12.645  34.431  -11.548 1.00 132.69 ? 304 GLY F O   1 
ATOM   592  N N   . SER B 1 2  ? 10.402  34.519  -11.456 1.00 129.76 ? 305 SER F N   1 
ATOM   593  C CA  . SER B 1 2  ? 10.282  33.720  -10.240 1.00 129.76 ? 305 SER F CA  1 
ATOM   594  C C   . SER B 1 2  ? 9.877   32.306  -10.636 1.00 129.76 ? 305 SER F C   1 
ATOM   595  O O   . SER B 1 2  ? 8.690   31.989  -10.716 1.00 129.76 ? 305 SER F O   1 
ATOM   596  C CB  . SER B 1 2  ? 9.274   34.343  -9.282  1.00 129.76 ? 305 SER F CB  1 
ATOM   597  O OG  . SER B 1 2  ? 7.956   33.945  -9.608  1.00 129.76 ? 305 SER F OG  1 
ATOM   598  N N   . VAL B 1 3  ? 10.866  31.459  -10.877 1.00 121.98 ? 306 VAL F N   1 
ATOM   599  C CA  . VAL B 1 3  ? 10.630  30.072  -11.243 1.00 121.98 ? 306 VAL F CA  1 
ATOM   600  C C   . VAL B 1 3  ? 10.230  29.301  -9.998  1.00 121.98 ? 306 VAL F C   1 
ATOM   601  O O   . VAL B 1 3  ? 10.887  29.400  -8.958  1.00 121.98 ? 306 VAL F O   1 
ATOM   602  C CB  . VAL B 1 3  ? 11.879  29.459  -11.889 1.00 121.98 ? 306 VAL F CB  1 
ATOM   603  C CG1 . VAL B 1 3  ? 11.582  28.066  -12.397 1.00 121.98 ? 306 VAL F CG1 1 
ATOM   604  C CG2 . VAL B 1 3  ? 12.365  30.343  -13.013 1.00 121.98 ? 306 VAL F CG2 1 
ATOM   605  N N   . GLN B 1 4  ? 9.151   28.533  -10.098 1.00 111.55 ? 307 GLN F N   1 
ATOM   606  C CA  . GLN B 1 4  ? 8.650   27.738  -8.987  1.00 111.55 ? 307 GLN F CA  1 
ATOM   607  C C   . GLN B 1 4  ? 8.308   26.354  -9.507  1.00 111.55 ? 307 GLN F C   1 
ATOM   608  O O   . GLN B 1 4  ? 7.398   26.206  -10.325 1.00 111.55 ? 307 GLN F O   1 
ATOM   609  C CB  . GLN B 1 4  ? 7.428   28.397  -8.353  1.00 111.55 ? 307 GLN F CB  1 
ATOM   610  C CG  . GLN B 1 4  ? 6.720   27.539  -7.338  1.00 111.55 ? 307 GLN F CG  1 
ATOM   611  C CD  . GLN B 1 4  ? 5.649   28.304  -6.600  1.00 111.55 ? 307 GLN F CD  1 
ATOM   612  O OE1 . GLN B 1 4  ? 5.591   29.530  -6.669  1.00 111.55 ? 307 GLN F OE1 1 
ATOM   613  N NE2 . GLN B 1 4  ? 4.789   27.585  -5.891  1.00 111.55 ? 307 GLN F NE2 1 
ATOM   614  N N   . ILE B 1 5  ? 9.034   25.347  -9.035  1.00 100.43 ? 308 ILE F N   1 
ATOM   615  C CA  . ILE B 1 5  ? 8.900   23.979  -9.515  1.00 100.43 ? 308 ILE F CA  1 
ATOM   616  C C   . ILE B 1 5  ? 8.517   23.100  -8.340  1.00 100.43 ? 308 ILE F C   1 
ATOM   617  O O   . ILE B 1 5  ? 9.238   23.053  -7.338  1.00 100.43 ? 308 ILE F O   1 
ATOM   618  C CB  . ILE B 1 5  ? 10.196  23.475  -10.158 1.00 100.43 ? 308 ILE F CB  1 
ATOM   619  C CG1 . ILE B 1 5  ? 10.582  24.359  -11.336 1.00 100.43 ? 308 ILE F CG1 1 
ATOM   620  C CG2 . ILE B 1 5  ? 10.042  22.043  -10.598 1.00 100.43 ? 308 ILE F CG2 1 
ATOM   621  C CD1 . ILE B 1 5  ? 11.994  24.150  -11.800 1.00 100.43 ? 308 ILE F CD1 1 
ATOM   622  N N   . VAL B 1 6  ? 7.396   22.401  -8.462  1.00 97.62  ? 309 VAL F N   1 
ATOM   623  C CA  . VAL B 1 6  ? 6.946   21.459  -7.449  1.00 97.62  ? 309 VAL F CA  1 
ATOM   624  C C   . VAL B 1 6  ? 7.016   20.066  -8.047  1.00 97.62  ? 309 VAL F C   1 
ATOM   625  O O   . VAL B 1 6  ? 6.364   19.784  -9.058  1.00 97.62  ? 309 VAL F O   1 
ATOM   626  C CB  . VAL B 1 6  ? 5.526   21.774  -6.963  1.00 97.62  ? 309 VAL F CB  1 
ATOM   627  C CG1 . VAL B 1 6  ? 5.028   20.664  -6.068  1.00 97.62  ? 309 VAL F CG1 1 
ATOM   628  C CG2 . VAL B 1 6  ? 5.515   23.091  -6.227  1.00 97.62  ? 309 VAL F CG2 1 
ATOM   629  N N   . TYR B 1 7  ? 7.800   19.197  -7.424  1.00 100.93 ? 310 TYR F N   1 
ATOM   630  C CA  . TYR B 1 7  ? 8.051   17.846  -7.906  1.00 100.93 ? 310 TYR F CA  1 
ATOM   631  C C   . TYR B 1 7  ? 7.499   16.895  -6.856  1.00 100.93 ? 310 TYR F C   1 
ATOM   632  O O   . TYR B 1 7  ? 8.200   16.528  -5.913  1.00 100.93 ? 310 TYR F O   1 
ATOM   633  C CB  . TYR B 1 7  ? 9.537   17.645  -8.133  1.00 100.93 ? 310 TYR F CB  1 
ATOM   634  C CG  . TYR B 1 7  ? 9.922   16.370  -8.838  1.00 100.93 ? 310 TYR F CG  1 
ATOM   635  C CD1 . TYR B 1 7  ? 10.130  15.200  -8.128  1.00 100.93 ? 310 TYR F CD1 1 
ATOM   636  C CD2 . TYR B 1 7  ? 10.119  16.347  -10.207 1.00 100.93 ? 310 TYR F CD2 1 
ATOM   637  C CE1 . TYR B 1 7  ? 10.490  14.039  -8.761  1.00 100.93 ? 310 TYR F CE1 1 
ATOM   638  C CE2 . TYR B 1 7  ? 10.486  15.187  -10.849 1.00 100.93 ? 310 TYR F CE2 1 
ATOM   639  C CZ  . TYR B 1 7  ? 10.668  14.039  -10.118 1.00 100.93 ? 310 TYR F CZ  1 
ATOM   640  O OH  . TYR B 1 7  ? 11.033  12.879  -10.747 1.00 100.93 ? 310 TYR F OH  1 
ATOM   641  N N   . LYS B 1 8  ? 6.239   16.501  -7.008  1.00 102.30 ? 311 LYS F N   1 
ATOM   642  C CA  . LYS B 1 8  ? 5.581   15.602  -6.061  1.00 102.30 ? 311 LYS F CA  1 
ATOM   643  C C   . LYS B 1 8  ? 4.925   14.435  -6.778  1.00 102.30 ? 311 LYS F C   1 
ATOM   644  O O   . LYS B 1 8  ? 3.706   14.441  -6.997  1.00 102.30 ? 311 LYS F O   1 
ATOM   645  C CB  . LYS B 1 8  ? 4.535   16.347  -5.233  1.00 102.30 ? 311 LYS F CB  1 
ATOM   646  C CG  . LYS B 1 8  ? 5.101   17.289  -4.198  1.00 102.30 ? 311 LYS F CG  1 
ATOM   647  C CD  . LYS B 1 8  ? 4.057   17.634  -3.151  1.00 102.30 ? 311 LYS F CD  1 
ATOM   648  C CE  . LYS B 1 8  ? 2.867   18.348  -3.765  1.00 102.30 ? 311 LYS F CE  1 
ATOM   649  N NZ  . LYS B 1 8  ? 1.908   18.833  -2.733  1.00 102.30 ? 311 LYS F NZ  1 
ATOM   650  N N   . PRO B 1 9  ? 5.685   13.410  -7.152  1.00 102.26 ? 312 PRO F N   1 
ATOM   651  C CA  . PRO B 1 9  ? 5.047   12.183  -7.625  1.00 102.26 ? 312 PRO F CA  1 
ATOM   652  C C   . PRO B 1 9  ? 4.721   11.263  -6.464  1.00 102.26 ? 312 PRO F C   1 
ATOM   653  O O   . PRO B 1 9  ? 5.494   11.125  -5.515  1.00 102.26 ? 312 PRO F O   1 
ATOM   654  C CB  . PRO B 1 9  ? 6.104   11.572  -8.548  1.00 102.26 ? 312 PRO F CB  1 
ATOM   655  C CG  . PRO B 1 9  ? 7.380   12.039  -8.006  1.00 102.26 ? 312 PRO F CG  1 
ATOM   656  C CD  . PRO B 1 9  ? 7.148   13.358  -7.323  1.00 102.26 ? 312 PRO F CD  1 
ATOM   657  N N   . VAL B 1 10 ? 3.555   10.641  -6.531  1.00 105.05 ? 313 VAL F N   1 
ATOM   658  C CA  . VAL B 1 10 ? 3.103   9.712   -5.509  1.00 105.05 ? 313 VAL F CA  1 
ATOM   659  C C   . VAL B 1 10 ? 3.093   8.321   -6.118  1.00 105.05 ? 313 VAL F C   1 
ATOM   660  O O   . VAL B 1 10 ? 2.573   8.125   -7.221  1.00 105.05 ? 313 VAL F O   1 
ATOM   661  C CB  . VAL B 1 10 ? 1.709   10.094  -4.981  1.00 105.05 ? 313 VAL F CB  1 
ATOM   662  C CG1 . VAL B 1 10 ? 1.257   9.123   -3.912  1.00 105.05 ? 313 VAL F CG1 1 
ATOM   663  C CG2 . VAL B 1 10 ? 1.725   11.506  -4.439  1.00 105.05 ? 313 VAL F CG2 1 
ATOM   664  N N   . ASP B 1 11 ? 3.674   7.359   -5.408  1.00 110.23 ? 314 ASP F N   1 
ATOM   665  C CA  . ASP B 1 11 ? 3.922   6.038   -5.972  1.00 110.23 ? 314 ASP F CA  1 
ATOM   666  C C   . ASP B 1 11 ? 3.481   4.971   -4.982  1.00 110.23 ? 314 ASP F C   1 
ATOM   667  O O   . ASP B 1 11 ? 4.038   4.876   -3.887  1.00 110.23 ? 314 ASP F O   1 
ATOM   668  C CB  . ASP B 1 11 ? 5.397   5.874   -6.317  1.00 110.23 ? 314 ASP F CB  1 
ATOM   669  C CG  . ASP B 1 11 ? 5.616   5.655   -7.783  1.00 110.23 ? 314 ASP F CG  1 
ATOM   670  O OD1 . ASP B 1 11 ? 4.616   5.645   -8.526  1.00 110.23 ? 314 ASP F OD1 1 
ATOM   671  O OD2 . ASP B 1 11 ? 6.781   5.503   -8.201  1.00 110.23 ? 314 ASP F OD2 1 
ATOM   672  N N   . LEU B 1 12 ? 2.496   4.160   -5.367  1.00 106.99 ? 315 LEU F N   1 
ATOM   673  C CA  . LEU B 1 12 ? 1.965   3.103   -4.511  1.00 106.99 ? 315 LEU F CA  1 
ATOM   674  C C   . LEU B 1 12 ? 1.956   1.776   -5.270  1.00 106.99 ? 315 LEU F C   1 
ATOM   675  O O   . LEU B 1 12 ? 0.969   1.043   -5.272  1.00 106.99 ? 315 LEU F O   1 
ATOM   676  C CB  . LEU B 1 12 ? 0.560   3.435   -4.025  1.00 106.99 ? 315 LEU F CB  1 
ATOM   677  C CG  . LEU B 1 12 ? 0.321   4.790   -3.370  1.00 106.99 ? 315 LEU F CG  1 
ATOM   678  C CD1 . LEU B 1 12 ? -1.129  4.914   -2.966  1.00 106.99 ? 315 LEU F CD1 1 
ATOM   679  C CD2 . LEU B 1 12 ? 1.216   4.959   -2.166  1.00 106.99 ? 315 LEU F CD2 1 
ATOM   680  N N   . SER B 1 13 ? 3.069   1.456   -5.913  1.00 111.12 ? 316 SER F N   1 
ATOM   681  C CA  . SER B 1 13 ? 3.136   0.324   -6.823  1.00 111.12 ? 316 SER F CA  1 
ATOM   682  C C   . SER B 1 13 ? 3.439   -0.968  -6.079  1.00 111.12 ? 316 SER F C   1 
ATOM   683  O O   . SER B 1 13 ? 4.308   -1.004  -5.207  1.00 111.12 ? 316 SER F O   1 
ATOM   684  C CB  . SER B 1 13 ? 4.206   0.559   -7.885  1.00 111.12 ? 316 SER F CB  1 
ATOM   685  O OG  . SER B 1 13 ? 5.491   0.488   -7.306  1.00 111.12 ? 316 SER F OG  1 
ATOM   686  N N   . LYS B 1 14 ? 2.720   -2.027  -6.438  1.00 116.64 ? 317 LYS F N   1 
ATOM   687  C CA  . LYS B 1 14 ? 3.005   -3.381  -5.979  1.00 116.64 ? 317 LYS F CA  1 
ATOM   688  C C   . LYS B 1 14 ? 3.658   -4.138  -7.124  1.00 116.64 ? 317 LYS F C   1 
ATOM   689  O O   . LYS B 1 14 ? 3.126   -4.162  -8.238  1.00 116.64 ? 317 LYS F O   1 
ATOM   690  C CB  . LYS B 1 14 ? 1.738   -4.107  -5.534  1.00 116.64 ? 317 LYS F CB  1 
ATOM   691  C CG  . LYS B 1 14 ? 0.997   -3.497  -4.370  1.00 116.64 ? 317 LYS F CG  1 
ATOM   692  C CD  . LYS B 1 14 ? -0.284  -4.280  -4.118  1.00 116.64 ? 317 LYS F CD  1 
ATOM   693  C CE  . LYS B 1 14 ? -1.087  -3.708  -2.965  1.00 116.64 ? 317 LYS F CE  1 
ATOM   694  N NZ  . LYS B 1 14 ? -0.947  -4.521  -1.726  1.00 116.64 ? 317 LYS F NZ  1 
ATOM   695  N N   . VAL B 1 15 ? 4.813   -4.741  -6.861  1.00 119.82 ? 318 VAL F N   1 
ATOM   696  C CA  . VAL B 1 15 ? 5.380   -5.733  -7.767  1.00 119.82 ? 318 VAL F CA  1 
ATOM   697  C C   . VAL B 1 15 ? 5.508   -7.035  -6.994  1.00 119.82 ? 318 VAL F C   1 
ATOM   698  O O   . VAL B 1 15 ? 6.511   -7.265  -6.314  1.00 119.82 ? 318 VAL F O   1 
ATOM   699  C CB  . VAL B 1 15 ? 6.741   -5.298  -8.332  1.00 119.82 ? 318 VAL F CB  1 
ATOM   700  C CG1 . VAL B 1 15 ? 7.179   -6.253  -9.407  1.00 119.82 ? 318 VAL F CG1 1 
ATOM   701  C CG2 . VAL B 1 15 ? 6.665   -3.899  -8.890  1.00 119.82 ? 318 VAL F CG2 1 
ATOM   702  N N   . THR B 1 16 ? 4.496   -7.884  -7.077  1.00 129.18 ? 319 THR F N   1 
ATOM   703  C CA  . THR B 1 16 ? 4.436   -9.097  -6.280  1.00 129.18 ? 319 THR F CA  1 
ATOM   704  C C   . THR B 1 16 ? 4.440   -10.322 -7.179  1.00 129.18 ? 319 THR F C   1 
ATOM   705  O O   . THR B 1 16 ? 4.258   -10.234 -8.395  1.00 129.18 ? 319 THR F O   1 
ATOM   706  C CB  . THR B 1 16 ? 3.197   -9.098  -5.386  1.00 129.18 ? 319 THR F CB  1 
ATOM   707  O OG1 . THR B 1 16 ? 2.021   -9.026  -6.199  1.00 129.18 ? 319 THR F OG1 1 
ATOM   708  C CG2 . THR B 1 16 ? 3.223   -7.923  -4.432  1.00 129.18 ? 319 THR F CG2 1 
ATOM   709  N N   . SER B 1 17 ? 4.631   -11.479 -6.552  1.00 136.15 ? 320 SER F N   1 
ATOM   710  C CA  . SER B 1 17 ? 4.671   -12.756 -7.255  1.00 136.15 ? 320 SER F CA  1 
ATOM   711  C C   . SER B 1 17 ? 4.490   -13.858 -6.230  1.00 136.15 ? 320 SER F C   1 
ATOM   712  O O   . SER B 1 17 ? 5.235   -13.912 -5.250  1.00 136.15 ? 320 SER F O   1 
ATOM   713  C CB  . SER B 1 17 ? 5.990   -12.937 -7.987  1.00 136.15 ? 320 SER F CB  1 
ATOM   714  O OG  . SER B 1 17 ? 7.050   -13.054 -7.061  1.00 136.15 ? 320 SER F OG  1 
ATOM   715  N N   . LYS B 1 18 ? 3.525   -14.733 -6.455  1.00 138.55 ? 321 LYS F N   1 
ATOM   716  C CA  . LYS B 1 18 ? 3.365   -15.917 -5.631  1.00 138.55 ? 321 LYS F CA  1 
ATOM   717  C C   . LYS B 1 18 ? 3.734   -17.153 -6.436  1.00 138.55 ? 321 LYS F C   1 
ATOM   718  O O   . LYS B 1 18 ? 3.609   -17.178 -7.660  1.00 138.55 ? 321 LYS F O   1 
ATOM   719  C CB  . LYS B 1 18 ? 1.936   -16.035 -5.112  1.00 138.55 ? 321 LYS F CB  1 
ATOM   720  C CG  . LYS B 1 18 ? 1.517   -14.861 -4.265  1.00 138.55 ? 321 LYS F CG  1 
ATOM   721  C CD  . LYS B 1 18 ? 0.112   -15.032 -3.731  1.00 138.55 ? 321 LYS F CD  1 
ATOM   722  C CE  . LYS B 1 18 ? -0.308  -13.813 -2.932  1.00 138.55 ? 321 LYS F CE  1 
ATOM   723  N NZ  . LYS B 1 18 ? -0.150  -12.560 -3.720  1.00 138.55 ? 321 LYS F NZ  1 
ATOM   724  N N   . CYS B 1 19 ? 4.208   -18.177 -5.737  1.00 142.98 ? 322 CYS F N   1 
ATOM   725  C CA  . CYS B 1 19 ? 4.631   -19.406 -6.391  1.00 142.98 ? 322 CYS F CA  1 
ATOM   726  C C   . CYS B 1 19 ? 4.415   -20.570 -5.445  1.00 142.98 ? 322 CYS F C   1 
ATOM   727  O O   . CYS B 1 19 ? 4.842   -20.517 -4.290  1.00 142.98 ? 322 CYS F O   1 
ATOM   728  C CB  . CYS B 1 19 ? 6.099   -19.333 -6.810  1.00 142.98 ? 322 CYS F CB  1 
ATOM   729  S SG  . CYS B 1 19 ? 6.380   -19.653 -8.557  1.00 142.98 ? 322 CYS F SG  1 
ATOM   730  N N   . GLY B 1 20 ? 3.765   -21.617 -5.942  1.00 144.64 ? 323 GLY F N   1 
ATOM   731  C CA  . GLY B 1 20 ? 3.489   -22.791 -5.142  1.00 144.64 ? 323 GLY F CA  1 
ATOM   732  C C   . GLY B 1 20 ? 4.730   -23.607 -4.861  1.00 144.64 ? 323 GLY F C   1 
ATOM   733  O O   . GLY B 1 20 ? 5.071   -23.852 -3.702  1.00 144.64 ? 323 GLY F O   1 
ATOM   734  N N   . SER B 1 21 ? 5.418   -24.034 -5.913  1.00 144.20 ? 324 SER F N   1 
ATOM   735  C CA  . SER B 1 21 ? 6.688   -24.721 -5.760  1.00 144.20 ? 324 SER F CA  1 
ATOM   736  C C   . SER B 1 21 ? 7.547   -24.401 -6.970  1.00 144.20 ? 324 SER F C   1 
ATOM   737  O O   . SER B 1 21 ? 7.043   -24.058 -8.039  1.00 144.20 ? 324 SER F O   1 
ATOM   738  C CB  . SER B 1 21 ? 6.502   -26.231 -5.605  1.00 144.20 ? 324 SER F CB  1 
ATOM   739  O OG  . SER B 1 21 ? 5.151   -26.598 -5.810  1.00 144.20 ? 324 SER F OG  1 
ATOM   740  N N   . LEU B 1 22 ? 8.861   -24.507 -6.788  1.00 140.85 ? 325 LEU F N   1 
ATOM   741  C CA  . LEU B 1 22 ? 9.781   -24.290 -7.890  1.00 140.85 ? 325 LEU F CA  1 
ATOM   742  C C   . LEU B 1 22 ? 10.163  -25.568 -8.611  1.00 140.85 ? 325 LEU F C   1 
ATOM   743  O O   . LEU B 1 22 ? 10.576  -25.498 -9.772  1.00 140.85 ? 325 LEU F O   1 
ATOM   744  C CB  . LEU B 1 22 ? 11.054  -23.582 -7.414  1.00 140.85 ? 325 LEU F CB  1 
ATOM   745  C CG  . LEU B 1 22 ? 11.039  -22.053 -7.490  1.00 140.85 ? 325 LEU F CG  1 
ATOM   746  C CD1 . LEU B 1 22 ? 10.797  -21.628 -8.920  1.00 140.85 ? 325 LEU F CD1 1 
ATOM   747  C CD2 . LEU B 1 22 ? 10.031  -21.402 -6.562  1.00 140.85 ? 325 LEU F CD2 1 
ATOM   748  N N   . GLY B 1 23 ? 10.040  -26.718 -7.962  1.00 140.98 ? 326 GLY F N   1 
ATOM   749  C CA  . GLY B 1 23 ? 10.117  -27.990 -8.653  1.00 140.98 ? 326 GLY F CA  1 
ATOM   750  C C   . GLY B 1 23 ? 11.524  -28.369 -9.075  1.00 140.98 ? 326 GLY F C   1 
ATOM   751  O O   . GLY B 1 23 ? 12.490  -27.628 -8.910  1.00 140.98 ? 326 GLY F O   1 
ATOM   752  N N   . ASN B 1 24 ? 11.619  -29.564 -9.650  1.00 135.27 ? 327 ASN F N   1 
ATOM   753  C CA  . ASN B 1 24 ? 12.912  -30.113 -10.023 1.00 135.27 ? 327 ASN F CA  1 
ATOM   754  C C   . ASN B 1 24 ? 13.430  -29.456 -11.292 1.00 135.27 ? 327 ASN F C   1 
ATOM   755  O O   . ASN B 1 24 ? 12.743  -29.414 -12.314 1.00 135.27 ? 327 ASN F O   1 
ATOM   756  C CB  . ASN B 1 24 ? 12.809  -31.623 -10.203 1.00 135.27 ? 327 ASN F CB  1 
ATOM   757  C CG  . ASN B 1 24 ? 11.558  -32.038 -10.932 1.00 135.27 ? 327 ASN F CG  1 
ATOM   758  O OD1 . ASN B 1 24 ? 10.747  -31.204 -11.322 1.00 135.27 ? 327 ASN F OD1 1 
ATOM   759  N ND2 . ASN B 1 24 ? 11.387  -33.340 -11.116 1.00 135.27 ? 327 ASN F ND2 1 
ATOM   760  N N   . ILE B 1 25 ? 14.646  -28.926 -11.214 1.00 129.15 ? 328 ILE F N   1 
ATOM   761  C CA  . ILE B 1 25 ? 15.321  -28.308 -12.344 1.00 129.15 ? 328 ILE F CA  1 
ATOM   762  C C   . ILE B 1 25 ? 16.663  -28.999 -12.511 1.00 129.15 ? 328 ILE F C   1 
ATOM   763  O O   . ILE B 1 25 ? 17.451  -29.067 -11.564 1.00 129.15 ? 328 ILE F O   1 
ATOM   764  C CB  . ILE B 1 25 ? 15.514  -26.796 -12.139 1.00 129.15 ? 328 ILE F CB  1 
ATOM   765  C CG1 . ILE B 1 25 ? 14.162  -26.109 -11.972 1.00 129.15 ? 328 ILE F CG1 1 
ATOM   766  C CG2 . ILE B 1 25 ? 16.278  -26.195 -13.298 1.00 129.15 ? 328 ILE F CG2 1 
ATOM   767  C CD1 . ILE B 1 25 ? 14.264  -24.640 -11.712 1.00 129.15 ? 328 ILE F CD1 1 
ATOM   768  N N   . HIS B 1 26 ? 16.923  -29.513 -13.705 1.00 127.48 ? 329 HIS F N   1 
ATOM   769  C CA  . HIS B 1 26 ? 18.158  -30.230 -13.987 1.00 127.48 ? 329 HIS F CA  1 
ATOM   770  C C   . HIS B 1 26 ? 18.895  -29.498 -15.093 1.00 127.48 ? 329 HIS F C   1 
ATOM   771  O O   . HIS B 1 26 ? 18.428  -29.455 -16.234 1.00 127.48 ? 329 HIS F O   1 
ATOM   772  C CB  . HIS B 1 26 ? 17.867  -31.671 -14.376 1.00 127.48 ? 329 HIS F CB  1 
ATOM   773  C CG  . HIS B 1 26 ? 16.772  -32.290 -13.571 1.00 127.48 ? 329 HIS F CG  1 
ATOM   774  N ND1 . HIS B 1 26 ? 16.953  -32.711 -12.273 1.00 127.48 ? 329 HIS F ND1 1 
ATOM   775  C CD2 . HIS B 1 26 ? 15.480  -32.548 -13.876 1.00 127.48 ? 329 HIS F CD2 1 
ATOM   776  C CE1 . HIS B 1 26 ? 15.820  -33.210 -11.814 1.00 127.48 ? 329 HIS F CE1 1 
ATOM   777  N NE2 . HIS B 1 26 ? 14.909  -33.122 -12.766 1.00 127.48 ? 329 HIS F NE2 1 
ATOM   778  N N   . HIS B 1 27 ? 20.040  -28.924 -14.754 1.00 131.55 ? 330 HIS F N   1 
ATOM   779  C CA  . HIS B 1 27 ? 20.898  -28.222 -15.701 1.00 131.55 ? 330 HIS F CA  1 
ATOM   780  C C   . HIS B 1 27 ? 22.106  -29.117 -15.949 1.00 131.55 ? 330 HIS F C   1 
ATOM   781  O O   . HIS B 1 27 ? 23.131  -28.998 -15.280 1.00 131.55 ? 330 HIS F O   1 
ATOM   782  C CB  . HIS B 1 27 ? 21.303  -26.864 -15.157 1.00 131.55 ? 330 HIS F CB  1 
ATOM   783  C CG  . HIS B 1 27 ? 22.216  -26.096 -16.059 1.00 131.55 ? 330 HIS F CG  1 
ATOM   784  N ND1 . HIS B 1 27 ? 21.755  -25.313 -17.093 1.00 131.55 ? 330 HIS F ND1 1 
ATOM   785  C CD2 . HIS B 1 27 ? 23.564  -25.979 -16.072 1.00 131.55 ? 330 HIS F CD2 1 
ATOM   786  C CE1 . HIS B 1 27 ? 22.779  -24.752 -17.709 1.00 131.55 ? 330 HIS F CE1 1 
ATOM   787  N NE2 . HIS B 1 27 ? 23.888  -25.141 -17.110 1.00 131.55 ? 330 HIS F NE2 1 
ATOM   788  N N   . LYS B 1 28 ? 21.980  -30.024 -16.917 1.00 127.72 ? 331 LYS F N   1 
ATOM   789  C CA  . LYS B 1 28 ? 23.011  -31.016 -17.211 1.00 127.72 ? 331 LYS F CA  1 
ATOM   790  C C   . LYS B 1 28 ? 23.451  -30.915 -18.667 1.00 127.72 ? 331 LYS F C   1 
ATOM   791  O O   . LYS B 1 28 ? 23.088  -31.765 -19.490 1.00 127.72 ? 331 LYS F O   1 
ATOM   792  C CB  . LYS B 1 28 ? 22.506  -32.425 -16.910 1.00 127.72 ? 331 LYS F CB  1 
ATOM   793  C CG  . LYS B 1 28 ? 22.031  -32.619 -15.487 1.00 127.72 ? 331 LYS F CG  1 
ATOM   794  C CD  . LYS B 1 28 ? 21.516  -34.024 -15.255 1.00 127.72 ? 331 LYS F CD  1 
ATOM   795  C CE  . LYS B 1 28 ? 20.166  -34.225 -15.909 1.00 127.72 ? 331 LYS F CE  1 
ATOM   796  N NZ  . LYS B 1 28 ? 19.414  -35.339 -15.271 1.00 127.72 ? 331 LYS F NZ  1 
ATOM   797  N N   . PRO B 1 29 ? 24.251  -29.913 -19.017 1.00 132.66 ? 332 PRO F N   1 
ATOM   798  C CA  . PRO B 1 29 ? 24.745  -29.816 -20.390 1.00 132.66 ? 332 PRO F CA  1 
ATOM   799  C C   . PRO B 1 29 ? 25.949  -30.723 -20.598 1.00 132.66 ? 332 PRO F C   1 
ATOM   800  O O   . PRO B 1 29 ? 26.362  -31.474 -19.716 1.00 132.66 ? 332 PRO F O   1 
ATOM   801  C CB  . PRO B 1 29 ? 25.129  -28.343 -20.515 1.00 132.66 ? 332 PRO F CB  1 
ATOM   802  C CG  . PRO B 1 29 ? 25.584  -27.987 -19.161 1.00 132.66 ? 332 PRO F CG  1 
ATOM   803  C CD  . PRO B 1 29 ? 24.810  -28.839 -18.178 1.00 132.66 ? 332 PRO F CD  1 
ATOM   804  N N   . GLY B 1 30 ? 26.504  -30.651 -21.799 1.00 135.61 ? 333 GLY F N   1 
ATOM   805  C CA  . GLY B 1 30 ? 27.696  -31.406 -22.116 1.00 135.61 ? 333 GLY F CA  1 
ATOM   806  C C   . GLY B 1 30 ? 28.947  -30.557 -22.060 1.00 135.61 ? 333 GLY F C   1 
ATOM   807  O O   . GLY B 1 30 ? 28.898  -29.334 -21.979 1.00 135.61 ? 333 GLY F O   1 
ATOM   808  N N   . GLY B 1 31 ? 30.091  -31.232 -22.103 1.00 137.60 ? 334 GLY F N   1 
ATOM   809  C CA  . GLY B 1 31 ? 31.354  -30.529 -22.095 1.00 137.60 ? 334 GLY F CA  1 
ATOM   810  C C   . GLY B 1 31 ? 31.670  -29.919 -23.447 1.00 137.60 ? 334 GLY F C   1 
ATOM   811  O O   . GLY B 1 31 ? 31.230  -30.396 -24.490 1.00 137.60 ? 334 GLY F O   1 
ATOM   812  N N   . GLY B 1 32 ? 32.449  -28.839 -23.421 1.00 140.85 ? 335 GLY F N   1 
ATOM   813  C CA  . GLY B 1 32 ? 32.803  -28.132 -24.632 1.00 140.85 ? 335 GLY F CA  1 
ATOM   814  C C   . GLY B 1 32 ? 34.268  -27.742 -24.636 1.00 140.85 ? 335 GLY F C   1 
ATOM   815  O O   . GLY B 1 32 ? 34.972  -27.893 -23.639 1.00 140.85 ? 335 GLY F O   1 
ATOM   816  N N   . GLN B 1 33 ? 34.712  -27.239 -25.783 1.00 145.16 ? 336 GLN F N   1 
ATOM   817  C CA  . GLN B 1 33 ? 36.082  -26.787 -25.951 1.00 145.16 ? 336 GLN F CA  1 
ATOM   818  C C   . GLN B 1 33 ? 36.072  -25.425 -26.616 1.00 145.16 ? 336 GLN F C   1 
ATOM   819  O O   . GLN B 1 33 ? 35.409  -25.228 -27.635 1.00 145.16 ? 336 GLN F O   1 
ATOM   820  C CB  . GLN B 1 33 ? 36.908  -27.763 -26.795 1.00 145.16 ? 336 GLN F CB  1 
ATOM   821  C CG  . GLN B 1 33 ? 37.155  -29.108 -26.141 1.00 145.16 ? 336 GLN F CG  1 
ATOM   822  C CD  . GLN B 1 33 ? 36.058  -30.106 -26.441 1.00 145.16 ? 336 GLN F CD  1 
ATOM   823  O OE1 . GLN B 1 33 ? 35.445  -30.069 -27.507 1.00 145.16 ? 336 GLN F OE1 1 
ATOM   824  N NE2 . GLN B 1 33 ? 35.799  -31.005 -25.498 1.00 145.16 ? 336 GLN F NE2 1 
ATOM   825  N N   . VAL B 1 34 ? 36.805  -24.485 -26.031 1.00 149.55 ? 337 VAL F N   1 
ATOM   826  C CA  . VAL B 1 34 ? 36.963  -23.147 -26.585 1.00 149.55 ? 337 VAL F CA  1 
ATOM   827  C C   . VAL B 1 34 ? 38.450  -22.888 -26.757 1.00 149.55 ? 337 VAL F C   1 
ATOM   828  O O   . VAL B 1 34 ? 39.220  -23.017 -25.801 1.00 149.55 ? 337 VAL F O   1 
ATOM   829  C CB  . VAL B 1 34 ? 36.320  -22.073 -25.686 1.00 149.55 ? 337 VAL F CB  1 
ATOM   830  C CG1 . VAL B 1 34 ? 36.599  -20.691 -26.230 1.00 149.55 ? 337 VAL F CG1 1 
ATOM   831  C CG2 . VAL B 1 34 ? 34.828  -22.301 -25.579 1.00 149.55 ? 337 VAL F CG2 1 
ATOM   832  N N   . GLU B 1 35 ? 38.856  -22.548 -27.979 1.00 153.55 ? 338 GLU F N   1 
ATOM   833  C CA  . GLU B 1 35 ? 40.260  -22.335 -28.305 1.00 153.55 ? 338 GLU F CA  1 
ATOM   834  C C   . GLU B 1 35 ? 40.398  -21.030 -29.066 1.00 153.55 ? 338 GLU F C   1 
ATOM   835  O O   . GLU B 1 35 ? 40.002  -20.945 -30.232 1.00 153.55 ? 338 GLU F O   1 
ATOM   836  C CB  . GLU B 1 35 ? 40.818  -23.488 -29.136 1.00 153.55 ? 338 GLU F CB  1 
ATOM   837  C CG  . GLU B 1 35 ? 40.794  -24.837 -28.443 1.00 153.55 ? 338 GLU F CG  1 
ATOM   838  C CD  . GLU B 1 35 ? 40.579  -25.977 -29.411 1.00 153.55 ? 338 GLU F CD  1 
ATOM   839  O OE1 . GLU B 1 35 ? 40.614  -25.731 -30.634 1.00 153.55 ? 338 GLU F OE1 1 
ATOM   840  O OE2 . GLU B 1 35 ? 40.374  -27.118 -28.950 1.00 153.55 ? 338 GLU F OE2 1 
ATOM   841  N N   . VAL B 1 36 ? 40.962  -20.021 -28.412 1.00 158.82 ? 339 VAL F N   1 
ATOM   842  C CA  . VAL B 1 36 ? 41.227  -18.729 -29.029 1.00 158.82 ? 339 VAL F CA  1 
ATOM   843  C C   . VAL B 1 36 ? 42.732  -18.522 -29.073 1.00 158.82 ? 339 VAL F C   1 
ATOM   844  O O   . VAL B 1 36 ? 43.405  -18.609 -28.041 1.00 158.82 ? 339 VAL F O   1 
ATOM   845  C CB  . VAL B 1 36 ? 40.541  -17.579 -28.270 1.00 158.82 ? 339 VAL F CB  1 
ATOM   846  C CG1 . VAL B 1 36 ? 40.739  -16.266 -29.010 1.00 158.82 ? 339 VAL F CG1 1 
ATOM   847  C CG2 . VAL B 1 36 ? 39.069  -17.873 -28.098 1.00 158.82 ? 339 VAL F CG2 1 
ATOM   848  N N   . LYS B 1 37 ? 43.259  -18.250 -30.263 1.00 163.92 ? 340 LYS F N   1 
ATOM   849  C CA  . LYS B 1 37 ? 44.684  -18.043 -30.464 1.00 163.92 ? 340 LYS F CA  1 
ATOM   850  C C   . LYS B 1 37 ? 44.908  -16.672 -31.074 1.00 163.92 ? 340 LYS F C   1 
ATOM   851  O O   . LYS B 1 37 ? 44.438  -16.394 -32.181 1.00 163.92 ? 340 LYS F O   1 
ATOM   852  C CB  . LYS B 1 37 ? 45.286  -19.131 -31.360 1.00 163.92 ? 340 LYS F CB  1 
ATOM   853  C CG  . LYS B 1 37 ? 44.433  -20.386 -31.500 1.00 163.92 ? 340 LYS F CG  1 
ATOM   854  C CD  . LYS B 1 37 ? 45.235  -21.543 -32.063 1.00 163.92 ? 340 LYS F CD  1 
ATOM   855  C CE  . LYS B 1 37 ? 44.422  -22.378 -33.036 1.00 163.92 ? 340 LYS F CE  1 
ATOM   856  N NZ  . LYS B 1 37 ? 43.189  -22.923 -32.393 1.00 163.92 ? 340 LYS F NZ  1 
ATOM   857  N N   . SER B 1 38 ? 45.613  -15.819 -30.344 1.00 175.20 ? 341 SER F N   1 
ATOM   858  C CA  . SER B 1 38 ? 46.057  -14.542 -30.878 1.00 175.20 ? 341 SER F CA  1 
ATOM   859  C C   . SER B 1 38 ? 47.376  -14.195 -30.205 1.00 175.20 ? 341 SER F C   1 
ATOM   860  O O   . SER B 1 38 ? 47.763  -14.798 -29.201 1.00 175.20 ? 341 SER F O   1 
ATOM   861  C CB  . SER B 1 38 ? 45.010  -13.443 -30.670 1.00 175.20 ? 341 SER F CB  1 
ATOM   862  O OG  . SER B 1 38 ? 44.740  -12.764 -31.884 1.00 175.20 ? 341 SER F OG  1 
ATOM   863  N N   . GLU B 1 39 ? 48.083  -13.204 -30.758 1.00 180.62 ? 342 GLU F N   1 
ATOM   864  C CA  . GLU B 1 39 ? 49.416  -12.849 -30.202 1.00 180.62 ? 342 GLU F CA  1 
ATOM   865  C C   . GLU B 1 39 ? 49.459  -11.401 -29.698 1.00 180.62 ? 342 GLU F C   1 
ATOM   866  O O   . GLU B 1 39 ? 49.956  -11.193 -28.574 1.00 180.62 ? 342 GLU F O   1 
ATOM   867  C CB  . GLU B 1 39 ? 50.505  -13.071 -31.252 1.00 180.62 ? 342 GLU F CB  1 
ATOM   868  C CG  . GLU B 1 39 ? 50.268  -14.291 -32.122 1.00 180.62 ? 342 GLU F CG  1 
ATOM   869  C CD  . GLU B 1 39 ? 51.526  -14.854 -32.760 1.00 180.62 ? 342 GLU F CD  1 
ATOM   870  O OE1 . GLU B 1 39 ? 51.401  -15.715 -33.653 1.00 180.62 ? 342 GLU F OE1 1 
ATOM   871  O OE2 . GLU B 1 39 ? 52.628  -14.428 -32.361 1.00 180.62 ? 342 GLU F OE2 1 
ATOM   872  N N   . LYS B 1 40 ? 48.965  -10.442 -30.487 1.00 184.99 ? 343 LYS F N   1 
ATOM   873  C CA  . LYS B 1 40 ? 49.070  -9.048  -30.073 1.00 184.99 ? 343 LYS F CA  1 
ATOM   874  C C   . LYS B 1 40 ? 47.721  -8.547  -29.585 1.00 184.99 ? 343 LYS F C   1 
ATOM   875  O O   . LYS B 1 40 ? 46.704  -8.733  -30.259 1.00 184.99 ? 343 LYS F O   1 
ATOM   876  C CB  . LYS B 1 40 ? 49.562  -8.165  -31.217 1.00 184.99 ? 343 LYS F CB  1 
ATOM   877  C CG  . LYS B 1 40 ? 51.065  -8.159  -31.397 1.00 184.99 ? 343 LYS F CG  1 
ATOM   878  C CD  . LYS B 1 40 ? 51.503  -7.064  -32.358 1.00 184.99 ? 343 LYS F CD  1 
ATOM   879  C CE  . LYS B 1 40 ? 53.007  -7.079  -32.547 1.00 184.99 ? 343 LYS F CE  1 
ATOM   880  N NZ  . LYS B 1 40 ? 53.482  -8.398  -33.040 1.00 184.99 ? 343 LYS F NZ  1 
ATOM   881  N N   . LEU B 1 41 ? 47.721  -7.900  -28.418 1.00 184.80 ? 344 LEU F N   1 
ATOM   882  C CA  . LEU B 1 41 ? 46.500  -7.408  -27.775 1.00 184.80 ? 344 LEU F CA  1 
ATOM   883  C C   . LEU B 1 41 ? 46.799  -6.031  -27.193 1.00 184.80 ? 344 LEU F C   1 
ATOM   884  O O   . LEU B 1 41 ? 47.306  -5.931  -26.073 1.00 184.80 ? 344 LEU F O   1 
ATOM   885  C CB  . LEU B 1 41 ? 46.020  -8.360  -26.685 1.00 184.80 ? 344 LEU F CB  1 
ATOM   886  C CG  . LEU B 1 41 ? 45.693  -9.818  -27.001 1.00 184.80 ? 344 LEU F CG  1 
ATOM   887  C CD1 . LEU B 1 41 ? 46.875  -10.725 -26.725 1.00 184.80 ? 344 LEU F CD1 1 
ATOM   888  C CD2 . LEU B 1 41 ? 44.493  -10.260 -26.190 1.00 184.80 ? 344 LEU F CD2 1 
ATOM   889  N N   . ASP B 1 42 ? 46.487  -4.976  -27.937 1.00 190.42 ? 345 ASP F N   1 
ATOM   890  C CA  . ASP B 1 42 ? 46.729  -3.612  -27.476 1.00 190.42 ? 345 ASP F CA  1 
ATOM   891  C C   . ASP B 1 42 ? 45.377  -2.993  -27.139 1.00 190.42 ? 345 ASP F C   1 
ATOM   892  O O   . ASP B 1 42 ? 44.539  -2.795  -28.024 1.00 190.42 ? 345 ASP F O   1 
ATOM   893  C CB  . ASP B 1 42 ? 47.472  -2.801  -28.527 1.00 190.42 ? 345 ASP F CB  1 
ATOM   894  C CG  . ASP B 1 42 ? 48.060  -1.534  -27.962 1.00 190.42 ? 345 ASP F CG  1 
ATOM   895  O OD1 . ASP B 1 42 ? 49.186  -1.589  -27.418 1.00 190.42 ? 345 ASP F OD1 1 
ATOM   896  O OD2 . ASP B 1 42 ? 47.393  -0.482  -28.053 1.00 190.42 ? 345 ASP F OD2 1 
ATOM   897  N N   . PHE B 1 43 ? 45.170  -2.679  -25.866 1.00 191.93 ? 346 PHE F N   1 
ATOM   898  C CA  . PHE B 1 43 ? 43.916  -2.128  -25.372 1.00 191.93 ? 346 PHE F CA  1 
ATOM   899  C C   . PHE B 1 43 ? 44.183  -0.800  -24.683 1.00 191.93 ? 346 PHE F C   1 
ATOM   900  O O   . PHE B 1 43 ? 45.184  -0.661  -23.971 1.00 191.93 ? 346 PHE F O   1 
ATOM   901  C CB  . PHE B 1 43 ? 43.254  -3.089  -24.386 1.00 191.93 ? 346 PHE F CB  1 
ATOM   902  C CG  . PHE B 1 43 ? 42.961  -4.438  -24.957 1.00 191.93 ? 346 PHE F CG  1 
ATOM   903  C CD1 . PHE B 1 43 ? 42.403  -4.565  -26.216 1.00 191.93 ? 346 PHE F CD1 1 
ATOM   904  C CD2 . PHE B 1 43 ? 43.247  -5.582  -24.235 1.00 191.93 ? 346 PHE F CD2 1 
ATOM   905  C CE1 . PHE B 1 43 ? 42.132  -5.811  -26.741 1.00 191.93 ? 346 PHE F CE1 1 
ATOM   906  C CE2 . PHE B 1 43 ? 42.977  -6.828  -24.753 1.00 191.93 ? 346 PHE F CE2 1 
ATOM   907  C CZ  . PHE B 1 43 ? 42.421  -6.944  -26.005 1.00 191.93 ? 346 PHE F CZ  1 
ATOM   908  N N   . LYS B 1 44 ? 43.273  0.155   -24.862 1.00 196.22 ? 347 LYS F N   1 
ATOM   909  C CA  . LYS B 1 44 ? 43.398  1.473   -24.260 1.00 196.22 ? 347 LYS F CA  1 
ATOM   910  C C   . LYS B 1 44 ? 42.031  2.135   -24.165 1.00 196.22 ? 347 LYS F C   1 
ATOM   911  O O   . LYS B 1 44 ? 41.100  1.757   -24.882 1.00 196.22 ? 347 LYS F O   1 
ATOM   912  C CB  . LYS B 1 44 ? 44.330  2.384   -25.067 1.00 196.22 ? 347 LYS F CB  1 
ATOM   913  C CG  . LYS B 1 44 ? 45.753  2.466   -24.557 1.00 196.22 ? 347 LYS F CG  1 
ATOM   914  C CD  . LYS B 1 44 ? 46.551  3.494   -25.334 1.00 196.22 ? 347 LYS F CD  1 
ATOM   915  C CE  . LYS B 1 44 ? 46.682  3.096   -26.790 1.00 196.22 ? 347 LYS F CE  1 
ATOM   916  N NZ  . LYS B 1 44 ? 47.245  1.728   -26.919 1.00 196.22 ? 347 LYS F NZ  1 
ATOM   917  N N   . ASP B 1 45 ? 41.939  3.133   -23.277 1.00 202.57 ? 348 ASP F N   1 
ATOM   918  C CA  . ASP B 1 45 ? 40.887  4.156   -23.262 1.00 202.57 ? 348 ASP F CA  1 
ATOM   919  C C   . ASP B 1 45 ? 39.489  3.552   -23.077 1.00 202.57 ? 348 ASP F C   1 
ATOM   920  O O   . ASP B 1 45 ? 38.670  3.520   -24.001 1.00 202.57 ? 348 ASP F O   1 
ATOM   921  C CB  . ASP B 1 45 ? 40.948  5.013   -24.530 1.00 202.57 ? 348 ASP F CB  1 
ATOM   922  C CG  . ASP B 1 45 ? 41.443  6.416   -24.256 1.00 202.57 ? 348 ASP F CG  1 
ATOM   923  O OD1 . ASP B 1 45 ? 40.674  7.213   -23.675 1.00 202.57 ? 348 ASP F OD1 1 
ATOM   924  O OD2 . ASP B 1 45 ? 42.595  6.730   -24.619 1.00 202.57 ? 348 ASP F OD2 1 
ATOM   925  N N   . ARG B 1 46 ? 39.274  3.029   -21.861 1.00 202.40 ? 349 ARG F N   1 
ATOM   926  C CA  . ARG B 1 46 ? 37.958  2.585   -21.360 1.00 202.40 ? 349 ARG F CA  1 
ATOM   927  C C   . ARG B 1 46 ? 37.420  1.385   -22.141 1.00 202.40 ? 349 ARG F C   1 
ATOM   928  O O   . ARG B 1 46 ? 36.308  1.414   -22.668 1.00 202.40 ? 349 ARG F O   1 
ATOM   929  C CB  . ARG B 1 46 ? 36.921  3.718   -21.354 1.00 202.40 ? 349 ARG F CB  1 
ATOM   930  C CG  . ARG B 1 46 ? 37.306  4.945   -20.564 1.00 202.40 ? 349 ARG F CG  1 
ATOM   931  C CD  . ARG B 1 46 ? 36.307  6.060   -20.822 1.00 202.40 ? 349 ARG F CD  1 
ATOM   932  N NE  . ARG B 1 46 ? 36.247  6.997   -19.707 1.00 202.40 ? 349 ARG F NE  1 
ATOM   933  C CZ  . ARG B 1 46 ? 35.328  7.949   -19.584 1.00 202.40 ? 349 ARG F CZ  1 
ATOM   934  N NH1 . ARG B 1 46 ? 34.395  8.097   -20.513 1.00 202.40 ? 349 ARG F NH1 1 
ATOM   935  N NH2 . ARG B 1 46 ? 35.345  8.757   -18.531 1.00 202.40 ? 349 ARG F NH2 1 
ATOM   936  N N   . VAL B 1 47 ? 38.206  0.335   -22.211 1.00 196.00 ? 350 VAL F N   1 
ATOM   937  C CA  . VAL B 1 47 ? 37.756  -0.906  -22.827 1.00 196.00 ? 350 VAL F CA  1 
ATOM   938  C C   . VAL B 1 47 ? 37.713  -2.001  -21.776 1.00 196.00 ? 350 VAL F C   1 
ATOM   939  O O   . VAL B 1 47 ? 38.542  -2.041  -20.860 1.00 196.00 ? 350 VAL F O   1 
ATOM   940  C CB  . VAL B 1 47 ? 38.660  -1.298  -24.007 1.00 196.00 ? 350 VAL F CB  1 
ATOM   941  C CG1 . VAL B 1 47 ? 38.355  -0.430  -25.210 1.00 196.00 ? 350 VAL F CG1 1 
ATOM   942  C CG2 . VAL B 1 47 ? 40.116  -1.161  -23.620 1.00 196.00 ? 350 VAL F CG2 1 
ATOM   943  N N   . GLN B 1 48 ? 36.753  -2.915  -21.946 1.00 179.90 ? 351 GLN F N   1 
ATOM   944  C CA  . GLN B 1 48 ? 36.567  -4.079  -21.038 1.00 179.90 ? 351 GLN F CA  1 
ATOM   945  C C   . GLN B 1 48 ? 35.955  -5.225  -21.850 1.00 179.90 ? 351 GLN F C   1 
ATOM   946  O O   . GLN B 1 48 ? 34.778  -5.102  -22.239 1.00 179.90 ? 351 GLN F O   1 
ATOM   947  C CB  . GLN B 1 48 ? 35.656  -3.704  -19.870 1.00 179.90 ? 351 GLN F CB  1 
ATOM   948  C CG  . GLN B 1 48 ? 35.030  -4.909  -19.181 1.00 179.90 ? 351 GLN F CG  1 
ATOM   949  C CD  . GLN B 1 48 ? 33.689  -5.274  -19.768 1.00 179.90 ? 351 GLN F CD  1 
ATOM   950  O OE1 . GLN B 1 48 ? 32.657  -4.718  -19.400 1.00 179.90 ? 351 GLN F OE1 1 
ATOM   951  N NE2 . GLN B 1 48 ? 33.695  -6.221  -20.692 1.00 179.90 ? 351 GLN F NE2 1 
ATOM   952  N N   . SER B 1 49 ? 36.719  -6.294  -22.087 1.00 168.96 ? 352 SER F N   1 
ATOM   953  C CA  . SER B 1 49 ? 36.219  -7.402  -22.880 1.00 168.96 ? 352 SER F CA  1 
ATOM   954  C C   . SER B 1 49 ? 36.474  -8.703  -22.140 1.00 168.96 ? 352 SER F C   1 
ATOM   955  O O   . SER B 1 49 ? 36.910  -8.718  -20.987 1.00 168.96 ? 352 SER F O   1 
ATOM   956  C CB  . SER B 1 49 ? 36.877  -7.445  -24.258 1.00 168.96 ? 352 SER F CB  1 
ATOM   957  O OG  . SER B 1 49 ? 38.184  -7.978  -24.162 1.00 168.96 ? 352 SER F OG  1 
ATOM   958  N N   . LYS B 1 50 ? 36.199  -9.806  -22.826 1.00 159.21 ? 353 LYS F N   1 
ATOM   959  C CA  . LYS B 1 50 ? 36.421  -11.137 -22.280 1.00 159.21 ? 353 LYS F CA  1 
ATOM   960  C C   . LYS B 1 50 ? 36.815  -12.042 -23.433 1.00 159.21 ? 353 LYS F C   1 
ATOM   961  O O   . LYS B 1 50 ? 36.116  -12.078 -24.449 1.00 159.21 ? 353 LYS F O   1 
ATOM   962  C CB  . LYS B 1 50 ? 35.168  -11.654 -21.577 1.00 159.21 ? 353 LYS F CB  1 
ATOM   963  C CG  . LYS B 1 50 ? 35.116  -13.160 -21.427 1.00 159.21 ? 353 LYS F CG  1 
ATOM   964  C CD  . LYS B 1 50 ? 33.695  -13.643 -21.227 1.00 159.21 ? 353 LYS F CD  1 
ATOM   965  C CE  . LYS B 1 50 ? 33.161  -13.267 -19.862 1.00 159.21 ? 353 LYS F CE  1 
ATOM   966  N NZ  . LYS B 1 50 ? 31.854  -13.933 -19.612 1.00 159.21 ? 353 LYS F NZ  1 
ATOM   967  N N   . ILE B 1 51 ? 37.922  -12.763 -23.284 1.00 156.59 ? 354 ILE F N   1 
ATOM   968  C CA  . ILE B 1 51 ? 38.490  -13.566 -24.361 1.00 156.59 ? 354 ILE F CA  1 
ATOM   969  C C   . ILE B 1 51 ? 38.539  -15.004 -23.863 1.00 156.59 ? 354 ILE F C   1 
ATOM   970  O O   . ILE B 1 51 ? 39.472  -15.397 -23.153 1.00 156.59 ? 354 ILE F O   1 
ATOM   971  C CB  . ILE B 1 51 ? 39.879  -13.078 -24.794 1.00 156.59 ? 354 ILE F CB  1 
ATOM   972  C CG1 . ILE B 1 51 ? 39.835  -11.633 -25.294 1.00 156.59 ? 354 ILE F CG1 1 
ATOM   973  C CG2 . ILE B 1 51 ? 40.431  -13.947 -25.908 1.00 156.59 ? 354 ILE F CG2 1 
ATOM   974  C CD1 . ILE B 1 51 ? 40.227  -10.590 -24.263 1.00 156.59 ? 354 ILE F CD1 1 
ATOM   975  N N   . GLY B 1 52 ? 37.514  -15.783 -24.188 1.00 150.88 ? 355 GLY F N   1 
ATOM   976  C CA  . GLY B 1 52 ? 37.562  -17.211 -23.953 1.00 150.88 ? 355 GLY F CA  1 
ATOM   977  C C   . GLY B 1 52 ? 36.999  -17.595 -22.606 1.00 150.88 ? 355 GLY F C   1 
ATOM   978  O O   . GLY B 1 52 ? 37.636  -17.345 -21.581 1.00 150.88 ? 355 GLY F O   1 
ATOM   979  N N   . SER B 1 53 ? 35.830  -18.226 -22.588 1.00 146.01 ? 356 SER F N   1 
ATOM   980  C CA  . SER B 1 53 ? 35.176  -18.558 -21.331 1.00 146.01 ? 356 SER F CA  1 
ATOM   981  C C   . SER B 1 53 ? 34.167  -19.668 -21.567 1.00 146.01 ? 356 SER F C   1 
ATOM   982  O O   . SER B 1 53 ? 33.855  -20.023 -22.704 1.00 146.01 ? 356 SER F O   1 
ATOM   983  C CB  . SER B 1 53 ? 34.484  -17.338 -20.720 1.00 146.01 ? 356 SER F CB  1 
ATOM   984  O OG  . SER B 1 53 ? 33.376  -16.944 -21.506 1.00 146.01 ? 356 SER F OG  1 
ATOM   985  N N   . LEU B 1 54 ? 33.646  -20.193 -20.467 1.00 139.24 ? 357 LEU F N   1 
ATOM   986  C CA  . LEU B 1 54 ? 32.623  -21.227 -20.502 1.00 139.24 ? 357 LEU F CA  1 
ATOM   987  C C   . LEU B 1 54 ? 31.898  -21.181 -19.169 1.00 139.24 ? 357 LEU F C   1 
ATOM   988  O O   . LEU B 1 54 ? 32.528  -21.355 -18.123 1.00 139.24 ? 357 LEU F O   1 
ATOM   989  C CB  . LEU B 1 54 ? 33.238  -22.601 -20.747 1.00 139.24 ? 357 LEU F CB  1 
ATOM   990  C CG  . LEU B 1 54 ? 32.368  -23.808 -20.412 1.00 139.24 ? 357 LEU F CG  1 
ATOM   991  C CD1 . LEU B 1 54 ? 31.206  -23.907 -21.374 1.00 139.24 ? 357 LEU F CD1 1 
ATOM   992  C CD2 . LEU B 1 54 ? 33.192  -25.075 -20.448 1.00 139.24 ? 357 LEU F CD2 1 
ATOM   993  N N   . ASP B 1 55 ? 30.593  -20.933 -19.201 1.00 137.43 ? 358 ASP F N   1 
ATOM   994  C CA  . ASP B 1 55 ? 29.812  -20.690 -17.995 1.00 137.43 ? 358 ASP F CA  1 
ATOM   995  C C   . ASP B 1 55 ? 28.614  -21.621 -17.960 1.00 137.43 ? 358 ASP F C   1 
ATOM   996  O O   . ASP B 1 55 ? 27.940  -21.801 -18.976 1.00 137.43 ? 358 ASP F O   1 
ATOM   997  C CB  . ASP B 1 55 ? 29.324  -19.240 -17.933 1.00 137.43 ? 358 ASP F CB  1 
ATOM   998  C CG  . ASP B 1 55 ? 30.433  -18.233 -18.167 1.00 137.43 ? 358 ASP F CG  1 
ATOM   999  O OD1 . ASP B 1 55 ? 31.578  -18.480 -17.741 1.00 137.43 ? 358 ASP F OD1 1 
ATOM   1000 O OD2 . ASP B 1 55 ? 30.157  -17.183 -18.782 1.00 137.43 ? 358 ASP F OD2 1 
ATOM   1001 N N   . ASN B 1 56 ? 28.352  -22.211 -16.803 1.00 131.21 ? 359 ASN F N   1 
ATOM   1002 C CA  . ASN B 1 56 ? 27.112  -22.941 -16.563 1.00 131.21 ? 359 ASN F CA  1 
ATOM   1003 C C   . ASN B 1 56 ? 26.390  -22.236 -15.423 1.00 131.21 ? 359 ASN F C   1 
ATOM   1004 O O   . ASN B 1 56 ? 26.481  -22.660 -14.269 1.00 131.21 ? 359 ASN F O   1 
ATOM   1005 C CB  . ASN B 1 56 ? 27.366  -24.404 -16.217 1.00 131.21 ? 359 ASN F CB  1 
ATOM   1006 C CG  . ASN B 1 56 ? 28.116  -25.146 -17.298 1.00 131.21 ? 359 ASN F CG  1 
ATOM   1007 O OD1 . ASN B 1 56 ? 28.327  -24.635 -18.393 1.00 131.21 ? 359 ASN F OD1 1 
ATOM   1008 N ND2 . ASN B 1 56 ? 28.500  -26.381 -16.998 1.00 131.21 ? 359 ASN F ND2 1 
ATOM   1009 N N   . ILE B 1 57 ? 25.656  -21.178 -15.745 1.00 128.38 ? 360 ILE F N   1 
ATOM   1010 C CA  . ILE B 1 57 ? 24.949  -20.381 -14.752 1.00 128.38 ? 360 ILE F CA  1 
ATOM   1011 C C   . ILE B 1 57 ? 23.567  -20.974 -14.538 1.00 128.38 ? 360 ILE F C   1 
ATOM   1012 O O   . ILE B 1 57 ? 22.818  -21.184 -15.498 1.00 128.38 ? 360 ILE F O   1 
ATOM   1013 C CB  . ILE B 1 57 ? 24.857  -18.911 -15.189 1.00 128.38 ? 360 ILE F CB  1 
ATOM   1014 C CG1 . ILE B 1 57 ? 26.250  -18.294 -15.232 1.00 128.38 ? 360 ILE F CG1 1 
ATOM   1015 C CG2 . ILE B 1 57 ? 23.960  -18.128 -14.252 1.00 128.38 ? 360 ILE F CG2 1 
ATOM   1016 C CD1 . ILE B 1 57 ? 26.257  -16.831 -15.595 1.00 128.38 ? 360 ILE F CD1 1 
ATOM   1017 N N   . THR B 1 58 ? 23.233  -21.254 -13.285 1.00 124.52 ? 361 THR F N   1 
ATOM   1018 C CA  . THR B 1 58 ? 21.906  -21.717 -12.897 1.00 124.52 ? 361 THR F CA  1 
ATOM   1019 C C   . THR B 1 58 ? 21.348  -20.705 -11.909 1.00 124.52 ? 361 THR F C   1 
ATOM   1020 O O   . THR B 1 58 ? 21.696  -20.723 -10.727 1.00 124.52 ? 361 THR F O   1 
ATOM   1021 C CB  . THR B 1 58 ? 21.968  -23.105 -12.290 1.00 124.52 ? 361 THR F CB  1 
ATOM   1022 O OG1 . THR B 1 58 ? 22.615  -23.987 -13.212 1.00 124.52 ? 361 THR F OG1 1 
ATOM   1023 C CG2 . THR B 1 58 ? 20.577  -23.613 -12.004 1.00 124.52 ? 361 THR F CG2 1 
ATOM   1024 N N   . HIS B 1 59 ? 20.489  -19.823 -12.389 1.00 121.26 ? 362 HIS F N   1 
ATOM   1025 C CA  . HIS B 1 59 ? 19.959  -18.721 -11.597 1.00 121.26 ? 362 HIS F CA  1 
ATOM   1026 C C   . HIS B 1 59 ? 18.484  -18.993 -11.350 1.00 121.26 ? 362 HIS F C   1 
ATOM   1027 O O   . HIS B 1 59 ? 17.640  -18.692 -12.196 1.00 121.26 ? 362 HIS F O   1 
ATOM   1028 C CB  . HIS B 1 59 ? 20.174  -17.402 -12.323 1.00 121.26 ? 362 HIS F CB  1 
ATOM   1029 C CG  . HIS B 1 59 ? 19.743  -16.204 -11.543 1.00 121.26 ? 362 HIS F CG  1 
ATOM   1030 N ND1 . HIS B 1 59 ? 19.549  -14.973 -12.127 1.00 121.26 ? 362 HIS F ND1 1 
ATOM   1031 C CD2 . HIS B 1 59 ? 19.478  -16.043 -10.228 1.00 121.26 ? 362 HIS F CD2 1 
ATOM   1032 C CE1 . HIS B 1 59 ? 19.179  -14.105 -11.205 1.00 121.26 ? 362 HIS F CE1 1 
ATOM   1033 N NE2 . HIS B 1 59 ? 19.127  -14.728 -10.043 1.00 121.26 ? 362 HIS F NE2 1 
ATOM   1034 N N   . VAL B 1 60 ? 18.176  -19.565 -10.190 1.00 120.61 ? 363 VAL F N   1 
ATOM   1035 C CA  . VAL B 1 60 ? 16.802  -19.894 -9.824  1.00 120.61 ? 363 VAL F CA  1 
ATOM   1036 C C   . VAL B 1 60 ? 16.404  -19.099 -8.588  1.00 120.61 ? 363 VAL F C   1 
ATOM   1037 O O   . VAL B 1 60 ? 16.589  -19.582 -7.464  1.00 120.61 ? 363 VAL F O   1 
ATOM   1038 C CB  . VAL B 1 60 ? 16.635  -21.397 -9.563  1.00 120.61 ? 363 VAL F CB  1 
ATOM   1039 C CG1 . VAL B 1 60 ? 15.171  -21.756 -9.460  1.00 120.61 ? 363 VAL F CG1 1 
ATOM   1040 C CG2 . VAL B 1 60 ? 17.294  -22.203 -10.651 1.00 120.61 ? 363 VAL F CG2 1 
ATOM   1041 N N   . PRO B 1 61 ? 15.873  -17.892 -8.728  1.00 125.06 ? 364 PRO F N   1 
ATOM   1042 C CA  . PRO B 1 61 ? 15.343  -17.186 -7.564  1.00 125.06 ? 364 PRO F CA  1 
ATOM   1043 C C   . PRO B 1 61 ? 13.893  -17.543 -7.299  1.00 125.06 ? 364 PRO F C   1 
ATOM   1044 O O   . PRO B 1 61 ? 13.120  -17.858 -8.203  1.00 125.06 ? 364 PRO F O   1 
ATOM   1045 C CB  . PRO B 1 61 ? 15.479  -15.715 -7.971  1.00 125.06 ? 364 PRO F CB  1 
ATOM   1046 C CG  . PRO B 1 61 ? 15.312  -15.736 -9.427  1.00 125.06 ? 364 PRO F CG  1 
ATOM   1047 C CD  . PRO B 1 61 ? 15.900  -17.030 -9.918  1.00 125.06 ? 364 PRO F CD  1 
ATOM   1048 N N   . GLY B 1 62 ? 13.527  -17.496 -6.024  1.00 128.75 ? 365 GLY F N   1 
ATOM   1049 C CA  . GLY B 1 62 ? 12.145  -17.695 -5.642  1.00 128.75 ? 365 GLY F CA  1 
ATOM   1050 C C   . GLY B 1 62 ? 11.377  -16.393 -5.683  1.00 128.75 ? 365 GLY F C   1 
ATOM   1051 O O   . GLY B 1 62 ? 10.904  -15.905 -4.655  1.00 128.75 ? 365 GLY F O   1 
ATOM   1052 N N   . GLY B 1 63 ? 11.239  -15.827 -6.873  1.00 129.16 ? 366 GLY F N   1 
ATOM   1053 C CA  . GLY B 1 63 ? 10.736  -14.481 -7.021  1.00 129.16 ? 366 GLY F CA  1 
ATOM   1054 C C   . GLY B 1 63 ? 11.881  -13.543 -7.316  1.00 129.16 ? 366 GLY F C   1 
ATOM   1055 O O   . GLY B 1 63 ? 12.601  -13.125 -6.407  1.00 129.16 ? 366 GLY F O   1 
ATOM   1056 N N   . GLY B 1 64 ? 12.066  -13.213 -8.585  1.00 129.35 ? 367 GLY F N   1 
ATOM   1057 C CA  . GLY B 1 64 ? 13.176  -12.382 -8.996  1.00 129.35 ? 367 GLY F CA  1 
ATOM   1058 C C   . GLY B 1 64 ? 12.704  -11.039 -9.496  1.00 129.35 ? 367 GLY F C   1 
ATOM   1059 O O   . GLY B 1 64 ? 13.177  -10.548 -10.522 1.00 129.35 ? 367 GLY F O   1 
ATOM   1060 N N   . ASN B 1 65 ? 11.752  -10.449 -8.783  1.00 128.01 ? 368 ASN F N   1 
ATOM   1061 C CA  . ASN B 1 65 ? 11.147  -9.205  -9.220  1.00 128.01 ? 368 ASN F CA  1 
ATOM   1062 C C   . ASN B 1 65 ? 12.114  -8.041  -9.067  1.00 128.01 ? 368 ASN F C   1 
ATOM   1063 O O   . ASN B 1 65 ? 12.891  -7.967  -8.116  1.00 128.01 ? 368 ASN F O   1 
ATOM   1064 C CB  . ASN B 1 65 ? 9.882   -8.932  -8.423  1.00 128.01 ? 368 ASN F CB  1 
ATOM   1065 C CG  . ASN B 1 65 ? 9.013   -10.151 -8.294  1.00 128.01 ? 368 ASN F CG  1 
ATOM   1066 O OD1 . ASN B 1 65 ? 8.494   -10.659 -9.282  1.00 128.01 ? 368 ASN F OD1 1 
ATOM   1067 N ND2 . ASN B 1 65 ? 8.855   -10.636 -7.075  1.00 128.01 ? 368 ASN F ND2 1 
ATOM   1068 N N   . LYS B 1 66 ? 12.059  -7.128  -10.028 1.00 120.79 ? 369 LYS F N   1 
ATOM   1069 C CA  . LYS B 1 66 ? 12.859  -5.918  -10.008 1.00 120.79 ? 369 LYS F CA  1 
ATOM   1070 C C   . LYS B 1 66 ? 11.946  -4.714  -10.112 1.00 120.79 ? 369 LYS F C   1 
ATOM   1071 O O   . LYS B 1 66 ? 10.870  -4.783  -10.705 1.00 120.79 ? 369 LYS F O   1 
ATOM   1072 C CB  . LYS B 1 66 ? 13.854  -5.866  -11.163 1.00 120.79 ? 369 LYS F CB  1 
ATOM   1073 C CG  . LYS B 1 66 ? 14.880  -6.964  -11.179 1.00 120.79 ? 369 LYS F CG  1 
ATOM   1074 C CD  . LYS B 1 66 ? 15.928  -6.671  -12.232 1.00 120.79 ? 369 LYS F CD  1 
ATOM   1075 C CE  . LYS B 1 66 ? 16.818  -7.870  -12.476 1.00 120.79 ? 369 LYS F CE  1 
ATOM   1076 N NZ  . LYS B 1 66 ? 17.903  -7.554  -13.443 1.00 120.79 ? 369 LYS F NZ  1 
ATOM   1077 N N   . LYS B 1 67 ? 12.387  -3.607  -9.534  1.00 113.42 ? 370 LYS F N   1 
ATOM   1078 C CA  . LYS B 1 67 ? 11.762  -2.316  -9.772  1.00 113.42 ? 370 LYS F CA  1 
ATOM   1079 C C   . LYS B 1 67 ? 12.866  -1.283  -9.838  1.00 113.42 ? 370 LYS F C   1 
ATOM   1080 O O   . LYS B 1 67 ? 13.586  -1.079  -8.858  1.00 113.42 ? 370 LYS F O   1 
ATOM   1081 C CB  . LYS B 1 67 ? 10.755  -1.950  -8.687  1.00 113.42 ? 370 LYS F CB  1 
ATOM   1082 C CG  . LYS B 1 67 ? 10.331  -0.503  -8.784  1.00 113.42 ? 370 LYS F CG  1 
ATOM   1083 C CD  . LYS B 1 67 ? 9.123   -0.197  -7.941  1.00 113.42 ? 370 LYS F CD  1 
ATOM   1084 C CE  . LYS B 1 67 ? 8.595   1.182   -8.282  1.00 113.42 ? 370 LYS F CE  1 
ATOM   1085 N NZ  . LYS B 1 67 ? 7.604   1.671   -7.290  1.00 113.42 ? 370 LYS F NZ  1 
ATOM   1086 N N   . ILE B 1 68 ? 13.006  -0.649  -10.990 1.00 107.65 ? 371 ILE F N   1 
ATOM   1087 C CA  . ILE B 1 68 ? 14.058  0.322   -11.229 1.00 107.65 ? 371 ILE F CA  1 
ATOM   1088 C C   . ILE B 1 68 ? 13.384  1.652   -11.498 1.00 107.65 ? 371 ILE F C   1 
ATOM   1089 O O   . ILE B 1 68 ? 12.805  1.853   -12.571 1.00 107.65 ? 371 ILE F O   1 
ATOM   1090 C CB  . ILE B 1 68 ? 14.955  -0.086  -12.401 1.00 107.65 ? 371 ILE F CB  1 
ATOM   1091 C CG1 . ILE B 1 68 ? 15.569  -1.458  -12.135 1.00 107.65 ? 371 ILE F CG1 1 
ATOM   1092 C CG2 . ILE B 1 68 ? 16.022  0.958   -12.634 1.00 107.65 ? 371 ILE F CG2 1 
ATOM   1093 C CD1 . ILE B 1 68 ? 16.542  -1.906  -13.191 1.00 107.65 ? 371 ILE F CD1 1 
ATOM   1094 N N   . GLU B 1 69 ? 13.438  2.555   -10.531 1.00 110.84 ? 372 GLU F N   1 
ATOM   1095 C CA  . GLU B 1 69 ? 12.965  3.909   -10.739 1.00 110.84 ? 372 GLU F CA  1 
ATOM   1096 C C   . GLU B 1 69 ? 14.137  4.851   -10.931 1.00 110.84 ? 372 GLU F C   1 
ATOM   1097 O O   . GLU B 1 69 ? 15.269  4.549   -10.550 1.00 110.84 ? 372 GLU F O   1 
ATOM   1098 C CB  . GLU B 1 69 ? 12.111  4.404   -9.580  1.00 110.84 ? 372 GLU F CB  1 
ATOM   1099 C CG  . GLU B 1 69 ? 10.697  4.718   -10.003 1.00 110.84 ? 372 GLU F CG  1 
ATOM   1100 C CD  . GLU B 1 69 ? 9.867   5.313   -8.898  1.00 110.84 ? 372 GLU F CD  1 
ATOM   1101 O OE1 . GLU B 1 69 ? 9.396   6.455   -9.064  1.00 110.84 ? 372 GLU F OE1 1 
ATOM   1102 O OE2 . GLU B 1 69 ? 9.659   4.638   -7.875  1.00 110.84 ? 372 GLU F OE2 1 
ATOM   1103 N N   . THR B 1 70 ? 13.849  6.001   -11.528 1.00 111.31 ? 373 THR F N   1 
ATOM   1104 C CA  . THR B 1 70 ? 14.867  7.017   -11.766 1.00 111.31 ? 373 THR F CA  1 
ATOM   1105 C C   . THR B 1 70 ? 14.171  8.366   -11.792 1.00 111.31 ? 373 THR F C   1 
ATOM   1106 O O   . THR B 1 70 ? 13.382  8.639   -12.698 1.00 111.31 ? 373 THR F O   1 
ATOM   1107 C CB  . THR B 1 70 ? 15.615  6.767   -13.069 1.00 111.31 ? 373 THR F CB  1 
ATOM   1108 O OG1 . THR B 1 70 ? 16.374  5.558   -12.969 1.00 111.31 ? 373 THR F OG1 1 
ATOM   1109 C CG2 . THR B 1 70 ? 16.558  7.917   -13.362 1.00 111.31 ? 373 THR F CG2 1 
ATOM   1110 N N   . HIS B 1 71 ? 14.449  9.196   -10.801 1.00 107.82 ? 374 HIS F N   1 
ATOM   1111 C CA  . HIS B 1 71 ? 13.944  10.556  -10.767 1.00 107.82 ? 374 HIS F CA  1 
ATOM   1112 C C   . HIS B 1 71 ? 15.092  11.511  -11.036 1.00 107.82 ? 374 HIS F C   1 
ATOM   1113 O O   . HIS B 1 71 ? 16.064  11.548  -10.277 1.00 107.82 ? 374 HIS F O   1 
ATOM   1114 C CB  . HIS B 1 71 ? 13.307  10.861  -9.419  1.00 107.82 ? 374 HIS F CB  1 
ATOM   1115 C CG  . HIS B 1 71 ? 12.104  10.028  -9.126  1.00 107.82 ? 374 HIS F CG  1 
ATOM   1116 N ND1 . HIS B 1 71 ? 10.820  10.495  -9.300  1.00 107.82 ? 374 HIS F ND1 1 
ATOM   1117 C CD2 . HIS B 1 71 ? 11.985  8.759   -8.678  1.00 107.82 ? 374 HIS F CD2 1 
ATOM   1118 C CE1 . HIS B 1 71 ? 9.962   9.550   -8.967  1.00 107.82 ? 374 HIS F CE1 1 
ATOM   1119 N NE2 . HIS B 1 71 ? 10.643  8.486   -8.584  1.00 107.82 ? 374 HIS F NE2 1 
ATOM   1120 N N   . LYS B 1 72 ? 14.978  12.283  -12.109 1.00 102.21 ? 375 LYS F N   1 
ATOM   1121 C CA  . LYS B 1 72 ? 16.046  13.182  -12.513 1.00 102.21 ? 375 LYS F CA  1 
ATOM   1122 C C   . LYS B 1 72 ? 15.457  14.553  -12.779 1.00 102.21 ? 375 LYS F C   1 
ATOM   1123 O O   . LYS B 1 72 ? 14.607  14.704  -13.658 1.00 102.21 ? 375 LYS F O   1 
ATOM   1124 C CB  . LYS B 1 72 ? 16.765  12.660  -13.755 1.00 102.21 ? 375 LYS F CB  1 
ATOM   1125 C CG  . LYS B 1 72 ? 17.711  13.660  -14.370 1.00 102.21 ? 375 LYS F CG  1 
ATOM   1126 C CD  . LYS B 1 72 ? 18.816  12.965  -15.138 1.00 102.21 ? 375 LYS F CD  1 
ATOM   1127 C CE  . LYS B 1 72 ? 20.028  13.864  -15.269 1.00 102.21 ? 375 LYS F CE  1 
ATOM   1128 N NZ  . LYS B 1 72 ? 21.247  13.101  -15.653 1.00 102.21 ? 375 LYS F NZ  1 
ATOM   1129 N N   . LEU B 1 73 ? 15.908  15.547  -12.025 1.00 103.21 ? 376 LEU F N   1 
ATOM   1130 C CA  . LEU B 1 73 ? 15.459  16.922  -12.186 1.00 103.21 ? 376 LEU F CA  1 
ATOM   1131 C C   . LEU B 1 73 ? 16.677  17.775  -12.503 1.00 103.21 ? 376 LEU F C   1 
ATOM   1132 O O   . LEU B 1 73 ? 17.507  18.028  -11.626 1.00 103.21 ? 376 LEU F O   1 
ATOM   1133 C CB  . LEU B 1 73 ? 14.749  17.416  -10.932 1.00 103.21 ? 376 LEU F CB  1 
ATOM   1134 C CG  . LEU B 1 73 ? 14.350  18.888  -10.908 1.00 103.21 ? 376 LEU F CG  1 
ATOM   1135 C CD1 . LEU B 1 73 ? 13.425  19.210  -12.054 1.00 103.21 ? 376 LEU F CD1 1 
ATOM   1136 C CD2 . LEU B 1 73 ? 13.684  19.219  -9.596  1.00 103.21 ? 376 LEU F CD2 1 
ATOM   1137 N N   . THR B 1 74 ? 16.790  18.205  -13.750 1.00 109.47 ? 377 THR F N   1 
ATOM   1138 C CA  . THR B 1 74 ? 17.906  19.021  -14.194 1.00 109.47 ? 377 THR F CA  1 
ATOM   1139 C C   . THR B 1 74 ? 17.440  20.456  -14.358 1.00 109.47 ? 377 THR F C   1 
ATOM   1140 O O   . THR B 1 74 ? 16.434  20.714  -15.023 1.00 109.47 ? 377 THR F O   1 
ATOM   1141 C CB  . THR B 1 74 ? 18.470  18.493  -15.511 1.00 109.47 ? 377 THR F CB  1 
ATOM   1142 O OG1 . THR B 1 74 ? 18.832  17.119  -15.352 1.00 109.47 ? 377 THR F OG1 1 
ATOM   1143 C CG2 . THR B 1 74 ? 19.694  19.283  -15.924 1.00 109.47 ? 377 THR F CG2 1 
ATOM   1144 N N   . PHE B 1 75 ? 18.165  21.385  -13.751 1.00 118.27 ? 378 PHE F N   1 
ATOM   1145 C CA  . PHE B 1 75 ? 17.846  22.800  -13.840 1.00 118.27 ? 378 PHE F CA  1 
ATOM   1146 C C   . PHE B 1 75 ? 19.093  23.555  -14.262 1.00 118.27 ? 378 PHE F C   1 
ATOM   1147 O O   . PHE B 1 75 ? 20.148  23.412  -13.639 1.00 118.27 ? 378 PHE F O   1 
ATOM   1148 C CB  . PHE B 1 75 ? 17.328  23.326  -12.503 1.00 118.27 ? 378 PHE F CB  1 
ATOM   1149 C CG  . PHE B 1 75 ? 16.749  24.703  -12.577 1.00 118.27 ? 378 PHE F CG  1 
ATOM   1150 C CD1 . PHE B 1 75 ? 15.425  24.888  -12.915 1.00 118.27 ? 378 PHE F CD1 1 
ATOM   1151 C CD2 . PHE B 1 75 ? 17.526  25.813  -12.297 1.00 118.27 ? 378 PHE F CD2 1 
ATOM   1152 C CE1 . PHE B 1 75 ? 14.886  26.155  -12.982 1.00 118.27 ? 378 PHE F CE1 1 
ATOM   1153 C CE2 . PHE B 1 75 ? 16.996  27.080  -12.366 1.00 118.27 ? 378 PHE F CE2 1 
ATOM   1154 C CZ  . PHE B 1 75 ? 15.675  27.251  -12.706 1.00 118.27 ? 378 PHE F CZ  1 
ATOM   1155 N N   . ARG B 1 76 ? 18.971  24.361  -15.311 1.00 126.46 ? 379 ARG F N   1 
ATOM   1156 C CA  . ARG B 1 76 ? 20.069  25.189  -15.787 1.00 126.46 ? 379 ARG F CA  1 
ATOM   1157 C C   . ARG B 1 76 ? 19.602  26.630  -15.826 1.00 126.46 ? 379 ARG F C   1 
ATOM   1158 O O   . ARG B 1 76 ? 18.631  26.945  -16.523 1.00 126.46 ? 379 ARG F O   1 
ATOM   1159 C CB  . ARG B 1 76 ? 20.541  24.746  -17.172 1.00 126.46 ? 379 ARG F CB  1 
ATOM   1160 C CG  . ARG B 1 76 ? 20.990  23.308  -17.236 1.00 126.46 ? 379 ARG F CG  1 
ATOM   1161 C CD  . ARG B 1 76 ? 21.793  23.051  -18.490 1.00 126.46 ? 379 ARG F CD  1 
ATOM   1162 N NE  . ARG B 1 76 ? 22.174  21.650  -18.610 1.00 126.46 ? 379 ARG F NE  1 
ATOM   1163 C CZ  . ARG B 1 76 ? 23.053  21.190  -19.495 1.00 126.46 ? 379 ARG F CZ  1 
ATOM   1164 N NH1 . ARG B 1 76 ? 23.341  19.898  -19.535 1.00 126.46 ? 379 ARG F NH1 1 
ATOM   1165 N NH2 . ARG B 1 76 ? 23.644  22.024  -20.339 1.00 126.46 ? 379 ARG F NH2 1 
ATOM   1166 N N   . GLU B 1 77 ? 20.293  27.491  -15.078 1.00 130.64 ? 380 GLU F N   1 
ATOM   1167 C CA  . GLU B 1 77 ? 20.065  28.941  -15.013 1.00 130.64 ? 380 GLU F CA  1 
ATOM   1168 C C   . GLU B 1 77 ? 18.635  29.317  -14.633 1.00 130.64 ? 380 GLU F C   1 
ATOM   1169 O O   . GLU B 1 77 ? 18.333  30.487  -14.408 1.00 130.64 ? 380 GLU F O   1 
ATOM   1170 C CB  . GLU B 1 77 ? 20.445  29.604  -16.344 1.00 130.64 ? 380 GLU F CB  1 
ATOM   1171 C CG  . GLU B 1 77 ? 21.798  29.166  -16.885 1.00 130.64 ? 380 GLU F CG  1 
ATOM   1172 C CD  . GLU B 1 77 ? 22.070  29.689  -18.278 1.00 130.64 ? 380 GLU F CD  1 
ATOM   1173 O OE1 . GLU B 1 77 ? 21.714  30.854  -18.554 1.00 130.64 ? 380 GLU F OE1 1 
ATOM   1174 O OE2 . GLU B 1 77 ? 22.637  28.936  -19.097 1.00 130.64 ? 380 GLU F OE2 1 
HETATM 1175 N N   . GLY C 2 .  ? -5.132  -11.042 -2.328  1.00 113.50 ? 401 GLY E N   1 
HETATM 1176 C CA  . GLY C 2 .  ? -4.590  -9.745  -2.685  1.00 113.50 ? 401 GLY E CA  1 
HETATM 1177 C C   . GLY C 2 .  ? -4.033  -8.984  -1.500  1.00 113.50 ? 401 GLY E C   1 
HETATM 1178 O O   . GLY C 2 .  ? -3.510  -9.576  -0.558  1.00 113.50 ? 401 GLY E O   1 
HETATM 1179 N N   . GLY D 2 .  ? -4.146  -7.662  -1.550  1.00 117.36 ? 401 GLY F N   1 
HETATM 1180 C CA  . GLY D 2 .  ? -3.656  -6.815  -0.481  1.00 117.36 ? 401 GLY F CA  1 
HETATM 1181 C C   . GLY D 2 .  ? -3.461  -5.370  -0.897  1.00 117.36 ? 401 GLY F C   1 
HETATM 1182 O O   . GLY D 2 .  ? -2.394  -4.793  -0.688  1.00 117.36 ? 401 GLY F O   1 
# 
